data_2QKI
#
_entry.id   2QKI
#
_cell.length_a   85.809
_cell.length_b   124.754
_cell.length_c   127.367
_cell.angle_alpha   90.00
_cell.angle_beta   95.08
_cell.angle_gamma   90.00
#
_symmetry.space_group_name_H-M   'P 1 21 1'
#
loop_
_entity.id
_entity.type
_entity.pdbx_description
1 polymer 'Complement C3'
2 polymer 'Complement C3'
3 polymer 'Complement C3'
4 polymer compstatin
5 branched 2-acetamido-2-deoxy-beta-D-glucopyranose-(1-4)-2-acetamido-2-deoxy-beta-D-glucopyranose
6 non-polymer 'POTASSIUM ION'
7 non-polymer 'BROMIDE ION'
8 non-polymer GLYCEROL
9 water water
#
loop_
_entity_poly.entity_id
_entity_poly.type
_entity_poly.pdbx_seq_one_letter_code
_entity_poly.pdbx_strand_id
1 'polypeptide(L)'
;SPMYSIITPNILRLESEETMVLEAHDAQGDVPVTVTVHDFPGKKLVLSSEKTVLTPATNHMGNVTFTIPANREFKSEKGR
NKFVTVQATFGTQVVEKVVLVSLQSGYLFIQTDKTIYTPGSTVLYRIFTVNHKLLPVGRTVMVNIENPEGIPVKQDSLSS
QNQLGVLPLSWDIPELVNMGQWKIRAYYENSPQQVFSTEFEVKEYVLPSFEVIVEPTEKFYYIYNEKGLEVTITARFLYG
KKVEGTAFVIFGIQDGEQRISLPESLKRIPIEDGSGEVVLSRKVLLDGVQNLRAEDLVGKSLYVSATVILHSGSDMVQAE
RSGIPIVTSPYQIHFTKTPKYFKPGMPFDLMVFVTNPDGSPAYRVPVAVQGEDTVQSLTQGDGVAKLSINTHPSQKPLSI
TVRTKKQELSEAEQATRTMQALPYSTVGNSNNYLHLSVLRTELRPGETLNVNFLLRMDRAHEAKIRYYTYLIMNKGRLLK
AGRQVREPGQDLVVLPLSITTDFIPSFRLVAYYTLIGASGQREVVADSVWVDVKDSCVGSLVVKSGQSEDRQPVPGQQMT
LKIEGDHGARVVLVAVDKGVFVLNKKNKLTQSKIWDVVEKADIGCTPGSGKDYAGVFSDAGLTFTSSSGQQTAQRAELQC
PQP
;
A,D
2 'polypeptide(L)'
;SNLDEDIIAEENIVSRSEFPESWLWNVEDLKEPPKNGISTKLMNIFLKDSITTWEILAVSMSDKKGICVADPFEVTVMQD
FFIDLRLPYSVVRNEQVEIRAVLYNYRQNQELKVRVELLHNPAFCSLATTKRRHQQTVTIPPKSSLSVPYVIVPLKTGLQ
EVEVKAAVYHHFISDGVRKSLKVVPEGI
;
B,E
3 'polypeptide(L)'
;SEETKENEGFTVTAEGKGQGTLSVVTMYHAKAKDQLTCNKFDLKVTIKPAPETEKRPQDAKNTMILEICTRYRGDQDATM
SILDISMMTGFAPDTDDLKQLANGVDRYISKYELDKAFSDRNTLIIYLDKVSHSEDDCLAFKVHQYFNVELIQPGAVKVY
AYYNLEESCTRFYHPEKEDGKLNKLCRDELCRCAEENCFIQKSDDKVTLEERLDKACEPGVDYVYKTRLVKVQLSNDFDE
YIMAIEQTIKSGSDEVQVGQQRTFISPIKCREALKLEEKKHYLMWGLSSDFWGEKPNLSYIIGKDTWVEHWPEEDECQDE
ENQKQCQDLGAFTESMVVFGCPN
;
C,F
4 'polypeptide(L)' (ACE)ICVWQDWGAHRCT(NH2) G,H
#
loop_
_chem_comp.id
_chem_comp.type
_chem_comp.name
_chem_comp.formula
ACE non-polymer 'ACETYL GROUP' 'C2 H4 O'
BR non-polymer 'BROMIDE ION' 'Br -1'
GOL non-polymer GLYCEROL 'C3 H8 O3'
K non-polymer 'POTASSIUM ION' 'K 1'
NAG D-saccharide, beta linking 2-acetamido-2-deoxy-beta-D-glucopyranose 'C8 H15 N O6'
NH2 non-polymer 'AMINO GROUP' 'H2 N'
#
# COMPACT_ATOMS: atom_id res chain seq x y z
N PRO A 2 -10.56 47.65 -51.98
CA PRO A 2 -9.22 47.10 -52.19
C PRO A 2 -8.29 47.37 -51.00
N MET A 3 -8.40 46.52 -49.98
CA MET A 3 -7.61 46.63 -48.75
C MET A 3 -6.55 45.54 -48.71
N TYR A 4 -5.31 45.95 -48.47
CA TYR A 4 -4.20 45.00 -48.37
C TYR A 4 -3.63 44.96 -46.96
N SER A 5 -3.61 43.76 -46.39
CA SER A 5 -3.15 43.56 -45.01
C SER A 5 -1.85 42.75 -44.93
N ILE A 6 -1.13 42.95 -43.82
CA ILE A 6 0.10 42.22 -43.50
C ILE A 6 0.05 41.75 -42.03
N ILE A 7 0.42 40.49 -41.79
CA ILE A 7 0.49 39.93 -40.42
C ILE A 7 1.83 39.23 -40.12
N THR A 8 2.52 39.72 -39.10
CA THR A 8 3.74 39.09 -38.57
C THR A 8 3.67 39.08 -37.04
N PRO A 9 4.52 38.26 -36.40
CA PRO A 9 4.69 38.32 -34.94
C PRO A 9 5.05 39.71 -34.39
N ASN A 10 4.46 40.05 -33.25
CA ASN A 10 4.86 41.15 -32.35
C ASN A 10 6.37 41.33 -32.22
N ILE A 11 7.06 40.20 -32.08
CA ILE A 11 8.50 40.17 -31.85
C ILE A 11 9.12 39.21 -32.87
N LEU A 12 10.11 39.72 -33.60
CA LEU A 12 10.84 38.90 -34.58
C LEU A 12 12.20 38.40 -34.05
N ARG A 13 12.73 37.37 -34.70
CA ARG A 13 13.95 36.70 -34.28
C ARG A 13 14.98 36.65 -35.40
N LEU A 14 16.25 36.68 -35.01
CA LEU A 14 17.35 36.64 -35.97
C LEU A 14 17.70 35.20 -36.31
N GLU A 15 18.30 35.02 -37.50
CA GLU A 15 18.67 33.71 -38.09
C GLU A 15 17.67 32.57 -37.79
N SER A 16 16.39 32.94 -37.73
CA SER A 16 15.29 31.99 -37.62
C SER A 16 14.26 32.37 -38.67
N GLU A 17 13.65 31.37 -39.28
CA GLU A 17 12.66 31.61 -40.33
C GLU A 17 11.35 32.04 -39.71
N GLU A 18 10.81 33.15 -40.23
CA GLU A 18 9.51 33.62 -39.81
C GLU A 18 8.60 33.87 -41.00
N THR A 19 7.29 33.80 -40.75
CA THR A 19 6.28 33.89 -41.79
C THR A 19 5.58 35.24 -41.76
N MET A 20 5.35 35.80 -42.95
CA MET A 20 4.50 36.96 -43.13
C MET A 20 3.33 36.57 -44.01
N VAL A 21 2.13 36.68 -43.44
CA VAL A 21 0.91 36.35 -44.15
C VAL A 21 0.39 37.61 -44.82
N LEU A 22 0.24 37.52 -46.14
CA LEU A 22 -0.15 38.67 -46.97
C LEU A 22 -1.52 38.45 -47.57
N GLU A 23 -2.38 39.46 -47.48
CA GLU A 23 -3.75 39.32 -47.94
C GLU A 23 -4.26 40.50 -48.75
N ALA A 24 -4.85 40.18 -49.89
CA ALA A 24 -5.60 41.15 -50.68
C ALA A 24 -7.10 40.91 -50.43
N HIS A 25 -7.77 41.94 -49.92
CA HIS A 25 -9.22 41.90 -49.71
C HIS A 25 -9.92 42.77 -50.73
N ASP A 26 -10.95 42.21 -51.36
CA ASP A 26 -11.76 42.91 -52.39
C ASP A 26 -10.93 43.35 -53.60
N ALA A 27 -10.18 42.40 -54.17
CA ALA A 27 -9.31 42.69 -55.31
C ALA A 27 -9.42 41.61 -56.39
N GLN A 28 -9.11 42.00 -57.62
CA GLN A 28 -9.13 41.10 -58.77
C GLN A 28 -7.76 40.86 -59.37
N GLY A 29 -7.62 39.74 -60.10
CA GLY A 29 -6.40 39.40 -60.82
C GLY A 29 -5.20 39.10 -59.94
N ASP A 30 -4.05 38.84 -60.58
CA ASP A 30 -2.81 38.57 -59.87
C ASP A 30 -2.21 39.86 -59.32
N VAL A 31 -1.85 39.85 -58.03
CA VAL A 31 -1.25 41.02 -57.39
C VAL A 31 0.18 40.73 -56.94
N PRO A 32 1.17 41.29 -57.67
CA PRO A 32 2.58 41.09 -57.35
C PRO A 32 2.95 41.72 -56.00
N VAL A 33 3.60 40.94 -55.15
CA VAL A 33 4.04 41.44 -53.85
C VAL A 33 5.54 41.25 -53.70
N THR A 34 6.22 42.31 -53.27
CA THR A 34 7.62 42.23 -52.87
C THR A 34 7.73 42.67 -51.42
N VAL A 35 8.41 41.86 -50.61
CA VAL A 35 8.55 42.13 -49.17
C VAL A 35 10.00 42.41 -48.83
N THR A 36 10.25 43.60 -48.29
CA THR A 36 11.59 44.01 -47.88
C THR A 36 11.64 44.36 -46.39
N VAL A 37 12.69 43.90 -45.71
CA VAL A 37 12.90 44.25 -44.31
C VAL A 37 14.05 45.26 -44.22
N HIS A 38 13.81 46.35 -43.48
CA HIS A 38 14.80 47.41 -43.30
C HIS A 38 15.10 47.66 -41.83
N ASP A 39 16.23 48.32 -41.55
CA ASP A 39 16.51 48.82 -40.20
C ASP A 39 15.60 50.02 -39.96
N PHE A 40 15.26 50.28 -38.69
CA PHE A 40 14.32 51.37 -38.40
C PHE A 40 14.90 52.78 -38.59
N PRO A 41 15.85 53.20 -37.71
CA PRO A 41 16.35 54.57 -37.83
C PRO A 41 17.23 54.79 -39.08
N GLY A 42 16.59 54.79 -40.24
CA GLY A 42 17.28 54.93 -41.53
C GLY A 42 16.92 53.84 -42.52
N LYS A 43 17.73 53.73 -43.58
CA LYS A 43 17.58 52.67 -44.58
C LYS A 43 18.90 51.97 -44.87
N LYS A 44 18.94 50.67 -44.59
CA LYS A 44 20.14 49.84 -44.79
C LYS A 44 19.81 48.55 -45.55
N LEU A 45 18.55 48.13 -45.44
CA LEU A 45 18.04 46.90 -46.07
C LEU A 45 18.67 45.62 -45.49
N VAL A 46 17.86 44.88 -44.74
CA VAL A 46 18.28 43.61 -44.12
C VAL A 46 17.50 42.42 -44.70
N LEU A 47 18.23 41.46 -45.24
CA LEU A 47 17.71 40.35 -46.07
C LEU A 47 16.91 40.81 -47.30
N SER A 48 15.65 41.21 -47.08
CA SER A 48 14.70 41.54 -48.14
C SER A 48 14.35 40.30 -48.98
N SER A 49 14.09 40.50 -50.27
CA SER A 49 13.78 39.42 -51.23
C SER A 49 12.56 38.57 -50.84
N GLU A 50 12.49 37.37 -51.41
CA GLU A 50 11.36 36.45 -51.23
C GLU A 50 10.10 36.95 -51.93
N LYS A 51 9.72 36.24 -52.98
CA LYS A 51 8.74 36.71 -53.95
C LYS A 51 7.51 35.81 -53.98
N THR A 52 6.33 36.42 -54.03
CA THR A 52 5.07 35.69 -54.19
C THR A 52 4.11 36.40 -55.13
N VAL A 53 3.19 35.64 -55.71
CA VAL A 53 2.10 36.18 -56.51
C VAL A 53 0.77 35.65 -55.97
N LEU A 54 -0.05 36.55 -55.43
CA LEU A 54 -1.37 36.18 -54.92
C LEU A 54 -2.36 36.01 -56.07
N THR A 55 -2.89 34.79 -56.21
CA THR A 55 -3.77 34.43 -57.31
C THR A 55 -5.23 34.34 -56.86
N PRO A 56 -6.18 34.70 -57.75
CA PRO A 56 -7.61 34.61 -57.46
C PRO A 56 -8.11 33.18 -57.24
N ALA A 57 -7.32 32.20 -57.69
CA ALA A 57 -7.66 30.78 -57.55
C ALA A 57 -7.63 30.34 -56.09
N THR A 58 -6.56 30.74 -55.39
CA THR A 58 -6.38 30.37 -53.99
C THR A 58 -6.94 31.42 -53.01
N ASN A 59 -7.66 32.41 -53.57
CA ASN A 59 -8.43 33.40 -52.80
C ASN A 59 -7.65 34.60 -52.25
N HIS A 60 -6.62 35.03 -53.00
CA HIS A 60 -5.77 36.18 -52.63
C HIS A 60 -5.13 36.10 -51.24
N MET A 61 -4.74 34.89 -50.85
CA MET A 61 -4.04 34.70 -49.58
C MET A 61 -2.84 33.76 -49.74
N GLY A 62 -1.71 34.21 -49.21
CA GLY A 62 -0.48 33.44 -49.23
C GLY A 62 0.46 33.90 -48.14
N ASN A 63 1.73 33.53 -48.27
CA ASN A 63 2.73 33.92 -47.28
C ASN A 63 4.14 34.00 -47.85
N VAL A 64 4.99 34.78 -47.18
CA VAL A 64 6.41 34.78 -47.48
C VAL A 64 7.18 34.24 -46.28
N THR A 65 8.24 33.50 -46.57
CA THR A 65 9.09 32.92 -45.54
C THR A 65 10.47 33.58 -45.60
N PHE A 66 10.79 34.35 -44.56
CA PHE A 66 12.02 35.14 -44.53
C PHE A 66 12.89 34.87 -43.29
N THR A 67 14.17 35.20 -43.41
CA THR A 67 15.15 34.95 -42.35
C THR A 67 16.01 36.20 -42.16
N ILE A 68 15.87 36.85 -41.01
CA ILE A 68 16.63 38.06 -40.70
C ILE A 68 18.02 37.71 -40.17
N PRO A 69 19.08 38.11 -40.89
CA PRO A 69 20.45 37.89 -40.43
C PRO A 69 20.89 38.89 -39.35
N ALA A 70 21.89 38.49 -38.55
CA ALA A 70 22.47 39.35 -37.53
C ALA A 70 23.36 40.43 -38.18
N ASN A 71 22.97 41.69 -37.99
CA ASN A 71 23.72 42.83 -38.54
C ASN A 71 24.81 43.28 -37.56
N ARG A 72 24.40 44.10 -36.57
CA ARG A 72 25.23 44.49 -35.42
C ARG A 72 24.52 45.52 -34.54
N GLY A 79 23.18 47.75 -25.71
CA GLY A 79 22.21 48.84 -25.72
C GLY A 79 20.79 48.34 -25.50
N ARG A 80 19.83 49.05 -26.10
CA ARG A 80 18.42 48.67 -25.96
C ARG A 80 17.72 48.41 -27.31
N ASN A 81 16.38 48.35 -27.27
CA ASN A 81 15.54 47.72 -28.29
C ASN A 81 15.87 47.89 -29.77
N LYS A 82 15.94 46.76 -30.46
CA LYS A 82 16.23 46.67 -31.88
C LYS A 82 14.92 46.46 -32.65
N PHE A 83 14.64 47.34 -33.59
CA PHE A 83 13.43 47.28 -34.41
C PHE A 83 13.75 47.12 -35.90
N VAL A 84 12.76 46.67 -36.66
CA VAL A 84 12.85 46.65 -38.14
C VAL A 84 11.57 47.18 -38.80
N THR A 85 11.74 48.01 -39.83
CA THR A 85 10.62 48.46 -40.64
C THR A 85 10.39 47.42 -41.74
N VAL A 86 9.18 46.86 -41.78
CA VAL A 86 8.87 45.80 -42.74
C VAL A 86 7.83 46.28 -43.75
N GLN A 87 8.23 46.32 -45.02
CA GLN A 87 7.46 46.90 -46.10
C GLN A 87 6.88 45.82 -47.02
N ALA A 88 5.61 45.99 -47.41
CA ALA A 88 4.96 45.09 -48.37
C ALA A 88 4.26 45.88 -49.48
N THR A 89 4.77 45.75 -50.71
CA THR A 89 4.24 46.53 -51.84
C THR A 89 3.23 45.74 -52.70
N PHE A 90 1.91 46.13 -52.47
CA PHE A 90 0.82 45.46 -53.19
C PHE A 90 0.48 46.25 -54.45
N GLY A 91 1.22 45.93 -55.52
CA GLY A 91 1.23 46.77 -56.71
C GLY A 91 2.05 48.01 -56.38
N THR A 92 1.38 49.16 -56.37
CA THR A 92 2.03 50.44 -56.02
C THR A 92 1.91 50.77 -54.54
N GLN A 93 0.94 50.14 -53.86
CA GLN A 93 0.61 50.45 -52.47
C GLN A 93 1.63 49.92 -51.45
N VAL A 94 2.22 50.84 -50.69
CA VAL A 94 3.19 50.50 -49.65
C VAL A 94 2.50 50.39 -48.28
N VAL A 95 2.67 49.24 -47.63
CA VAL A 95 2.21 49.01 -46.26
C VAL A 95 3.43 48.69 -45.38
N GLU A 96 3.83 49.66 -44.56
CA GLU A 96 4.99 49.51 -43.69
C GLU A 96 4.64 49.31 -42.20
N LYS A 97 5.44 48.51 -41.52
CA LYS A 97 5.23 48.22 -40.09
C LYS A 97 6.54 48.05 -39.32
N VAL A 98 6.76 48.93 -38.35
CA VAL A 98 7.89 48.81 -37.43
C VAL A 98 7.61 47.68 -36.42
N VAL A 99 8.56 46.75 -36.33
CA VAL A 99 8.42 45.55 -35.48
C VAL A 99 9.67 45.29 -34.63
N LEU A 100 9.43 44.89 -33.38
CA LEU A 100 10.48 44.58 -32.42
C LEU A 100 11.29 43.34 -32.83
N VAL A 101 12.56 43.34 -32.48
CA VAL A 101 13.45 42.22 -32.78
C VAL A 101 14.16 41.71 -31.53
N SER A 102 14.11 40.40 -31.33
CA SER A 102 14.78 39.70 -30.23
C SER A 102 16.12 39.11 -30.66
N LEU A 103 17.10 39.23 -29.77
CA LEU A 103 18.43 38.62 -29.96
C LEU A 103 18.44 37.17 -29.42
N GLN A 104 17.40 36.81 -28.66
CA GLN A 104 17.19 35.44 -28.15
C GLN A 104 17.50 34.34 -29.18
N SER A 105 18.47 33.48 -28.87
CA SER A 105 18.89 32.44 -29.81
C SER A 105 18.09 31.14 -29.63
N GLY A 106 17.46 30.96 -28.47
CA GLY A 106 16.72 29.73 -28.17
C GLY A 106 16.72 29.41 -26.69
N TYR A 107 17.03 28.16 -26.34
CA TYR A 107 17.08 27.76 -24.94
C TYR A 107 18.35 27.01 -24.58
N LEU A 108 18.81 27.20 -23.35
CA LEU A 108 19.91 26.44 -22.81
C LEU A 108 19.34 25.72 -21.60
N PHE A 109 19.46 24.41 -21.58
CA PHE A 109 19.14 23.63 -20.40
C PHE A 109 20.47 23.05 -19.92
N ILE A 110 20.60 22.93 -18.61
CA ILE A 110 21.86 22.53 -17.99
C ILE A 110 21.57 21.32 -17.11
N GLN A 111 22.39 20.28 -17.25
CA GLN A 111 22.24 19.07 -16.46
C GLN A 111 23.53 18.85 -15.67
N THR A 112 23.41 18.62 -14.36
CA THR A 112 24.51 18.09 -13.56
C THR A 112 24.24 16.62 -13.25
N ASP A 113 25.30 15.85 -13.03
CA ASP A 113 25.17 14.45 -12.69
C ASP A 113 24.48 14.24 -11.35
N LYS A 114 24.66 15.18 -10.42
CA LYS A 114 24.09 15.09 -9.07
C LYS A 114 23.51 16.42 -8.59
N THR A 115 22.73 16.34 -7.51
CA THR A 115 22.15 17.48 -6.80
C THR A 115 23.10 18.10 -5.77
N ILE A 116 24.09 17.35 -5.35
CA ILE A 116 24.88 17.73 -4.21
C ILE A 116 26.24 17.05 -4.29
N TYR A 117 27.28 17.78 -3.91
CA TYR A 117 28.67 17.37 -4.02
C TYR A 117 29.45 17.68 -2.75
N THR A 118 30.50 16.90 -2.46
CA THR A 118 31.47 17.25 -1.44
C THR A 118 32.66 17.98 -2.06
N PRO A 119 33.35 18.83 -1.26
CA PRO A 119 34.69 19.32 -1.65
C PRO A 119 35.54 18.17 -2.16
N GLY A 120 36.43 18.44 -3.11
CA GLY A 120 37.31 17.40 -3.64
C GLY A 120 36.64 16.45 -4.63
N SER A 121 35.44 16.77 -5.07
CA SER A 121 34.85 15.94 -6.10
C SER A 121 34.61 16.66 -7.44
N THR A 122 34.12 15.92 -8.42
CA THR A 122 33.91 16.44 -9.76
C THR A 122 32.42 16.72 -10.03
N VAL A 123 32.13 17.96 -10.44
CA VAL A 123 30.83 18.32 -10.98
C VAL A 123 30.85 18.01 -12.48
N LEU A 124 30.08 17.01 -12.90
CA LEU A 124 29.92 16.72 -14.32
C LEU A 124 28.64 17.37 -14.78
N TYR A 125 28.70 18.04 -15.92
CA TYR A 125 27.54 18.74 -16.39
C TYR A 125 27.50 18.81 -17.90
N ARG A 126 26.29 18.84 -18.44
CA ARG A 126 26.12 19.22 -19.82
C ARG A 126 25.15 20.36 -20.08
N ILE A 127 25.42 21.12 -21.13
CA ILE A 127 24.52 22.17 -21.61
C ILE A 127 23.91 21.67 -22.90
N PHE A 128 22.59 21.79 -22.98
CA PHE A 128 21.86 21.45 -24.19
C PHE A 128 21.48 22.72 -24.93
N THR A 129 21.99 22.88 -26.14
CA THR A 129 21.78 24.09 -26.95
C THR A 129 20.71 23.86 -28.02
N VAL A 130 19.55 24.47 -27.81
CA VAL A 130 18.40 24.29 -28.71
C VAL A 130 17.86 25.63 -29.16
N ASN A 131 17.15 25.63 -30.29
CA ASN A 131 16.55 26.84 -30.83
C ASN A 131 15.13 27.00 -30.26
N HIS A 132 14.39 28.00 -30.72
CA HIS A 132 13.06 28.28 -30.19
C HIS A 132 12.07 27.14 -30.43
N LYS A 133 12.45 26.19 -31.29
CA LYS A 133 11.62 25.05 -31.65
C LYS A 133 12.03 23.80 -30.87
N LEU A 134 12.95 23.98 -29.93
CA LEU A 134 13.55 22.89 -29.15
C LEU A 134 14.32 21.91 -29.99
N LEU A 135 14.89 22.41 -31.09
CA LEU A 135 15.80 21.65 -31.94
C LEU A 135 17.24 22.12 -31.75
N PRO A 136 18.23 21.21 -31.93
CA PRO A 136 19.66 21.49 -31.79
C PRO A 136 20.24 22.56 -32.72
N VAL A 137 20.96 23.51 -32.13
CA VAL A 137 21.70 24.51 -32.88
C VAL A 137 23.16 24.55 -32.40
N GLY A 138 24.04 24.99 -33.30
CA GLY A 138 25.42 25.23 -32.99
C GLY A 138 25.67 26.72 -32.90
N ARG A 139 25.82 27.20 -31.68
CA ARG A 139 26.13 28.60 -31.40
C ARG A 139 27.27 28.57 -30.40
N THR A 140 27.86 29.73 -30.12
CA THR A 140 28.83 29.80 -29.03
C THR A 140 28.12 30.20 -27.72
N VAL A 141 28.49 29.49 -26.66
CA VAL A 141 27.85 29.60 -25.36
C VAL A 141 28.90 29.96 -24.30
N MET A 142 28.53 30.85 -23.40
CA MET A 142 29.37 31.25 -22.28
C MET A 142 28.79 30.63 -21.03
N VAL A 143 29.58 29.83 -20.33
CA VAL A 143 29.11 29.15 -19.11
C VAL A 143 30.03 29.43 -17.90
N ASN A 144 29.42 29.86 -16.80
CA ASN A 144 30.11 30.13 -15.52
C ASN A 144 29.64 29.21 -14.37
N ILE A 145 30.57 28.75 -13.55
CA ILE A 145 30.22 28.16 -12.24
C ILE A 145 30.54 29.23 -11.20
N GLU A 146 29.57 29.49 -10.31
CA GLU A 146 29.71 30.55 -9.29
C GLU A 146 29.48 29.99 -7.90
N ASN A 147 30.16 30.58 -6.91
CA ASN A 147 29.97 30.17 -5.52
C ASN A 147 28.75 30.81 -4.86
N PRO A 148 28.40 30.39 -3.63
CA PRO A 148 27.24 30.99 -2.94
C PRO A 148 27.25 32.52 -2.94
N GLU A 149 28.43 33.12 -2.76
CA GLU A 149 28.62 34.56 -2.86
C GLU A 149 28.44 35.12 -4.28
N GLY A 150 28.50 34.25 -5.29
CA GLY A 150 28.28 34.65 -6.67
C GLY A 150 29.55 34.98 -7.44
N ILE A 151 30.69 34.56 -6.89
CA ILE A 151 31.97 34.75 -7.56
C ILE A 151 32.23 33.61 -8.54
N PRO A 152 32.52 33.95 -9.82
CA PRO A 152 32.91 32.96 -10.81
C PRO A 152 34.14 32.17 -10.35
N VAL A 153 34.06 30.86 -10.48
CA VAL A 153 35.11 29.95 -10.01
C VAL A 153 35.64 29.10 -11.19
N LYS A 154 34.81 29.00 -12.22
CA LYS A 154 35.21 28.40 -13.49
C LYS A 154 34.41 29.04 -14.62
N GLN A 155 35.10 29.41 -15.69
CA GLN A 155 34.52 30.20 -16.78
C GLN A 155 34.88 29.65 -18.17
N ASP A 156 33.88 29.13 -18.90
CA ASP A 156 34.08 28.58 -20.26
C ASP A 156 33.34 29.36 -21.35
N SER A 157 33.94 29.42 -22.54
CA SER A 157 33.23 29.85 -23.72
C SER A 157 33.49 28.84 -24.83
N LEU A 158 32.43 28.19 -25.28
CA LEU A 158 32.51 27.07 -26.23
C LEU A 158 31.48 27.16 -27.32
N SER A 159 31.67 26.41 -28.39
CA SER A 159 30.73 26.28 -29.50
C SER A 159 30.12 24.87 -29.51
N SER A 160 28.82 24.82 -29.76
CA SER A 160 28.11 23.55 -29.90
C SER A 160 27.95 23.15 -31.38
N GLN A 161 28.59 23.92 -32.28
CA GLN A 161 28.55 23.61 -33.70
C GLN A 161 29.01 22.19 -33.94
N ASN A 162 28.22 21.46 -34.73
CA ASN A 162 28.50 20.07 -35.10
C ASN A 162 28.49 19.07 -33.94
N GLN A 163 28.06 19.50 -32.74
CA GLN A 163 27.99 18.66 -31.53
C GLN A 163 26.58 18.09 -31.22
N LEU A 164 25.64 18.24 -32.14
CA LEU A 164 24.29 17.70 -31.96
C LEU A 164 23.59 18.28 -30.73
N GLY A 165 23.90 19.54 -30.42
CA GLY A 165 23.26 20.26 -29.30
C GLY A 165 23.63 19.83 -27.90
N VAL A 166 24.80 19.23 -27.73
CA VAL A 166 25.24 18.75 -26.41
C VAL A 166 26.66 19.20 -26.13
N LEU A 167 26.83 19.87 -24.99
CA LEU A 167 28.12 20.33 -24.49
C LEU A 167 28.39 19.69 -23.13
N PRO A 168 29.28 18.67 -23.10
CA PRO A 168 29.70 18.10 -21.81
C PRO A 168 30.91 18.80 -21.22
N LEU A 169 30.82 19.20 -19.95
CA LEU A 169 31.90 19.86 -19.24
C LEU A 169 32.07 19.25 -17.86
N SER A 170 33.17 19.60 -17.19
CA SER A 170 33.42 19.08 -15.84
C SER A 170 34.21 20.07 -15.00
N TRP A 171 34.03 20.01 -13.69
CA TRP A 171 34.77 20.87 -12.79
C TRP A 171 35.14 20.15 -11.49
N ASP A 172 36.42 20.26 -11.12
CA ASP A 172 36.93 19.74 -9.86
C ASP A 172 36.73 20.76 -8.74
N ILE A 173 35.86 20.45 -7.79
CA ILE A 173 35.71 21.26 -6.58
C ILE A 173 36.97 21.11 -5.71
N PRO A 174 37.65 22.24 -5.39
CA PRO A 174 38.82 22.21 -4.48
C PRO A 174 38.47 21.70 -3.07
N GLU A 175 39.46 21.16 -2.35
CA GLU A 175 39.24 20.69 -0.97
C GLU A 175 38.72 21.81 -0.06
N LEU A 176 39.23 23.03 -0.28
CA LEU A 176 38.86 24.20 0.51
C LEU A 176 37.95 25.09 -0.34
N VAL A 177 36.68 25.15 0.04
CA VAL A 177 35.63 25.72 -0.78
C VAL A 177 34.50 26.09 0.19
N ASN A 178 33.80 27.18 -0.10
CA ASN A 178 32.64 27.57 0.71
C ASN A 178 31.41 26.71 0.42
N MET A 179 30.83 26.16 1.48
CA MET A 179 29.62 25.32 1.37
C MET A 179 28.42 26.19 1.07
N GLY A 180 27.44 25.64 0.40
CA GLY A 180 26.19 26.35 0.14
C GLY A 180 25.60 26.04 -1.22
N GLN A 181 24.79 26.97 -1.70
CA GLN A 181 24.11 26.83 -2.99
C GLN A 181 24.93 27.48 -4.12
N TRP A 182 25.60 26.63 -4.86
CA TRP A 182 26.36 26.99 -6.06
C TRP A 182 25.45 27.03 -7.29
N LYS A 183 25.94 27.69 -8.33
CA LYS A 183 25.13 27.93 -9.51
C LYS A 183 25.95 27.79 -10.78
N ILE A 184 25.29 27.31 -11.82
CA ILE A 184 25.86 27.28 -13.16
C ILE A 184 24.96 28.21 -13.96
N ARG A 185 25.57 29.27 -14.48
CA ARG A 185 24.85 30.24 -15.29
C ARG A 185 25.41 30.13 -16.72
N ALA A 186 24.52 30.13 -17.70
CA ALA A 186 24.91 29.98 -19.11
C ALA A 186 24.09 30.85 -20.04
N TYR A 187 24.76 31.53 -20.96
CA TYR A 187 24.09 32.30 -22.00
C TYR A 187 24.70 32.10 -23.38
N TYR A 188 23.85 32.25 -24.40
CA TYR A 188 24.31 32.35 -25.78
C TYR A 188 25.12 33.63 -25.96
N GLU A 189 26.14 33.57 -26.79
CA GLU A 189 27.02 34.72 -26.98
C GLU A 189 26.27 35.96 -27.48
N ASN A 190 25.35 35.74 -28.41
CA ASN A 190 24.61 36.82 -29.04
C ASN A 190 23.54 37.46 -28.12
N SER A 191 23.15 36.73 -27.08
CA SER A 191 22.06 37.13 -26.19
C SER A 191 22.45 37.08 -24.70
N PRO A 192 23.35 37.97 -24.26
CA PRO A 192 23.89 37.88 -22.90
C PRO A 192 22.97 38.44 -21.82
N GLN A 193 21.84 39.01 -22.23
CA GLN A 193 20.80 39.48 -21.31
C GLN A 193 20.04 38.32 -20.71
N GLN A 194 19.91 37.24 -21.49
CA GLN A 194 19.08 36.12 -21.13
C GLN A 194 19.92 34.93 -20.66
N VAL A 195 20.00 34.81 -19.34
CA VAL A 195 20.88 33.87 -18.68
C VAL A 195 20.03 32.71 -18.17
N PHE A 196 20.49 31.50 -18.46
CA PHE A 196 19.87 30.28 -17.98
C PHE A 196 20.73 29.74 -16.85
N SER A 197 20.10 29.45 -15.72
CA SER A 197 20.83 28.98 -14.54
C SER A 197 20.33 27.61 -14.06
N THR A 198 21.23 26.83 -13.46
CA THR A 198 20.84 25.75 -12.57
C THR A 198 21.59 25.85 -11.25
N GLU A 199 21.31 24.95 -10.30
CA GLU A 199 21.83 25.07 -8.94
C GLU A 199 22.32 23.74 -8.45
N PHE A 200 23.37 23.75 -7.64
CA PHE A 200 23.78 22.55 -6.91
C PHE A 200 24.30 22.94 -5.52
N GLU A 201 24.25 21.98 -4.61
CA GLU A 201 24.71 22.20 -3.24
C GLU A 201 26.11 21.60 -3.08
N VAL A 202 26.95 22.29 -2.31
CA VAL A 202 28.24 21.77 -1.89
C VAL A 202 28.19 21.68 -0.37
N LYS A 203 28.48 20.50 0.15
CA LYS A 203 28.28 20.20 1.56
C LYS A 203 29.27 19.09 1.86
N GLU A 204 29.65 18.95 3.12
CA GLU A 204 30.39 17.77 3.54
C GLU A 204 29.34 16.78 4.05
N TYR A 205 29.41 15.54 3.57
CA TYR A 205 28.43 14.55 3.96
C TYR A 205 28.95 13.16 3.64
N VAL A 206 28.29 12.15 4.20
CA VAL A 206 28.36 10.75 3.73
C VAL A 206 26.96 10.34 3.30
N LEU A 207 26.84 9.40 2.36
CA LEU A 207 25.52 8.94 1.94
C LEU A 207 24.76 8.22 3.07
N PRO A 208 23.45 8.53 3.21
CA PRO A 208 22.64 7.76 4.15
C PRO A 208 22.30 6.39 3.56
N SER A 209 21.92 5.43 4.40
CA SER A 209 21.56 4.10 3.89
C SER A 209 20.04 3.89 3.75
N PHE A 210 19.25 4.89 4.18
CA PHE A 210 17.80 4.80 4.11
C PHE A 210 17.18 6.15 3.84
N GLU A 211 15.93 6.17 3.38
CA GLU A 211 15.20 7.42 3.16
C GLU A 211 14.03 7.58 4.11
N VAL A 212 13.65 8.83 4.35
CA VAL A 212 12.52 9.14 5.23
C VAL A 212 11.52 9.97 4.43
N ILE A 213 10.29 9.47 4.34
CA ILE A 213 9.21 10.21 3.70
C ILE A 213 8.26 10.75 4.76
N VAL A 214 7.94 12.03 4.67
CA VAL A 214 7.04 12.66 5.61
C VAL A 214 5.78 13.09 4.88
N GLU A 215 4.66 12.47 5.23
CA GLU A 215 3.42 12.66 4.50
C GLU A 215 2.21 13.03 5.36
N PRO A 216 1.70 14.27 5.22
CA PRO A 216 0.39 14.64 5.80
C PRO A 216 -0.79 13.91 5.14
N THR A 217 -1.82 13.60 5.91
CA THR A 217 -2.97 12.81 5.43
C THR A 217 -3.84 13.59 4.44
N GLU A 218 -3.80 14.92 4.56
CA GLU A 218 -4.34 15.84 3.56
C GLU A 218 -3.19 16.76 3.21
N LYS A 219 -3.18 17.31 2.00
CA LYS A 219 -2.05 18.13 1.56
C LYS A 219 -2.24 19.58 1.98
N PHE A 220 -2.94 19.77 3.08
CA PHE A 220 -3.30 21.09 3.61
C PHE A 220 -3.81 20.93 5.04
N TYR A 221 -3.89 22.04 5.75
CA TYR A 221 -4.59 22.06 7.03
C TYR A 221 -5.82 22.97 7.04
N TYR A 222 -6.98 22.37 7.22
CA TYR A 222 -8.25 23.07 7.39
C TYR A 222 -8.32 23.66 8.81
N ILE A 223 -8.34 24.99 8.91
CA ILE A 223 -8.18 25.68 10.20
C ILE A 223 -9.17 25.28 11.31
N TYR A 224 -10.31 24.70 10.93
CA TYR A 224 -11.34 24.36 11.90
C TYR A 224 -11.30 22.88 12.30
N ASN A 225 -10.40 22.14 11.66
CA ASN A 225 -10.23 20.72 11.89
C ASN A 225 -9.74 20.40 13.30
N GLU A 226 -10.65 19.92 14.15
CA GLU A 226 -10.28 19.54 15.51
C GLU A 226 -9.21 18.45 15.62
N LYS A 227 -9.16 17.55 14.65
CA LYS A 227 -8.14 16.49 14.61
C LYS A 227 -6.69 17.01 14.55
N GLY A 228 -6.52 18.26 14.11
CA GLY A 228 -5.21 18.81 13.84
C GLY A 228 -4.61 18.25 12.55
N LEU A 229 -3.30 18.39 12.41
CA LEU A 229 -2.57 17.91 11.23
C LEU A 229 -1.92 16.56 11.50
N GLU A 230 -2.43 15.52 10.83
CA GLU A 230 -1.88 14.17 10.98
C GLU A 230 -0.85 13.83 9.90
N VAL A 231 0.28 13.29 10.35
CA VAL A 231 1.43 13.02 9.50
C VAL A 231 1.85 11.55 9.66
N THR A 232 2.14 10.86 8.56
CA THR A 232 2.80 9.56 8.66
C THR A 232 4.25 9.68 8.23
N ILE A 233 5.12 8.98 8.95
CA ILE A 233 6.55 8.96 8.67
C ILE A 233 6.84 7.56 8.20
N THR A 234 7.39 7.47 7.00
CA THR A 234 7.83 6.18 6.51
C THR A 234 9.32 6.22 6.30
N ALA A 235 9.96 5.11 6.63
CA ALA A 235 11.40 4.97 6.51
C ALA A 235 11.66 3.61 5.89
N ARG A 236 12.50 3.59 4.86
CA ARG A 236 12.97 2.33 4.30
C ARG A 236 14.37 2.51 3.76
N PHE A 237 15.13 1.41 3.78
CA PHE A 237 16.46 1.39 3.21
C PHE A 237 16.42 1.61 1.71
N LEU A 238 17.52 2.12 1.17
CA LEU A 238 17.58 2.40 -0.25
C LEU A 238 17.39 1.17 -1.12
N TYR A 239 17.79 0.00 -0.59
CA TYR A 239 17.57 -1.30 -1.26
C TYR A 239 16.16 -1.92 -1.09
N GLY A 240 15.27 -1.24 -0.36
CA GLY A 240 13.86 -1.65 -0.32
C GLY A 240 13.26 -2.09 1.01
N LYS A 241 14.10 -2.59 1.91
CA LYS A 241 13.66 -3.17 3.16
C LYS A 241 13.13 -2.12 4.13
N LYS A 242 12.31 -2.56 5.07
CA LYS A 242 11.70 -1.66 6.06
C LYS A 242 12.61 -1.37 7.25
N VAL A 243 12.55 -0.14 7.73
CA VAL A 243 13.41 0.37 8.80
C VAL A 243 12.75 0.24 10.19
N GLU A 244 13.55 -0.16 11.18
CA GLU A 244 13.12 -0.13 12.59
C GLU A 244 13.95 0.94 13.30
N GLY A 245 13.28 1.87 13.95
CA GLY A 245 13.97 2.92 14.70
C GLY A 245 13.09 3.82 15.55
N THR A 246 13.55 5.06 15.70
CA THR A 246 12.84 6.06 16.47
C THR A 246 12.91 7.38 15.68
N ALA A 247 11.76 8.05 15.56
CA ALA A 247 11.67 9.35 14.92
C ALA A 247 11.47 10.49 15.93
N PHE A 248 12.12 11.62 15.67
CA PHE A 248 11.88 12.84 16.39
C PHE A 248 11.21 13.79 15.43
N VAL A 249 10.03 14.27 15.79
CA VAL A 249 9.20 15.03 14.87
C VAL A 249 8.82 16.37 15.47
N ILE A 250 9.05 17.44 14.71
CA ILE A 250 8.72 18.80 15.15
C ILE A 250 8.05 19.61 14.04
N PHE A 251 6.99 20.34 14.42
CA PHE A 251 6.20 21.15 13.50
C PHE A 251 6.57 22.60 13.65
N GLY A 252 6.24 23.41 12.65
CA GLY A 252 6.44 24.86 12.70
C GLY A 252 5.51 25.60 11.75
N ILE A 253 5.55 26.94 11.76
CA ILE A 253 4.71 27.77 10.90
C ILE A 253 5.60 28.63 10.00
N GLN A 254 5.13 28.92 8.79
CA GLN A 254 5.88 29.76 7.86
C GLN A 254 5.01 30.86 7.23
N ASP A 255 5.46 32.11 7.40
CA ASP A 255 4.79 33.30 6.86
C ASP A 255 5.78 34.10 5.98
N GLY A 256 6.23 33.44 4.90
CA GLY A 256 7.11 34.05 3.90
C GLY A 256 8.46 34.54 4.40
N GLU A 257 9.47 33.66 4.29
CA GLU A 257 10.84 33.90 4.80
C GLU A 257 10.98 33.57 6.29
N GLN A 258 9.97 33.96 7.07
CA GLN A 258 9.95 33.73 8.52
C GLN A 258 9.45 32.33 8.89
N ARG A 259 10.15 31.69 9.82
CA ARG A 259 9.73 30.42 10.40
C ARG A 259 9.49 30.54 11.90
N ILE A 260 8.39 29.92 12.36
CA ILE A 260 8.07 29.83 13.78
C ILE A 260 8.02 28.35 14.19
N SER A 261 9.04 27.91 14.94
CA SER A 261 9.04 26.56 15.51
C SER A 261 8.10 26.47 16.71
N LEU A 262 7.33 25.38 16.77
CA LEU A 262 6.43 25.12 17.89
C LEU A 262 7.00 23.96 18.73
N PRO A 263 7.84 24.29 19.73
CA PRO A 263 8.57 23.28 20.51
C PRO A 263 7.69 22.27 21.27
N GLU A 264 6.47 22.67 21.60
CA GLU A 264 5.50 21.79 22.27
C GLU A 264 4.98 20.69 21.35
N SER A 265 5.19 20.87 20.04
CA SER A 265 4.83 19.87 19.05
C SER A 265 5.85 18.72 18.94
N LEU A 266 7.01 18.86 19.59
CA LEU A 266 8.07 17.86 19.49
C LEU A 266 7.67 16.51 20.06
N LYS A 267 7.75 15.48 19.23
CA LYS A 267 7.32 14.14 19.60
C LYS A 267 8.38 13.08 19.27
N ARG A 268 8.54 12.12 20.16
CA ARG A 268 9.43 10.99 19.93
C ARG A 268 8.57 9.73 19.79
N ILE A 269 8.57 9.15 18.59
CA ILE A 269 7.72 8.01 18.30
C ILE A 269 8.51 6.83 17.75
N PRO A 270 8.02 5.60 17.96
CA PRO A 270 8.67 4.46 17.36
C PRO A 270 8.34 4.34 15.87
N ILE A 271 9.35 3.94 15.10
CA ILE A 271 9.18 3.57 13.70
C ILE A 271 9.17 2.06 13.68
N GLU A 272 7.98 1.48 13.61
CA GLU A 272 7.81 0.04 13.58
C GLU A 272 7.37 -0.34 12.18
N ASP A 273 7.96 -1.41 11.64
CA ASP A 273 7.70 -1.89 10.27
C ASP A 273 7.82 -0.79 9.21
N GLY A 274 8.78 0.12 9.41
CA GLY A 274 9.04 1.22 8.47
C GLY A 274 8.09 2.39 8.59
N SER A 275 7.21 2.37 9.60
CA SER A 275 6.14 3.34 9.68
C SER A 275 5.91 3.92 11.08
N GLY A 276 5.53 5.19 11.14
CA GLY A 276 5.15 5.85 12.37
C GLY A 276 4.12 6.95 12.15
N GLU A 277 3.38 7.27 13.21
CA GLU A 277 2.27 8.19 13.13
C GLU A 277 2.44 9.32 14.14
N VAL A 278 2.14 10.54 13.71
CA VAL A 278 2.30 11.72 14.56
C VAL A 278 1.28 12.83 14.23
N VAL A 279 0.81 13.52 15.27
CA VAL A 279 -0.24 14.52 15.13
C VAL A 279 0.26 15.88 15.64
N LEU A 280 -0.06 16.94 14.90
CA LEU A 280 0.01 18.30 15.42
C LEU A 280 -1.37 18.71 15.92
N SER A 281 -1.52 18.81 17.23
CA SER A 281 -2.81 19.16 17.82
C SER A 281 -3.16 20.62 17.52
N ARG A 282 -4.47 20.90 17.48
CA ARG A 282 -4.95 22.22 17.19
C ARG A 282 -4.65 23.21 18.31
N LYS A 283 -4.63 22.73 19.56
CA LYS A 283 -4.38 23.58 20.71
C LYS A 283 -2.93 24.02 20.75
N VAL A 284 -2.02 23.06 20.62
CA VAL A 284 -0.57 23.30 20.55
C VAL A 284 -0.23 24.29 19.43
N LEU A 285 -0.88 24.11 18.28
CA LEU A 285 -0.71 25.02 17.15
C LEU A 285 -1.08 26.46 17.50
N LEU A 286 -2.22 26.62 18.16
CA LEU A 286 -2.75 27.94 18.47
C LEU A 286 -2.04 28.58 19.66
N ASP A 287 -1.72 27.79 20.68
CA ASP A 287 -0.93 28.26 21.81
C ASP A 287 0.48 28.71 21.40
N GLY A 288 0.96 28.19 20.28
CA GLY A 288 2.28 28.55 19.74
C GLY A 288 2.36 29.92 19.07
N VAL A 289 1.21 30.50 18.74
CA VAL A 289 1.17 31.82 18.09
C VAL A 289 0.56 32.93 18.94
N GLN A 290 0.47 32.69 20.24
CA GLN A 290 0.05 33.69 21.24
C GLN A 290 -1.20 34.48 20.81
N ARG A 293 -7.43 34.47 17.94
CA ARG A 293 -7.80 34.29 16.54
C ARG A 293 -7.30 32.98 15.97
N ALA A 294 -7.91 32.56 14.87
CA ALA A 294 -7.54 31.32 14.17
C ALA A 294 -7.44 31.50 12.66
N GLU A 295 -8.26 32.39 12.11
CA GLU A 295 -8.29 32.65 10.66
C GLU A 295 -7.01 33.33 10.15
N ASP A 296 -6.38 34.10 11.03
CA ASP A 296 -5.16 34.85 10.69
C ASP A 296 -4.03 33.98 10.19
N LEU A 297 -4.16 32.68 10.43
CA LEU A 297 -3.18 31.69 9.99
C LEU A 297 -3.42 31.24 8.55
N VAL A 298 -4.64 31.48 8.06
CA VAL A 298 -5.00 31.22 6.67
C VAL A 298 -4.11 32.03 5.74
N GLY A 299 -3.45 31.35 4.82
CA GLY A 299 -2.46 31.96 3.96
C GLY A 299 -1.06 31.55 4.37
N LYS A 300 -0.87 31.27 5.65
CA LYS A 300 0.40 30.73 6.15
C LYS A 300 0.57 29.26 5.76
N SER A 301 1.71 28.69 6.16
CA SER A 301 1.96 27.28 5.91
C SER A 301 2.62 26.61 7.12
N LEU A 302 2.46 25.29 7.19
CA LEU A 302 3.11 24.48 8.20
C LEU A 302 4.26 23.71 7.57
N TYR A 303 5.32 23.50 8.33
CA TYR A 303 6.33 22.50 7.95
C TYR A 303 6.45 21.42 9.02
N VAL A 304 7.02 20.30 8.65
CA VAL A 304 7.23 19.20 9.58
C VAL A 304 8.61 18.58 9.33
N SER A 305 9.38 18.52 10.40
CA SER A 305 10.75 18.06 10.36
C SER A 305 10.84 16.75 11.14
N ALA A 306 11.31 15.70 10.49
CA ALA A 306 11.45 14.39 11.13
C ALA A 306 12.90 13.95 11.10
N THR A 307 13.39 13.47 12.23
CA THR A 307 14.70 12.87 12.30
C THR A 307 14.56 11.41 12.75
N VAL A 308 15.04 10.48 11.91
CA VAL A 308 14.94 9.04 12.21
C VAL A 308 16.30 8.44 12.57
N ILE A 309 16.36 7.74 13.70
CA ILE A 309 17.57 7.05 14.11
C ILE A 309 17.31 5.55 14.12
N LEU A 310 18.15 4.80 13.41
CA LEU A 310 18.06 3.35 13.39
C LEU A 310 18.35 2.81 14.78
N HIS A 311 17.73 1.69 15.13
CA HIS A 311 17.98 1.07 16.43
C HIS A 311 19.46 0.78 16.69
N SER A 312 20.21 0.52 15.62
CA SER A 312 21.67 0.39 15.72
C SER A 312 22.30 1.69 16.23
N GLY A 313 21.78 2.82 15.76
CA GLY A 313 22.29 4.13 16.13
C GLY A 313 23.40 4.53 15.19
N SER A 314 23.69 3.63 14.24
CA SER A 314 24.76 3.81 13.28
C SER A 314 24.43 4.76 12.14
N ASP A 315 23.14 4.96 11.87
CA ASP A 315 22.71 5.90 10.82
C ASP A 315 21.48 6.70 11.28
N MET A 316 21.40 7.92 10.77
CA MET A 316 20.39 8.88 11.15
C MET A 316 20.07 9.69 9.91
N VAL A 317 18.78 9.92 9.67
CA VAL A 317 18.33 10.71 8.53
C VAL A 317 17.32 11.76 8.98
N GLN A 318 17.49 12.96 8.46
CA GLN A 318 16.60 14.07 8.72
C GLN A 318 15.86 14.37 7.44
N ALA A 319 14.55 14.60 7.54
CA ALA A 319 13.74 14.95 6.40
C ALA A 319 12.79 16.08 6.78
N GLU A 320 12.31 16.81 5.78
CA GLU A 320 11.36 17.89 5.99
C GLU A 320 10.25 17.83 4.95
N ARG A 321 9.04 18.14 5.40
CA ARG A 321 7.93 18.41 4.51
C ARG A 321 7.41 19.81 4.81
N SER A 322 7.70 20.75 3.91
CA SER A 322 7.28 22.13 4.08
C SER A 322 6.20 22.48 3.05
N GLY A 323 5.56 23.64 3.22
CA GLY A 323 4.49 24.07 2.33
C GLY A 323 3.22 23.25 2.50
N ILE A 324 2.75 23.16 3.74
CA ILE A 324 1.43 22.64 4.00
C ILE A 324 0.55 23.87 4.25
N PRO A 325 -0.24 24.29 3.23
CA PRO A 325 -1.05 25.51 3.36
C PRO A 325 -2.16 25.38 4.40
N ILE A 326 -2.26 26.41 5.22
CA ILE A 326 -3.39 26.59 6.12
C ILE A 326 -4.47 27.32 5.32
N VAL A 327 -5.68 26.76 5.34
CA VAL A 327 -6.72 27.09 4.37
C VAL A 327 -8.13 27.04 4.96
N THR A 328 -9.09 27.67 4.29
CA THR A 328 -10.50 27.52 4.66
C THR A 328 -11.28 26.73 3.59
N SER A 329 -10.56 26.27 2.57
CA SER A 329 -11.14 25.51 1.46
C SER A 329 -10.09 24.56 0.89
N PRO A 330 -10.49 23.34 0.49
CA PRO A 330 -9.57 22.38 -0.12
C PRO A 330 -9.28 22.67 -1.59
N TYR A 331 -9.95 23.68 -2.15
CA TYR A 331 -9.75 24.03 -3.55
C TYR A 331 -9.44 25.51 -3.74
N GLN A 332 -8.87 25.84 -4.91
CA GLN A 332 -8.67 27.23 -5.34
C GLN A 332 -9.18 27.34 -6.76
N ILE A 333 -9.98 28.36 -7.03
CA ILE A 333 -10.42 28.67 -8.38
C ILE A 333 -9.54 29.77 -8.98
N HIS A 334 -9.03 29.53 -10.19
CA HIS A 334 -8.18 30.49 -10.88
C HIS A 334 -8.81 30.86 -12.23
N PHE A 335 -8.80 32.15 -12.55
CA PHE A 335 -9.35 32.64 -13.81
C PHE A 335 -8.24 33.08 -14.78
N THR A 336 -7.07 32.48 -14.64
CA THR A 336 -5.89 32.89 -15.39
C THR A 336 -5.84 32.36 -16.84
N LYS A 337 -6.74 31.44 -17.17
CA LYS A 337 -6.88 30.86 -18.52
C LYS A 337 -8.17 31.37 -19.18
N THR A 338 -8.76 32.41 -18.60
CA THR A 338 -10.03 32.96 -19.05
C THR A 338 -9.80 34.37 -19.60
N PRO A 339 -10.24 34.64 -20.85
CA PRO A 339 -10.24 35.99 -21.40
C PRO A 339 -10.88 37.00 -20.45
N LYS A 340 -10.32 38.20 -20.39
CA LYS A 340 -10.78 39.28 -19.51
C LYS A 340 -11.58 40.34 -20.28
N TYR A 341 -12.02 39.95 -21.47
CA TYR A 341 -12.85 40.80 -22.31
C TYR A 341 -13.92 39.92 -22.92
N PHE A 342 -15.11 40.47 -23.09
CA PHE A 342 -16.24 39.73 -23.65
C PHE A 342 -16.90 40.49 -24.79
N LYS A 343 -17.66 39.77 -25.60
CA LYS A 343 -18.39 40.33 -26.73
C LYS A 343 -19.86 40.41 -26.36
N PRO A 344 -20.36 41.62 -26.03
CA PRO A 344 -21.76 41.81 -25.63
C PRO A 344 -22.73 41.23 -26.66
N GLY A 345 -23.72 40.49 -26.18
CA GLY A 345 -24.66 39.80 -27.07
C GLY A 345 -24.33 38.32 -27.20
N MET A 346 -23.05 38.01 -27.14
CA MET A 346 -22.52 36.68 -27.44
C MET A 346 -22.20 35.88 -26.18
N PRO A 347 -22.07 34.53 -26.30
CA PRO A 347 -21.56 33.68 -25.22
C PRO A 347 -20.17 34.08 -24.70
N PHE A 348 -19.98 33.94 -23.40
CA PHE A 348 -18.68 34.15 -22.79
C PHE A 348 -18.21 32.86 -22.14
N ASP A 349 -17.06 32.37 -22.58
CA ASP A 349 -16.48 31.12 -22.08
C ASP A 349 -15.47 31.34 -20.98
N LEU A 350 -15.61 30.56 -19.91
CA LEU A 350 -14.66 30.58 -18.81
C LEU A 350 -13.91 29.26 -18.73
N MET A 351 -12.60 29.29 -18.95
CA MET A 351 -11.75 28.17 -18.61
C MET A 351 -11.41 28.34 -17.13
N VAL A 352 -12.20 27.70 -16.29
CA VAL A 352 -11.94 27.71 -14.86
C VAL A 352 -10.84 26.68 -14.62
N PHE A 353 -9.86 27.05 -13.81
CA PHE A 353 -8.76 26.17 -13.45
C PHE A 353 -8.85 26.01 -11.94
N VAL A 354 -8.99 24.76 -11.50
CA VAL A 354 -9.08 24.46 -10.07
C VAL A 354 -7.91 23.62 -9.60
N THR A 355 -7.30 24.04 -8.49
CA THR A 355 -6.16 23.35 -7.94
C THR A 355 -6.39 22.94 -6.49
N ASN A 356 -5.63 21.93 -6.07
CA ASN A 356 -5.43 21.66 -4.67
C ASN A 356 -4.51 22.76 -4.12
N PRO A 357 -4.56 23.04 -2.81
CA PRO A 357 -3.83 24.18 -2.24
C PRO A 357 -2.29 24.18 -2.41
N ASP A 358 -1.73 23.09 -2.95
CA ASP A 358 -0.30 23.00 -3.21
C ASP A 358 0.07 23.51 -4.61
N GLY A 359 -0.96 23.73 -5.44
CA GLY A 359 -0.78 24.13 -6.83
C GLY A 359 -1.05 23.04 -7.86
N SER A 360 -1.32 21.81 -7.41
CA SER A 360 -1.60 20.70 -8.32
C SER A 360 -3.08 20.64 -8.73
N PRO A 361 -3.35 20.39 -10.03
CA PRO A 361 -4.70 20.56 -10.59
C PRO A 361 -5.71 19.56 -10.04
N ALA A 362 -6.79 20.08 -9.44
CA ALA A 362 -7.83 19.27 -8.83
C ALA A 362 -8.75 18.67 -9.88
N TYR A 363 -8.82 17.35 -9.92
CA TYR A 363 -9.54 16.63 -10.95
C TYR A 363 -10.92 16.23 -10.47
N ARG A 364 -11.88 16.23 -11.39
CA ARG A 364 -13.23 15.69 -11.15
C ARG A 364 -14.04 16.53 -10.13
N VAL A 365 -13.89 17.85 -10.21
CA VAL A 365 -14.50 18.80 -9.27
C VAL A 365 -15.60 19.65 -9.93
N PRO A 366 -16.84 19.58 -9.43
CA PRO A 366 -17.91 20.41 -9.95
C PRO A 366 -17.70 21.90 -9.72
N VAL A 367 -17.82 22.69 -10.80
CA VAL A 367 -17.85 24.14 -10.72
C VAL A 367 -19.12 24.66 -11.40
N ALA A 368 -19.67 25.74 -10.86
CA ALA A 368 -20.84 26.39 -11.44
C ALA A 368 -20.78 27.89 -11.26
N VAL A 369 -21.32 28.61 -12.24
CA VAL A 369 -21.46 30.07 -12.18
C VAL A 369 -22.58 30.40 -11.19
N GLN A 370 -22.41 31.50 -10.45
CA GLN A 370 -23.44 31.97 -9.52
C GLN A 370 -24.52 32.77 -10.29
N GLY A 371 -25.79 32.56 -9.93
CA GLY A 371 -26.91 33.20 -10.62
C GLY A 371 -27.58 32.25 -11.61
N GLU A 372 -27.00 32.13 -12.80
CA GLU A 372 -27.29 31.02 -13.72
C GLU A 372 -26.66 29.77 -13.11
N ASP A 373 -27.10 29.42 -11.91
CA ASP A 373 -26.30 28.61 -10.99
C ASP A 373 -26.13 27.15 -11.38
N THR A 374 -27.19 26.36 -11.23
CA THR A 374 -27.09 24.89 -11.19
C THR A 374 -26.62 24.18 -12.47
N VAL A 375 -26.05 24.94 -13.42
CA VAL A 375 -25.57 24.38 -14.71
C VAL A 375 -24.59 23.23 -14.52
N GLN A 376 -23.49 23.49 -13.79
CA GLN A 376 -22.52 22.48 -13.36
C GLN A 376 -21.61 22.03 -14.50
N SER A 377 -20.34 21.78 -14.17
CA SER A 377 -19.38 21.17 -15.08
C SER A 377 -18.18 20.63 -14.30
N LEU A 378 -17.77 19.40 -14.64
CA LEU A 378 -16.65 18.73 -13.97
C LEU A 378 -15.31 19.09 -14.61
N THR A 379 -14.30 19.30 -13.77
CA THR A 379 -12.95 19.60 -14.25
C THR A 379 -12.32 18.36 -14.88
N GLN A 380 -11.41 18.58 -15.83
CA GLN A 380 -10.73 17.50 -16.56
C GLN A 380 -9.49 17.01 -15.80
N GLY A 381 -8.66 16.23 -16.49
CA GLY A 381 -7.43 15.66 -15.92
C GLY A 381 -6.47 16.72 -15.45
N ASP A 382 -6.33 17.76 -16.27
CA ASP A 382 -5.50 18.91 -15.98
C ASP A 382 -6.27 19.98 -15.16
N GLY A 383 -7.44 19.62 -14.66
CA GLY A 383 -8.18 20.44 -13.70
C GLY A 383 -8.89 21.67 -14.24
N VAL A 384 -9.18 21.69 -15.53
CA VAL A 384 -9.94 22.79 -16.10
C VAL A 384 -11.36 22.35 -16.49
N ALA A 385 -12.30 23.29 -16.37
CA ALA A 385 -13.66 23.09 -16.82
C ALA A 385 -14.11 24.25 -17.71
N LYS A 386 -14.90 23.95 -18.73
CA LYS A 386 -15.46 24.98 -19.58
C LYS A 386 -16.88 25.27 -19.13
N LEU A 387 -17.14 26.55 -18.88
CA LEU A 387 -18.45 27.06 -18.51
C LEU A 387 -18.82 28.21 -19.44
N SER A 388 -20.03 28.17 -19.99
CA SER A 388 -20.48 29.17 -20.96
C SER A 388 -21.71 29.93 -20.49
N ILE A 389 -21.59 31.24 -20.38
CA ILE A 389 -22.75 32.09 -20.08
C ILE A 389 -23.08 33.00 -21.26
N ASN A 390 -24.37 33.27 -21.45
CA ASN A 390 -24.82 34.22 -22.45
C ASN A 390 -24.79 35.64 -21.88
N THR A 391 -24.47 36.62 -22.72
CA THR A 391 -24.42 38.00 -22.28
C THR A 391 -25.43 38.83 -23.05
N HIS A 392 -26.02 39.81 -22.38
CA HIS A 392 -26.91 40.76 -23.02
C HIS A 392 -26.06 41.81 -23.73
N PRO A 393 -26.61 42.43 -24.80
CA PRO A 393 -25.91 43.40 -25.64
C PRO A 393 -25.66 44.76 -24.99
N SER A 394 -25.29 44.76 -23.72
CA SER A 394 -25.02 46.01 -23.00
C SER A 394 -23.52 46.20 -22.74
N GLN A 395 -23.02 47.37 -23.12
CA GLN A 395 -21.63 47.73 -22.90
C GLN A 395 -21.45 48.06 -21.41
N LYS A 396 -21.22 47.01 -20.62
CA LYS A 396 -21.20 47.09 -19.17
C LYS A 396 -20.25 46.02 -18.62
N PRO A 397 -19.35 46.40 -17.69
CA PRO A 397 -18.46 45.47 -17.02
C PRO A 397 -19.19 44.27 -16.42
N LEU A 398 -18.84 43.09 -16.91
CA LEU A 398 -19.46 41.85 -16.48
C LEU A 398 -18.66 41.27 -15.31
N SER A 399 -19.34 41.08 -14.18
CA SER A 399 -18.75 40.45 -13.00
C SER A 399 -19.20 38.99 -12.99
N ILE A 400 -18.27 38.08 -12.73
CA ILE A 400 -18.60 36.64 -12.73
C ILE A 400 -18.09 35.97 -11.46
N THR A 401 -18.95 35.17 -10.84
CA THR A 401 -18.56 34.38 -9.69
C THR A 401 -18.78 32.90 -9.99
N VAL A 402 -17.69 32.15 -9.90
CA VAL A 402 -17.73 30.69 -10.03
C VAL A 402 -17.39 30.10 -8.67
N ARG A 403 -18.15 29.08 -8.29
CA ARG A 403 -18.01 28.41 -7.01
C ARG A 403 -17.83 26.91 -7.21
N THR A 404 -17.23 26.24 -6.23
CA THR A 404 -17.15 24.79 -6.23
C THR A 404 -18.48 24.23 -5.74
N LYS A 405 -18.91 23.12 -6.34
CA LYS A 405 -20.11 22.42 -5.89
C LYS A 405 -19.77 20.96 -5.65
N LYS A 406 -18.60 20.72 -5.05
CA LYS A 406 -18.15 19.40 -4.66
C LYS A 406 -18.98 18.92 -3.48
N GLN A 407 -19.70 17.81 -3.65
CA GLN A 407 -20.51 17.30 -2.55
C GLN A 407 -19.65 16.46 -1.61
N GLU A 408 -20.02 16.43 -0.33
CA GLU A 408 -19.19 15.93 0.80
C GLU A 408 -18.51 17.11 1.51
N LEU A 409 -18.21 18.16 0.73
CA LEU A 409 -17.86 19.47 1.27
C LEU A 409 -19.14 20.19 1.71
N SER A 410 -19.01 21.08 2.69
CA SER A 410 -20.12 21.94 3.12
C SER A 410 -20.01 23.30 2.43
N GLU A 411 -21.09 24.09 2.46
CA GLU A 411 -21.14 25.39 1.77
C GLU A 411 -19.91 26.25 2.06
N ALA A 412 -19.50 26.30 3.34
CA ALA A 412 -18.34 27.06 3.78
C ALA A 412 -17.00 26.50 3.27
N GLU A 413 -16.95 25.19 3.06
CA GLU A 413 -15.76 24.51 2.55
C GLU A 413 -15.53 24.71 1.05
N GLN A 414 -16.61 25.01 0.31
CA GLN A 414 -16.54 25.18 -1.14
C GLN A 414 -15.80 26.46 -1.50
N ALA A 415 -15.04 26.41 -2.59
CA ALA A 415 -14.25 27.57 -3.05
C ALA A 415 -15.09 28.59 -3.83
N THR A 416 -14.61 29.84 -3.85
CA THR A 416 -15.26 30.94 -4.55
C THR A 416 -14.23 31.93 -5.12
N ARG A 417 -14.52 32.45 -6.31
CA ARG A 417 -13.67 33.44 -6.97
C ARG A 417 -14.48 34.30 -7.94
N THR A 418 -14.21 35.60 -7.95
CA THR A 418 -14.90 36.55 -8.81
C THR A 418 -13.91 37.20 -9.78
N MET A 419 -14.35 37.40 -11.02
CA MET A 419 -13.56 38.12 -12.02
C MET A 419 -14.40 39.20 -12.69
N GLN A 420 -13.73 40.11 -13.37
CA GLN A 420 -14.44 41.09 -14.18
C GLN A 420 -13.91 41.04 -15.61
N ALA A 421 -14.84 41.02 -16.56
CA ALA A 421 -14.53 41.14 -17.98
C ALA A 421 -15.17 42.41 -18.55
N LEU A 422 -14.39 43.13 -19.35
CA LEU A 422 -14.81 44.39 -19.92
C LEU A 422 -15.34 44.15 -21.35
N PRO A 423 -16.21 45.06 -21.85
CA PRO A 423 -16.71 44.81 -23.22
C PRO A 423 -15.69 45.12 -24.31
N TYR A 424 -15.62 44.23 -25.30
CA TYR A 424 -14.84 44.45 -26.52
C TYR A 424 -15.49 45.59 -27.31
N SER A 425 -14.76 46.70 -27.42
CA SER A 425 -15.29 47.92 -28.05
C SER A 425 -15.17 47.85 -29.57
N THR A 426 -16.29 48.11 -30.24
CA THR A 426 -16.40 47.99 -31.68
C THR A 426 -15.77 49.17 -32.43
N VAL A 427 -15.53 49.00 -33.74
CA VAL A 427 -14.83 50.04 -34.53
C VAL A 427 -15.48 51.43 -34.48
N GLY A 428 -16.77 51.50 -34.77
CA GLY A 428 -17.49 52.78 -34.76
C GLY A 428 -18.86 52.67 -34.15
N ASN A 429 -18.92 52.10 -32.94
CA ASN A 429 -20.19 51.75 -32.27
C ASN A 429 -21.11 50.99 -33.23
N SER A 430 -20.54 49.95 -33.86
CA SER A 430 -21.23 49.25 -34.95
C SER A 430 -21.92 47.97 -34.52
N ASN A 431 -21.38 47.32 -33.47
CA ASN A 431 -21.88 46.04 -32.96
C ASN A 431 -21.59 44.87 -33.88
N ASN A 432 -20.40 44.87 -34.46
CA ASN A 432 -19.87 43.74 -35.22
C ASN A 432 -18.84 43.01 -34.38
N TYR A 433 -19.10 41.73 -34.13
CA TYR A 433 -18.26 40.92 -33.25
C TYR A 433 -17.91 39.58 -33.87
N LEU A 434 -16.72 39.08 -33.51
CA LEU A 434 -16.33 37.69 -33.76
C LEU A 434 -16.12 36.98 -32.42
N HIS A 435 -16.52 35.71 -32.35
CA HIS A 435 -16.30 34.90 -31.16
C HIS A 435 -15.91 33.46 -31.51
N LEU A 436 -14.74 33.06 -30.99
CA LEU A 436 -14.14 31.75 -31.21
C LEU A 436 -14.32 30.86 -30.00
N SER A 437 -14.48 29.56 -30.23
CA SER A 437 -14.84 28.61 -29.18
C SER A 437 -14.32 27.18 -29.48
N VAL A 438 -13.74 26.54 -28.46
CA VAL A 438 -13.32 25.13 -28.55
C VAL A 438 -13.84 24.37 -27.33
N LEU A 439 -13.79 23.03 -27.37
CA LEU A 439 -13.99 22.21 -26.16
C LEU A 439 -12.67 22.11 -25.38
N ARG A 440 -12.76 21.86 -24.08
CA ARG A 440 -11.59 21.98 -23.18
C ARG A 440 -10.92 20.66 -22.83
N THR A 441 -11.40 19.57 -23.44
CA THR A 441 -10.90 18.21 -23.20
C THR A 441 -9.37 18.04 -23.44
N GLU A 442 -8.82 16.96 -22.89
CA GLU A 442 -7.39 16.61 -23.03
C GLU A 442 -6.99 16.48 -24.50
N LEU A 443 -6.26 17.47 -25.01
CA LEU A 443 -5.89 17.49 -26.43
C LEU A 443 -4.48 16.94 -26.64
N ARG A 444 -4.40 15.81 -27.33
CA ARG A 444 -3.14 15.19 -27.67
C ARG A 444 -2.85 15.43 -29.15
N PRO A 445 -1.58 15.47 -29.56
CA PRO A 445 -1.25 15.49 -30.99
C PRO A 445 -1.72 14.22 -31.71
N GLY A 446 -2.17 14.39 -32.96
CA GLY A 446 -2.74 13.30 -33.75
C GLY A 446 -4.26 13.31 -33.68
N GLU A 447 -4.79 14.34 -33.02
CA GLU A 447 -6.23 14.53 -32.90
C GLU A 447 -6.69 15.73 -33.71
N THR A 448 -7.98 15.73 -34.03
CA THR A 448 -8.64 16.85 -34.70
C THR A 448 -9.35 17.70 -33.65
N LEU A 449 -9.22 19.03 -33.78
CA LEU A 449 -9.91 19.97 -32.90
C LEU A 449 -10.82 20.90 -33.70
N ASN A 450 -12.08 20.97 -33.27
CA ASN A 450 -13.07 21.81 -33.93
C ASN A 450 -13.11 23.24 -33.38
N VAL A 451 -12.85 24.21 -34.26
CA VAL A 451 -12.91 25.62 -33.90
C VAL A 451 -14.20 26.24 -34.45
N ASN A 452 -15.03 26.70 -33.52
CA ASN A 452 -16.29 27.35 -33.84
C ASN A 452 -16.13 28.85 -34.04
N PHE A 453 -16.62 29.34 -35.16
CA PHE A 453 -16.64 30.77 -35.48
C PHE A 453 -18.09 31.24 -35.34
N LEU A 454 -18.29 32.21 -34.46
CA LEU A 454 -19.63 32.68 -34.17
C LEU A 454 -19.73 34.17 -34.47
N LEU A 455 -20.66 34.51 -35.36
CA LEU A 455 -20.76 35.86 -35.88
C LEU A 455 -21.91 36.63 -35.24
N ARG A 456 -21.67 37.91 -34.96
CA ARG A 456 -22.70 38.82 -34.46
C ARG A 456 -22.63 40.16 -35.19
N MET A 457 -23.65 40.39 -36.01
CA MET A 457 -23.89 41.68 -36.67
C MET A 457 -25.35 41.70 -37.07
N ASP A 458 -25.80 42.80 -37.65
CA ASP A 458 -27.20 42.88 -38.05
C ASP A 458 -27.47 42.16 -39.37
N ARG A 459 -28.72 41.71 -39.51
CA ARG A 459 -29.23 41.02 -40.70
C ARG A 459 -28.95 41.73 -42.02
N ALA A 460 -28.90 43.07 -41.96
CA ALA A 460 -28.70 43.91 -43.13
C ALA A 460 -27.24 43.92 -43.60
N HIS A 461 -26.32 43.67 -42.68
CA HIS A 461 -24.90 43.73 -43.02
C HIS A 461 -24.20 42.36 -43.02
N GLU A 462 -24.91 41.33 -42.56
CA GLU A 462 -24.30 39.99 -42.40
C GLU A 462 -23.77 39.32 -43.68
N ALA A 463 -24.43 39.59 -44.82
CA ALA A 463 -24.10 38.94 -46.10
C ALA A 463 -22.74 39.30 -46.67
N LYS A 464 -22.17 40.43 -46.24
CA LYS A 464 -20.86 40.90 -46.71
C LYS A 464 -19.70 39.96 -46.36
N ILE A 465 -19.80 39.26 -45.24
CA ILE A 465 -18.70 38.41 -44.76
C ILE A 465 -18.68 37.04 -45.42
N ARG A 466 -17.70 36.84 -46.32
CA ARG A 466 -17.59 35.58 -47.07
C ARG A 466 -16.44 34.67 -46.59
N TYR A 467 -15.65 35.15 -45.63
CA TYR A 467 -14.59 34.36 -45.00
C TYR A 467 -14.03 34.95 -43.71
N TYR A 468 -13.33 34.11 -42.95
CA TYR A 468 -12.50 34.53 -41.84
C TYR A 468 -11.07 34.07 -42.10
N THR A 469 -10.12 34.94 -41.78
CA THR A 469 -8.72 34.57 -41.76
C THR A 469 -8.38 34.10 -40.35
N TYR A 470 -7.68 32.98 -40.24
CA TYR A 470 -7.20 32.50 -38.95
C TYR A 470 -5.68 32.33 -38.95
N LEU A 471 -5.10 32.36 -37.74
CA LEU A 471 -3.66 32.32 -37.56
C LEU A 471 -3.32 31.46 -36.36
N ILE A 472 -2.35 30.56 -36.55
CA ILE A 472 -1.86 29.69 -35.48
C ILE A 472 -0.47 30.16 -35.05
N MET A 473 -0.37 30.56 -33.79
CA MET A 473 0.89 31.00 -33.21
C MET A 473 1.33 29.97 -32.17
N ASN A 474 2.53 29.44 -32.36
CA ASN A 474 3.13 28.47 -31.45
C ASN A 474 4.62 28.72 -31.26
N LYS A 475 5.05 28.80 -30.00
CA LYS A 475 6.46 28.99 -29.65
C LYS A 475 7.08 30.25 -30.32
N GLY A 476 6.28 31.30 -30.44
CA GLY A 476 6.73 32.62 -30.88
C GLY A 476 6.66 32.88 -32.38
N ARG A 477 6.15 31.91 -33.13
CA ARG A 477 6.11 32.01 -34.59
C ARG A 477 4.77 31.54 -35.17
N LEU A 478 4.50 31.95 -36.40
CA LEU A 478 3.32 31.50 -37.14
C LEU A 478 3.48 30.05 -37.59
N LEU A 479 2.62 29.19 -37.06
CA LEU A 479 2.69 27.77 -37.37
C LEU A 479 1.90 27.44 -38.64
N LYS A 480 0.68 27.96 -38.73
CA LYS A 480 -0.22 27.67 -39.84
C LYS A 480 -1.24 28.81 -40.00
N ALA A 481 -1.53 29.16 -41.25
CA ALA A 481 -2.51 30.20 -41.55
C ALA A 481 -3.38 29.80 -42.73
N GLY A 482 -4.69 30.01 -42.59
CA GLY A 482 -5.63 29.74 -43.68
C GLY A 482 -6.89 30.59 -43.65
N ARG A 483 -7.90 30.14 -44.39
CA ARG A 483 -9.20 30.79 -44.44
C ARG A 483 -10.29 29.81 -44.04
N GLN A 484 -11.28 30.31 -43.31
CA GLN A 484 -12.49 29.57 -43.03
C GLN A 484 -13.64 30.24 -43.78
N VAL A 485 -14.15 29.57 -44.81
CA VAL A 485 -15.19 30.15 -45.68
C VAL A 485 -16.55 30.25 -44.98
N ARG A 486 -17.35 31.21 -45.41
CA ARG A 486 -18.67 31.42 -44.83
C ARG A 486 -19.67 31.89 -45.87
N GLU A 487 -20.86 31.29 -45.84
CA GLU A 487 -21.99 31.70 -46.67
C GLU A 487 -23.03 32.48 -45.85
N PRO A 488 -23.74 33.42 -46.49
CA PRO A 488 -24.70 34.30 -45.80
C PRO A 488 -25.78 33.52 -45.04
N GLY A 489 -26.12 34.00 -43.85
CA GLY A 489 -27.10 33.34 -42.98
C GLY A 489 -26.50 32.43 -41.92
N GLN A 490 -25.26 31.98 -42.12
CA GLN A 490 -24.58 31.06 -41.20
C GLN A 490 -24.05 31.75 -39.95
N ASP A 491 -24.64 31.37 -38.81
CA ASP A 491 -24.19 31.76 -37.50
C ASP A 491 -22.85 31.12 -37.17
N LEU A 492 -22.85 29.79 -37.20
CA LEU A 492 -21.67 28.97 -36.90
C LEU A 492 -21.09 28.35 -38.15
N VAL A 493 -19.77 28.48 -38.30
CA VAL A 493 -19.00 27.66 -39.20
C VAL A 493 -17.89 26.95 -38.41
N VAL A 494 -17.70 25.66 -38.67
CA VAL A 494 -16.74 24.85 -37.92
C VAL A 494 -15.48 24.58 -38.75
N LEU A 495 -14.33 24.81 -38.13
CA LEU A 495 -13.04 24.47 -38.72
C LEU A 495 -12.48 23.22 -38.05
N PRO A 496 -12.14 22.19 -38.86
CA PRO A 496 -11.46 21.01 -38.35
C PRO A 496 -9.93 21.14 -38.42
N LEU A 497 -9.33 21.53 -37.31
CA LEU A 497 -7.89 21.78 -37.24
C LEU A 497 -7.13 20.56 -36.74
N SER A 498 -6.25 20.03 -37.58
CA SER A 498 -5.41 18.86 -37.23
C SER A 498 -4.29 19.28 -36.27
N ILE A 499 -4.19 18.57 -35.14
CA ILE A 499 -3.17 18.85 -34.11
C ILE A 499 -1.98 17.90 -34.22
N THR A 500 -0.80 18.48 -34.43
CA THR A 500 0.45 17.70 -34.55
C THR A 500 1.42 17.98 -33.39
N THR A 501 2.56 17.29 -33.38
CA THR A 501 3.57 17.51 -32.33
C THR A 501 4.17 18.93 -32.39
N ASP A 502 3.93 19.62 -33.51
CA ASP A 502 4.38 20.99 -33.71
C ASP A 502 3.62 21.97 -32.83
N PHE A 503 2.46 21.54 -32.36
CA PHE A 503 1.56 22.35 -31.54
C PHE A 503 1.89 22.23 -30.06
N ILE A 504 2.79 21.28 -29.73
CA ILE A 504 3.16 20.99 -28.34
C ILE A 504 3.95 22.14 -27.71
N PRO A 505 3.50 22.52 -26.49
CA PRO A 505 3.05 22.98 -25.18
C PRO A 505 1.62 23.55 -25.22
N SER A 506 1.39 24.51 -26.12
CA SER A 506 0.16 25.29 -26.22
C SER A 506 0.17 26.04 -27.56
N PHE A 507 -0.95 26.66 -27.88
CA PHE A 507 -1.02 27.55 -29.06
C PHE A 507 -2.17 28.56 -28.96
N ARG A 508 -2.07 29.64 -29.73
CA ARG A 508 -3.13 30.61 -29.86
C ARG A 508 -3.73 30.61 -31.26
N LEU A 509 -5.06 30.71 -31.30
CA LEU A 509 -5.77 30.83 -32.55
C LEU A 509 -6.38 32.23 -32.56
N VAL A 510 -5.95 33.05 -33.52
CA VAL A 510 -6.48 34.41 -33.67
C VAL A 510 -7.08 34.62 -35.07
N ALA A 511 -8.38 34.90 -35.10
CA ALA A 511 -9.12 35.02 -36.34
C ALA A 511 -9.69 36.42 -36.53
N TYR A 512 -9.85 36.83 -37.79
CA TYR A 512 -10.55 38.07 -38.10
C TYR A 512 -11.37 38.03 -39.39
N TYR A 513 -12.34 38.93 -39.48
CA TYR A 513 -12.99 39.24 -40.75
C TYR A 513 -12.94 40.74 -41.00
N THR A 514 -13.10 41.14 -42.26
CA THR A 514 -13.09 42.55 -42.61
C THR A 514 -14.19 42.90 -43.60
N LEU A 515 -14.62 44.16 -43.56
CA LEU A 515 -15.69 44.68 -44.42
C LEU A 515 -15.64 46.21 -44.47
N ILE A 516 -16.33 46.78 -45.45
CA ILE A 516 -16.54 48.23 -45.52
C ILE A 516 -18.00 48.54 -45.11
N GLY A 517 -18.17 48.84 -43.82
CA GLY A 517 -19.48 48.97 -43.19
C GLY A 517 -20.24 50.26 -43.45
N ALA A 518 -21.01 50.70 -42.45
CA ALA A 518 -21.89 51.87 -42.57
C ALA A 518 -21.10 53.19 -42.64
N SER A 519 -21.36 53.95 -43.70
CA SER A 519 -20.68 55.22 -43.99
C SER A 519 -19.17 55.08 -44.26
N GLY A 520 -18.86 54.50 -45.43
CA GLY A 520 -17.54 54.57 -46.06
C GLY A 520 -16.28 54.02 -45.41
N GLN A 521 -16.37 53.61 -44.15
CA GLN A 521 -15.17 53.27 -43.39
C GLN A 521 -14.93 51.75 -43.24
N ARG A 522 -13.74 51.33 -43.66
CA ARG A 522 -13.29 49.94 -43.54
C ARG A 522 -13.14 49.53 -42.05
N GLU A 523 -13.39 48.25 -41.78
CA GLU A 523 -13.44 47.74 -40.40
C GLU A 523 -12.83 46.32 -40.30
N VAL A 524 -12.04 46.08 -39.25
CA VAL A 524 -11.51 44.76 -38.94
C VAL A 524 -12.06 44.29 -37.61
N VAL A 525 -12.66 43.10 -37.57
CA VAL A 525 -13.19 42.52 -36.34
C VAL A 525 -12.47 41.21 -36.00
N ALA A 526 -11.87 41.16 -34.79
CA ALA A 526 -11.03 40.05 -34.37
C ALA A 526 -11.40 39.39 -33.03
N ASP A 527 -11.07 38.10 -32.92
CA ASP A 527 -11.10 37.35 -31.64
C ASP A 527 -9.92 36.39 -31.57
N SER A 528 -9.57 35.99 -30.36
CA SER A 528 -8.55 34.95 -30.14
C SER A 528 -8.90 33.99 -29.00
N VAL A 529 -8.37 32.78 -29.12
CA VAL A 529 -8.50 31.76 -28.11
C VAL A 529 -7.14 31.08 -27.88
N TRP A 530 -6.85 30.76 -26.62
CA TRP A 530 -5.65 30.02 -26.23
C TRP A 530 -6.00 28.55 -25.97
N VAL A 531 -5.18 27.63 -26.48
CA VAL A 531 -5.46 26.20 -26.36
C VAL A 531 -4.27 25.42 -25.82
N ASP A 532 -4.50 24.65 -24.76
CA ASP A 532 -3.47 23.76 -24.22
C ASP A 532 -3.33 22.47 -25.05
N VAL A 533 -2.12 21.91 -25.05
CA VAL A 533 -1.80 20.64 -25.70
C VAL A 533 -1.06 19.76 -24.68
N LYS A 534 -1.40 18.48 -24.63
CA LYS A 534 -0.82 17.60 -23.61
C LYS A 534 0.71 17.49 -23.75
N ASP A 535 1.41 17.63 -22.62
CA ASP A 535 2.86 17.56 -22.59
C ASP A 535 3.39 16.15 -22.86
N SER A 536 4.24 16.04 -23.86
CA SER A 536 5.15 14.91 -24.02
C SER A 536 6.42 15.36 -24.74
N CYS A 537 7.34 14.44 -25.02
CA CYS A 537 8.37 14.69 -26.03
C CYS A 537 7.71 14.69 -27.40
N VAL A 538 8.36 15.33 -28.38
CA VAL A 538 7.93 15.26 -29.76
C VAL A 538 8.13 13.84 -30.24
N GLY A 539 9.25 13.26 -29.86
CA GLY A 539 9.54 11.86 -30.05
C GLY A 539 9.36 11.10 -28.75
N SER A 540 10.21 10.11 -28.53
CA SER A 540 10.03 9.19 -27.42
C SER A 540 11.42 8.79 -26.91
N LEU A 541 11.50 8.45 -25.62
CA LEU A 541 12.72 7.91 -25.03
C LEU A 541 12.38 7.13 -23.78
N VAL A 542 12.78 5.85 -23.78
CA VAL A 542 12.46 4.94 -22.67
C VAL A 542 13.71 4.14 -22.30
N VAL A 543 14.01 4.08 -21.02
CA VAL A 543 15.09 3.23 -20.51
C VAL A 543 14.53 2.08 -19.70
N LYS A 544 14.95 0.87 -20.01
CA LYS A 544 14.54 -0.30 -19.25
C LYS A 544 15.65 -1.36 -19.19
N SER A 545 15.51 -2.30 -18.27
CA SER A 545 16.43 -3.41 -18.18
C SER A 545 15.94 -4.51 -19.08
N GLY A 546 16.81 -5.47 -19.38
CA GLY A 546 16.42 -6.71 -20.01
C GLY A 546 16.01 -7.68 -18.91
N GLN A 547 14.87 -8.33 -19.10
CA GLN A 547 14.15 -9.10 -18.05
C GLN A 547 13.73 -8.24 -16.85
N SER A 548 13.49 -8.88 -15.70
CA SER A 548 13.15 -8.18 -14.44
C SER A 548 11.94 -7.24 -14.54
N GLN A 552 16.56 -9.53 -7.90
CA GLN A 552 17.39 -8.30 -7.98
C GLN A 552 18.85 -8.66 -8.24
N PRO A 553 19.57 -7.82 -9.01
CA PRO A 553 21.00 -8.04 -9.21
C PRO A 553 21.89 -7.85 -7.97
N VAL A 554 23.07 -8.45 -8.05
CA VAL A 554 24.05 -8.51 -6.99
C VAL A 554 25.08 -7.42 -7.32
N PRO A 555 25.82 -6.91 -6.33
CA PRO A 555 26.83 -5.94 -6.71
C PRO A 555 27.85 -6.52 -7.68
N GLY A 556 28.27 -5.71 -8.65
CA GLY A 556 29.26 -6.13 -9.65
C GLY A 556 28.70 -7.00 -10.78
N GLN A 557 27.39 -7.24 -10.73
CA GLN A 557 26.70 -8.06 -11.72
C GLN A 557 26.50 -7.30 -13.01
N GLN A 558 26.78 -7.94 -14.13
CA GLN A 558 26.43 -7.36 -15.43
C GLN A 558 24.93 -7.42 -15.60
N MET A 559 24.41 -6.47 -16.38
CA MET A 559 23.01 -6.44 -16.74
C MET A 559 22.90 -5.73 -18.08
N THR A 560 21.77 -5.92 -18.76
CA THR A 560 21.58 -5.24 -20.03
C THR A 560 20.70 -4.00 -19.87
N LEU A 561 21.20 -2.87 -20.34
CA LEU A 561 20.38 -1.68 -20.42
C LEU A 561 19.80 -1.60 -21.82
N LYS A 562 18.50 -1.37 -21.89
CA LYS A 562 17.77 -1.27 -23.14
C LYS A 562 17.22 0.16 -23.28
N ILE A 563 17.63 0.85 -24.35
CA ILE A 563 17.18 2.23 -24.63
C ILE A 563 16.37 2.33 -25.92
N GLU A 564 15.11 2.71 -25.79
CA GLU A 564 14.21 2.87 -26.92
C GLU A 564 13.96 4.35 -27.17
N GLY A 565 14.26 4.80 -28.38
CA GLY A 565 14.13 6.22 -28.72
C GLY A 565 14.00 6.43 -30.21
N ASP A 566 14.23 7.66 -30.65
CA ASP A 566 14.13 8.00 -32.07
C ASP A 566 15.40 7.61 -32.83
N HIS A 567 15.22 7.33 -34.12
CA HIS A 567 16.35 6.94 -34.98
C HIS A 567 17.31 8.11 -35.23
N GLY A 568 18.61 7.86 -35.05
CA GLY A 568 19.62 8.89 -35.23
C GLY A 568 19.81 9.82 -34.04
N ALA A 569 19.08 9.53 -32.96
CA ALA A 569 19.17 10.34 -31.75
C ALA A 569 20.43 10.04 -30.96
N ARG A 570 21.01 11.11 -30.43
CA ARG A 570 22.09 11.04 -29.47
C ARG A 570 21.45 10.92 -28.07
N VAL A 571 21.88 9.94 -27.30
CA VAL A 571 21.38 9.74 -25.94
C VAL A 571 22.53 9.90 -24.96
N VAL A 572 22.31 10.72 -23.94
CA VAL A 572 23.28 10.94 -22.88
C VAL A 572 22.71 10.42 -21.56
N LEU A 573 23.53 9.69 -20.80
CA LEU A 573 23.10 8.98 -19.59
C LEU A 573 23.82 9.44 -18.30
N VAL A 574 23.13 9.25 -17.16
CA VAL A 574 23.74 9.12 -15.81
C VAL A 574 23.05 8.08 -14.95
N ALA A 575 23.80 7.57 -13.98
CA ALA A 575 23.30 6.77 -12.90
C ALA A 575 23.73 7.42 -11.57
N VAL A 576 22.74 7.70 -10.73
CA VAL A 576 22.94 8.34 -9.43
C VAL A 576 22.43 7.43 -8.30
N ASP A 577 23.23 7.35 -7.25
CA ASP A 577 22.82 6.64 -6.05
C ASP A 577 21.63 7.40 -5.46
N LYS A 578 20.54 6.69 -5.16
CA LYS A 578 19.34 7.35 -4.63
C LYS A 578 19.58 7.98 -3.26
N GLY A 579 20.65 7.55 -2.60
CA GLY A 579 21.14 8.17 -1.37
C GLY A 579 21.43 9.65 -1.50
N VAL A 580 21.73 10.09 -2.72
CA VAL A 580 22.02 11.48 -3.04
C VAL A 580 20.78 12.35 -2.96
N PHE A 581 19.65 11.82 -3.40
CA PHE A 581 18.39 12.57 -3.44
C PHE A 581 17.77 12.70 -2.05
N VAL A 582 18.12 11.77 -1.16
CA VAL A 582 17.76 11.85 0.25
C VAL A 582 18.39 13.08 0.92
N LEU A 583 19.54 13.51 0.43
CA LEU A 583 20.20 14.68 0.97
C LEU A 583 19.76 15.93 0.23
N ASN A 584 19.38 15.75 -1.03
CA ASN A 584 18.99 16.86 -1.90
C ASN A 584 18.32 16.32 -3.16
N LYS A 585 17.07 16.72 -3.37
CA LYS A 585 16.28 16.35 -4.56
C LYS A 585 15.87 17.57 -5.42
N LYS A 586 16.49 18.72 -5.17
CA LYS A 586 16.19 19.95 -5.91
C LYS A 586 16.90 20.02 -7.27
N ASN A 587 16.31 20.77 -8.19
CA ASN A 587 16.94 21.17 -9.45
C ASN A 587 17.10 20.10 -10.52
N LYS A 588 16.47 18.94 -10.37
CA LYS A 588 16.60 17.85 -11.35
C LYS A 588 15.88 18.12 -12.67
N LEU A 589 16.58 17.89 -13.77
CA LEU A 589 16.05 18.03 -15.13
C LEU A 589 14.90 17.08 -15.46
N THR A 590 13.80 17.67 -15.91
CA THR A 590 12.62 16.92 -16.34
C THR A 590 12.07 17.56 -17.59
N GLN A 591 11.38 16.76 -18.40
CA GLN A 591 10.74 17.21 -19.64
C GLN A 591 9.72 18.32 -19.45
N SER A 592 8.97 18.29 -18.34
CA SER A 592 7.94 19.30 -18.11
C SER A 592 8.49 20.60 -17.52
N LYS A 593 9.65 20.55 -16.86
CA LYS A 593 10.39 21.79 -16.54
C LYS A 593 10.83 22.51 -17.81
N ILE A 594 11.28 21.74 -18.80
CA ILE A 594 11.58 22.26 -20.14
C ILE A 594 10.40 23.01 -20.79
N TRP A 595 9.19 22.42 -20.74
CA TRP A 595 8.01 23.01 -21.37
C TRP A 595 7.56 24.27 -20.68
N ASP A 596 7.67 24.29 -19.36
CA ASP A 596 7.35 25.47 -18.58
C ASP A 596 8.22 26.65 -18.99
N VAL A 597 9.48 26.36 -19.32
CA VAL A 597 10.41 27.40 -19.78
C VAL A 597 10.05 27.89 -21.18
N VAL A 598 9.61 26.95 -22.01
CA VAL A 598 9.05 27.27 -23.33
C VAL A 598 7.83 28.21 -23.20
N GLU A 599 6.96 27.94 -22.22
CA GLU A 599 5.74 28.71 -22.01
C GLU A 599 6.00 30.12 -21.47
N LYS A 600 7.02 30.25 -20.62
CA LYS A 600 7.43 31.54 -20.09
C LYS A 600 7.94 32.45 -21.21
N ALA A 601 8.37 31.83 -22.31
CA ALA A 601 8.93 32.55 -23.46
C ALA A 601 7.87 32.97 -24.49
N ASP A 602 6.64 32.48 -24.34
CA ASP A 602 5.53 32.88 -25.21
C ASP A 602 5.51 34.39 -25.42
N ILE A 603 5.33 34.82 -26.66
CA ILE A 603 5.26 36.26 -26.95
C ILE A 603 3.82 36.80 -26.87
N GLY A 604 2.85 35.89 -26.94
CA GLY A 604 1.45 36.21 -26.67
C GLY A 604 1.20 36.28 -25.18
N CYS A 605 0.46 37.29 -24.75
CA CYS A 605 0.45 37.69 -23.35
C CYS A 605 -0.86 37.49 -22.56
N THR A 606 -1.94 37.15 -23.26
CA THR A 606 -3.25 36.90 -22.62
C THR A 606 -3.88 35.55 -23.00
N PRO A 607 -4.91 35.13 -22.23
CA PRO A 607 -5.70 33.93 -22.58
C PRO A 607 -6.58 34.10 -23.81
N GLY A 608 -6.81 35.34 -24.25
CA GLY A 608 -7.54 35.59 -25.49
C GLY A 608 -8.39 36.84 -25.49
N SER A 609 -8.95 37.15 -26.66
CA SER A 609 -9.74 38.38 -26.92
C SER A 609 -8.92 39.65 -26.68
N GLY A 610 -9.61 40.79 -26.54
CA GLY A 610 -8.93 42.05 -26.34
C GLY A 610 -9.85 43.24 -26.18
N LYS A 611 -9.25 44.40 -25.99
CA LYS A 611 -9.93 45.70 -25.85
C LYS A 611 -10.71 46.06 -27.11
N ASP A 612 -10.08 45.76 -28.25
CA ASP A 612 -10.61 46.07 -29.58
C ASP A 612 -9.88 45.15 -30.56
N TYR A 613 -10.01 45.41 -31.86
CA TYR A 613 -9.42 44.54 -32.88
C TYR A 613 -7.89 44.51 -32.78
N ALA A 614 -7.30 45.69 -32.62
CA ALA A 614 -5.86 45.83 -32.48
C ALA A 614 -5.39 45.18 -31.18
N GLY A 615 -6.14 45.39 -30.11
CA GLY A 615 -5.89 44.78 -28.81
C GLY A 615 -5.91 43.26 -28.84
N VAL A 616 -6.76 42.70 -29.70
CA VAL A 616 -6.80 41.25 -29.89
C VAL A 616 -5.51 40.73 -30.50
N PHE A 617 -5.12 41.31 -31.63
CA PHE A 617 -3.93 40.87 -32.38
C PHE A 617 -2.65 40.97 -31.56
N SER A 618 -2.49 42.13 -30.93
CA SER A 618 -1.36 42.47 -30.09
C SER A 618 -1.14 41.49 -28.93
N ASP A 619 -2.20 41.26 -28.12
CA ASP A 619 -2.16 40.37 -26.97
C ASP A 619 -1.85 38.90 -27.31
N ALA A 620 -2.19 38.50 -28.54
CA ALA A 620 -1.88 37.16 -29.06
C ALA A 620 -0.50 37.09 -29.71
N GLY A 621 0.22 38.21 -29.73
CA GLY A 621 1.59 38.26 -30.25
C GLY A 621 1.72 38.52 -31.75
N LEU A 622 0.77 39.27 -32.30
CA LEU A 622 0.76 39.57 -33.74
C LEU A 622 0.67 41.07 -34.03
N THR A 623 1.31 41.48 -35.11
CA THR A 623 1.08 42.80 -35.68
C THR A 623 -0.03 42.70 -36.72
N PHE A 624 -0.78 43.78 -36.87
CA PHE A 624 -1.68 43.94 -38.00
C PHE A 624 -1.50 45.34 -38.57
N THR A 625 -1.41 45.40 -39.90
CA THR A 625 -1.25 46.67 -40.61
C THR A 625 -1.93 46.56 -41.97
N SER A 626 -2.92 47.41 -42.19
CA SER A 626 -3.68 47.42 -43.43
C SER A 626 -3.28 48.61 -44.30
N SER A 627 -3.60 48.52 -45.59
CA SER A 627 -3.35 49.61 -46.54
C SER A 627 -4.23 50.82 -46.26
N SER A 628 -5.44 50.57 -45.77
CA SER A 628 -6.38 51.63 -45.41
C SER A 628 -6.37 51.99 -43.91
N GLY A 629 -5.18 52.00 -43.32
CA GLY A 629 -4.94 52.71 -42.07
C GLY A 629 -5.10 52.01 -40.73
N GLN A 630 -5.92 50.96 -40.68
CA GLN A 630 -6.16 50.25 -39.41
C GLN A 630 -4.99 49.36 -39.04
N GLN A 631 -4.53 49.48 -37.79
CA GLN A 631 -3.28 48.86 -37.37
C GLN A 631 -3.16 48.61 -35.88
N THR A 632 -2.39 47.58 -35.52
CA THR A 632 -1.96 47.36 -34.16
C THR A 632 -0.98 48.46 -33.75
N ALA A 633 -1.06 48.88 -32.49
CA ALA A 633 -0.11 49.84 -31.95
C ALA A 633 1.29 49.24 -31.94
N GLN A 634 2.30 50.08 -31.74
CA GLN A 634 3.66 49.60 -31.74
C GLN A 634 3.98 48.96 -30.41
N ARG A 635 4.58 47.78 -30.45
CA ARG A 635 5.06 47.12 -29.25
C ARG A 635 6.56 47.37 -29.11
N ALA A 636 6.92 48.09 -28.05
CA ALA A 636 8.32 48.42 -27.78
C ALA A 636 8.79 47.81 -26.44
N GLU A 637 8.20 46.67 -26.11
CA GLU A 637 8.47 45.99 -24.84
C GLU A 637 8.64 44.50 -25.11
N LEU A 638 9.79 43.96 -24.67
CA LEU A 638 10.17 42.58 -24.98
C LEU A 638 9.48 41.56 -24.07
N GLN A 639 8.99 42.03 -22.93
CA GLN A 639 8.28 41.19 -21.97
C GLN A 639 6.82 41.63 -21.87
N CYS A 640 5.96 40.71 -21.45
CA CYS A 640 4.56 41.02 -21.22
C CYS A 640 4.39 42.05 -20.09
N PRO A 641 3.29 42.84 -20.13
CA PRO A 641 2.95 43.72 -19.00
C PRO A 641 2.81 42.98 -17.66
N GLN A 642 2.99 43.73 -16.56
CA GLN A 642 2.76 43.20 -15.21
C GLN A 642 1.38 43.58 -14.66
N PRO A 643 0.68 42.62 -14.02
CA PRO A 643 -0.65 42.84 -13.46
C PRO A 643 -0.62 43.31 -12.00
N GLU B 5 39.67 -24.73 10.61
CA GLU B 5 38.23 -24.34 10.80
C GLU B 5 37.48 -24.05 9.51
N ASP B 6 36.23 -24.55 9.45
CA ASP B 6 35.39 -24.45 8.26
C ASP B 6 34.77 -23.06 8.07
N ILE B 7 35.60 -22.12 7.59
CA ILE B 7 35.18 -20.75 7.34
C ILE B 7 36.09 -20.19 6.24
N ILE B 8 35.55 -19.38 5.34
CA ILE B 8 36.35 -18.82 4.23
C ILE B 8 37.54 -17.99 4.76
N ALA B 9 38.73 -18.25 4.22
CA ALA B 9 39.95 -17.50 4.56
C ALA B 9 39.89 -16.05 4.07
N GLU B 10 40.37 -15.14 4.90
CA GLU B 10 40.28 -13.69 4.67
C GLU B 10 40.77 -13.27 3.29
N GLU B 11 41.72 -14.04 2.77
CA GLU B 11 42.39 -13.76 1.50
C GLU B 11 41.59 -14.29 0.31
N ASN B 12 40.56 -15.09 0.60
CA ASN B 12 39.67 -15.61 -0.44
C ASN B 12 38.40 -14.76 -0.52
N ILE B 13 38.48 -13.55 0.04
CA ILE B 13 37.37 -12.60 0.07
C ILE B 13 37.84 -11.31 -0.59
N VAL B 14 37.29 -10.99 -1.75
CA VAL B 14 37.55 -9.71 -2.36
C VAL B 14 36.50 -8.76 -1.84
N SER B 15 36.96 -7.68 -1.23
CA SER B 15 36.10 -6.65 -0.69
C SER B 15 35.45 -5.83 -1.80
N ARG B 16 34.24 -5.36 -1.54
CA ARG B 16 33.57 -4.38 -2.37
C ARG B 16 34.24 -3.02 -2.17
N SER B 17 34.56 -2.35 -3.27
CA SER B 17 35.31 -1.10 -3.16
C SER B 17 34.78 0.03 -4.03
N GLU B 18 33.98 -0.31 -5.04
CA GLU B 18 33.51 0.67 -6.04
C GLU B 18 32.16 1.24 -5.63
N PHE B 19 32.20 2.36 -4.93
CA PHE B 19 31.00 2.99 -4.39
C PHE B 19 30.85 4.45 -4.85
N PRO B 20 30.77 4.69 -6.17
CA PRO B 20 30.63 6.06 -6.64
C PRO B 20 29.21 6.56 -6.42
N GLU B 21 29.05 7.86 -6.23
CA GLU B 21 27.71 8.42 -6.03
C GLU B 21 26.97 8.56 -7.38
N SER B 22 27.74 8.69 -8.45
CA SER B 22 27.23 8.68 -9.81
C SER B 22 28.23 8.03 -10.77
N TRP B 23 27.73 7.59 -11.92
CA TRP B 23 28.52 6.86 -12.94
C TRP B 23 27.66 6.73 -14.20
N LEU B 24 28.09 5.91 -15.16
CA LEU B 24 27.37 5.76 -16.42
C LEU B 24 27.16 7.11 -17.10
N TRP B 25 28.14 8.01 -16.93
CA TRP B 25 28.12 9.30 -17.62
C TRP B 25 28.51 9.01 -19.07
N ASN B 26 27.54 8.54 -19.84
CA ASN B 26 27.80 7.97 -21.16
C ASN B 26 27.03 8.68 -22.26
N VAL B 27 27.55 8.60 -23.47
CA VAL B 27 26.86 9.09 -24.67
C VAL B 27 26.73 7.98 -25.68
N GLU B 28 25.51 7.80 -26.20
CA GLU B 28 25.21 6.70 -27.12
C GLU B 28 24.33 7.16 -28.27
N ASP B 29 24.63 6.68 -29.47
CA ASP B 29 23.80 7.01 -30.64
C ASP B 29 22.90 5.84 -30.99
N LEU B 30 21.63 6.13 -31.29
CA LEU B 30 20.69 5.08 -31.70
C LEU B 30 20.83 4.81 -33.22
N LYS B 31 21.81 3.96 -33.55
CA LYS B 31 22.12 3.59 -34.93
C LYS B 31 21.22 2.47 -35.47
N GLU B 32 21.06 1.41 -34.67
CA GLU B 32 20.22 0.25 -34.99
C GLU B 32 18.98 0.58 -35.83
N PRO B 33 18.80 -0.11 -36.97
CA PRO B 33 17.59 0.02 -37.79
C PRO B 33 16.30 -0.05 -36.98
N PRO B 34 15.45 0.99 -37.10
CA PRO B 34 14.22 1.12 -36.32
C PRO B 34 13.12 0.12 -36.68
N LYS B 35 12.39 -0.31 -35.64
CA LYS B 35 11.16 -1.07 -35.77
C LYS B 35 10.06 -0.16 -35.22
N ASN B 36 9.21 0.35 -36.11
CA ASN B 36 8.18 1.34 -35.77
C ASN B 36 8.76 2.73 -35.46
N GLY B 37 9.80 3.12 -36.19
CA GLY B 37 10.49 4.40 -35.98
C GLY B 37 11.37 4.45 -34.73
N ILE B 38 11.13 3.51 -33.82
CA ILE B 38 11.84 3.39 -32.56
C ILE B 38 13.06 2.48 -32.74
N SER B 39 14.23 3.00 -32.40
CA SER B 39 15.46 2.22 -32.39
C SER B 39 15.83 1.81 -30.97
N THR B 40 16.17 0.53 -30.80
CA THR B 40 16.47 -0.03 -29.49
C THR B 40 17.97 -0.33 -29.34
N LYS B 41 18.64 0.45 -28.51
CA LYS B 41 20.05 0.23 -28.20
C LYS B 41 20.21 -0.69 -26.99
N LEU B 42 21.07 -1.68 -27.14
CA LEU B 42 21.42 -2.54 -26.02
C LEU B 42 22.74 -2.11 -25.45
N MET B 43 22.86 -2.23 -24.13
CA MET B 43 24.02 -1.74 -23.43
C MET B 43 24.44 -2.72 -22.37
N ASN B 44 25.69 -3.12 -22.41
CA ASN B 44 26.24 -4.03 -21.42
C ASN B 44 27.01 -3.24 -20.39
N ILE B 45 26.38 -3.04 -19.23
CA ILE B 45 26.98 -2.33 -18.12
C ILE B 45 27.33 -3.29 -16.99
N PHE B 46 28.27 -2.88 -16.13
CA PHE B 46 28.58 -3.63 -14.92
C PHE B 46 28.20 -2.76 -13.74
N LEU B 47 27.33 -3.29 -12.89
CA LEU B 47 26.88 -2.54 -11.74
C LEU B 47 28.02 -2.31 -10.77
N LYS B 48 28.00 -1.14 -10.15
CA LYS B 48 28.96 -0.82 -9.12
C LYS B 48 28.74 -1.68 -7.85
N ASP B 49 29.56 -1.46 -6.84
CA ASP B 49 29.54 -2.34 -5.66
C ASP B 49 28.55 -1.95 -4.57
N SER B 50 28.00 -0.75 -4.65
CA SER B 50 27.05 -0.25 -3.67
C SER B 50 25.75 -1.05 -3.60
N ILE B 51 25.24 -1.17 -2.38
CA ILE B 51 23.95 -1.79 -2.11
C ILE B 51 22.94 -0.66 -1.91
N THR B 52 22.25 -0.34 -3.00
CA THR B 52 21.28 0.75 -3.09
C THR B 52 20.27 0.48 -4.18
N THR B 53 19.55 1.57 -4.50
CA THR B 53 18.85 1.75 -5.74
C THR B 53 19.59 2.83 -6.53
N TRP B 54 19.91 2.51 -7.79
CA TRP B 54 20.45 3.48 -8.72
C TRP B 54 19.31 4.12 -9.49
N GLU B 55 19.40 5.42 -9.73
CA GLU B 55 18.45 6.07 -10.65
C GLU B 55 19.16 6.43 -11.94
N ILE B 56 18.63 5.92 -13.05
CA ILE B 56 19.20 6.17 -14.37
C ILE B 56 18.38 7.21 -15.13
N LEU B 57 19.06 8.29 -15.52
CA LEU B 57 18.43 9.35 -16.32
C LEU B 57 19.01 9.42 -17.73
N ALA B 58 18.18 9.08 -18.71
CA ALA B 58 18.52 9.26 -20.12
C ALA B 58 17.92 10.56 -20.68
N VAL B 59 18.71 11.27 -21.48
CA VAL B 59 18.24 12.45 -22.21
C VAL B 59 18.66 12.25 -23.66
N SER B 60 17.74 12.40 -24.59
CA SER B 60 18.07 12.25 -26.00
C SER B 60 17.93 13.58 -26.72
N MET B 61 18.72 13.71 -27.78
CA MET B 61 18.70 14.88 -28.65
C MET B 61 18.68 14.44 -30.08
N SER B 62 17.75 15.02 -30.84
CA SER B 62 17.47 14.61 -32.20
C SER B 62 17.40 15.84 -33.10
N ASP B 63 17.94 15.73 -34.30
CA ASP B 63 17.84 16.77 -35.32
C ASP B 63 16.41 17.10 -35.70
N LYS B 64 15.57 16.08 -35.83
CA LYS B 64 14.18 16.30 -36.21
C LYS B 64 13.23 16.44 -35.02
N LYS B 65 13.45 15.67 -33.95
CA LYS B 65 12.49 15.56 -32.84
C LYS B 65 12.83 16.41 -31.62
N GLY B 66 14.06 16.92 -31.58
CA GLY B 66 14.52 17.77 -30.47
C GLY B 66 14.90 17.03 -29.22
N ILE B 67 14.60 17.64 -28.07
CA ILE B 67 15.04 17.14 -26.76
C ILE B 67 13.98 16.32 -26.01
N CYS B 68 14.40 15.20 -25.44
CA CYS B 68 13.51 14.36 -24.66
C CYS B 68 14.18 13.82 -23.41
N VAL B 69 13.67 14.22 -22.25
CA VAL B 69 14.10 13.57 -21.02
C VAL B 69 13.13 12.47 -20.62
N ALA B 70 13.68 11.28 -20.45
CA ALA B 70 12.88 10.11 -20.15
C ALA B 70 12.46 10.16 -18.67
N ASP B 71 11.56 9.26 -18.30
CA ASP B 71 11.23 9.08 -16.91
C ASP B 71 12.42 8.38 -16.31
N PRO B 72 12.70 8.64 -15.01
CA PRO B 72 13.87 7.98 -14.44
C PRO B 72 13.68 6.45 -14.32
N PHE B 73 14.77 5.70 -14.40
CA PHE B 73 14.71 4.25 -14.33
C PHE B 73 15.56 3.76 -13.16
N GLU B 74 14.93 2.96 -12.29
CA GLU B 74 15.53 2.47 -11.05
C GLU B 74 15.96 1.00 -11.12
N VAL B 75 17.17 0.73 -10.63
CA VAL B 75 17.72 -0.62 -10.42
C VAL B 75 18.16 -0.77 -8.96
N THR B 76 17.64 -1.80 -8.28
CA THR B 76 17.99 -2.11 -6.90
C THR B 76 19.04 -3.23 -6.87
N VAL B 77 20.16 -2.95 -6.22
CA VAL B 77 21.26 -3.89 -6.11
C VAL B 77 21.32 -4.34 -4.65
N MET B 78 21.23 -5.66 -4.43
CA MET B 78 20.92 -6.22 -3.12
C MET B 78 21.67 -7.55 -2.92
N GLN B 79 21.97 -7.87 -1.65
CA GLN B 79 22.55 -9.13 -1.18
C GLN B 79 21.85 -9.50 0.14
N ASP B 80 21.88 -10.78 0.49
CA ASP B 80 21.25 -11.29 1.72
C ASP B 80 22.16 -11.17 2.95
N PHE B 81 23.46 -11.30 2.74
CA PHE B 81 24.43 -11.01 3.77
C PHE B 81 25.40 -9.91 3.32
N PHE B 82 25.45 -8.80 4.03
CA PHE B 82 26.42 -7.78 3.70
C PHE B 82 26.82 -6.94 4.89
N ILE B 83 27.99 -6.31 4.77
CA ILE B 83 28.46 -5.31 5.74
C ILE B 83 28.10 -3.90 5.24
N ASP B 84 27.60 -3.06 6.14
CA ASP B 84 27.50 -1.62 5.89
C ASP B 84 28.47 -0.89 6.81
N LEU B 85 29.48 -0.28 6.20
CA LEU B 85 30.57 0.33 6.93
C LEU B 85 30.33 1.83 6.97
N ARG B 86 30.07 2.32 8.17
CA ARG B 86 29.67 3.70 8.40
C ARG B 86 30.87 4.54 8.82
N LEU B 87 31.60 5.04 7.84
CA LEU B 87 32.72 5.92 8.12
C LEU B 87 32.24 7.37 8.18
N PRO B 88 32.89 8.23 9.00
CA PRO B 88 32.54 9.64 8.87
C PRO B 88 33.10 10.26 7.57
N TYR B 89 32.72 11.49 7.28
CA TYR B 89 33.26 12.19 6.11
C TYR B 89 34.75 12.40 6.29
N SER B 90 35.14 12.96 7.43
CA SER B 90 36.54 13.21 7.71
C SER B 90 36.85 13.03 9.18
N VAL B 91 38.15 12.87 9.45
CA VAL B 91 38.64 12.73 10.80
C VAL B 91 39.89 13.57 10.93
N VAL B 92 40.16 14.05 12.14
CA VAL B 92 41.38 14.80 12.40
C VAL B 92 42.49 13.82 12.76
N ARG B 93 43.70 14.08 12.26
CA ARG B 93 44.84 13.22 12.57
C ARG B 93 45.10 13.17 14.07
N ASN B 94 45.26 11.94 14.58
CA ASN B 94 45.58 11.67 16.00
C ASN B 94 44.41 11.73 16.97
N GLU B 95 43.19 11.85 16.45
CA GLU B 95 42.00 11.77 17.29
C GLU B 95 41.44 10.37 17.24
N GLN B 96 41.11 9.84 18.42
CA GLN B 96 40.50 8.52 18.51
C GLN B 96 39.03 8.65 18.14
N VAL B 97 38.58 7.81 17.23
CA VAL B 97 37.17 7.80 16.83
C VAL B 97 36.60 6.40 16.87
N GLU B 98 35.28 6.31 16.92
CA GLU B 98 34.58 5.05 16.81
C GLU B 98 33.82 5.03 15.51
N ILE B 99 34.06 4.00 14.72
CA ILE B 99 33.28 3.73 13.52
C ILE B 99 32.48 2.46 13.73
N ARG B 100 31.44 2.28 12.92
CA ARG B 100 30.57 1.11 13.03
C ARG B 100 30.52 0.32 11.73
N ALA B 101 30.56 -1.00 11.87
CA ALA B 101 30.34 -1.90 10.77
C ALA B 101 29.04 -2.64 11.09
N VAL B 102 27.99 -2.34 10.33
CA VAL B 102 26.70 -2.97 10.56
C VAL B 102 26.53 -4.17 9.62
N LEU B 103 26.27 -5.33 10.21
CA LEU B 103 26.15 -6.57 9.44
C LEU B 103 24.68 -6.90 9.30
N TYR B 104 24.28 -7.14 8.05
CA TYR B 104 22.89 -7.42 7.73
C TYR B 104 22.70 -8.88 7.37
N ASN B 105 21.61 -9.45 7.86
CA ASN B 105 21.20 -10.79 7.51
C ASN B 105 19.73 -10.74 7.09
N TYR B 106 19.50 -10.70 5.78
CA TYR B 106 18.13 -10.67 5.26
C TYR B 106 17.64 -12.05 4.82
N ARG B 107 18.29 -13.10 5.32
CA ARG B 107 17.78 -14.45 5.14
C ARG B 107 16.65 -14.69 6.13
N GLN B 108 15.67 -15.47 5.69
CA GLN B 108 14.41 -15.68 6.40
C GLN B 108 14.52 -16.62 7.60
N ASN B 109 15.28 -17.69 7.46
CA ASN B 109 15.37 -18.74 8.47
C ASN B 109 16.72 -18.87 9.14
N GLN B 110 17.78 -18.81 8.35
CA GLN B 110 19.14 -19.01 8.85
C GLN B 110 19.55 -17.93 9.84
N GLU B 111 19.94 -18.35 11.04
CA GLU B 111 20.73 -17.48 11.91
C GLU B 111 22.19 -17.69 11.53
N LEU B 112 22.98 -16.62 11.57
CA LEU B 112 24.35 -16.66 11.05
C LEU B 112 25.44 -16.52 12.12
N LYS B 113 26.27 -17.55 12.27
CA LYS B 113 27.51 -17.43 13.02
C LYS B 113 28.59 -16.84 12.12
N VAL B 114 29.01 -15.62 12.44
CA VAL B 114 29.96 -14.90 11.58
C VAL B 114 31.24 -14.44 12.26
N ARG B 115 32.33 -14.43 11.52
CA ARG B 115 33.57 -13.87 12.00
C ARG B 115 33.82 -12.55 11.27
N VAL B 116 33.82 -11.45 12.03
CA VAL B 116 34.07 -10.12 11.49
C VAL B 116 35.50 -9.72 11.82
N GLU B 117 36.09 -8.89 10.98
CA GLU B 117 37.48 -8.52 11.17
C GLU B 117 37.77 -7.13 10.64
N LEU B 118 38.43 -6.30 11.46
CA LEU B 118 39.00 -5.07 10.96
C LEU B 118 40.43 -5.36 10.50
N LEU B 119 40.72 -5.03 9.25
CA LEU B 119 42.05 -5.26 8.70
C LEU B 119 43.03 -4.16 9.14
N HIS B 120 44.28 -4.57 9.34
CA HIS B 120 45.37 -3.67 9.72
C HIS B 120 45.71 -2.70 8.59
N ASN B 121 45.77 -1.41 8.93
CA ASN B 121 46.29 -0.38 8.02
C ASN B 121 47.28 0.48 8.80
N PRO B 122 48.55 0.51 8.35
CA PRO B 122 49.60 1.26 9.05
C PRO B 122 49.34 2.76 9.09
N ALA B 123 48.36 3.22 8.31
CA ALA B 123 47.88 4.61 8.37
C ALA B 123 46.97 4.88 9.59
N PHE B 124 46.61 3.80 10.29
CA PHE B 124 45.74 3.86 11.45
C PHE B 124 46.33 3.08 12.60
N CYS B 125 46.04 3.54 13.82
CA CYS B 125 46.30 2.77 15.01
C CYS B 125 44.98 2.10 15.43
N SER B 126 45.04 0.79 15.68
CA SER B 126 43.91 0.02 16.15
C SER B 126 44.42 -1.23 16.88
N LEU B 127 43.52 -2.15 17.23
CA LEU B 127 43.93 -3.39 17.89
C LEU B 127 44.38 -4.43 16.86
N ALA B 128 44.25 -4.08 15.59
CA ALA B 128 44.79 -4.86 14.48
C ALA B 128 46.25 -4.45 14.25
N THR B 129 47.17 -5.40 14.37
CA THR B 129 48.58 -5.16 14.06
C THR B 129 49.00 -5.96 12.82
N THR B 130 50.25 -5.79 12.41
CA THR B 130 50.84 -6.54 11.29
C THR B 130 50.74 -8.04 11.53
N LYS B 131 51.08 -8.46 12.75
CA LYS B 131 51.15 -9.88 13.09
C LYS B 131 50.05 -10.33 14.05
N ARG B 132 48.91 -9.62 14.05
CA ARG B 132 47.80 -9.97 14.94
C ARG B 132 46.45 -9.45 14.43
N ARG B 133 45.50 -10.38 14.29
CA ARG B 133 44.18 -10.08 13.74
C ARG B 133 43.18 -9.59 14.78
N HIS B 134 42.38 -8.60 14.38
CA HIS B 134 41.35 -8.01 15.22
C HIS B 134 39.98 -8.56 14.81
N GLN B 135 39.67 -9.77 15.30
CA GLN B 135 38.47 -10.47 14.88
C GLN B 135 37.48 -10.81 15.99
N GLN B 136 36.20 -10.80 15.64
CA GLN B 136 35.11 -11.09 16.55
C GLN B 136 34.19 -12.11 15.92
N THR B 137 33.68 -13.03 16.74
CA THR B 137 32.65 -13.97 16.31
C THR B 137 31.28 -13.50 16.81
N VAL B 138 30.25 -13.61 15.96
CA VAL B 138 28.92 -13.12 16.30
C VAL B 138 27.84 -14.05 15.73
N THR B 139 26.66 -14.03 16.34
CA THR B 139 25.54 -14.80 15.83
C THR B 139 24.38 -13.84 15.55
N ILE B 140 24.07 -13.65 14.27
CA ILE B 140 23.01 -12.74 13.86
C ILE B 140 21.75 -13.55 13.54
N PRO B 141 20.63 -13.22 14.19
CA PRO B 141 19.37 -13.87 13.83
C PRO B 141 18.90 -13.52 12.41
N PRO B 142 18.00 -14.33 11.85
CA PRO B 142 17.42 -13.98 10.56
C PRO B 142 16.72 -12.62 10.60
N LYS B 143 16.69 -11.93 9.47
CA LYS B 143 15.98 -10.65 9.30
C LYS B 143 16.37 -9.60 10.36
N SER B 144 17.67 -9.45 10.60
CA SER B 144 18.17 -8.48 11.57
C SER B 144 19.58 -8.00 11.25
N SER B 145 20.04 -7.00 12.00
CA SER B 145 21.37 -6.45 11.83
C SER B 145 22.08 -6.31 13.17
N LEU B 146 23.40 -6.20 13.12
CA LEU B 146 24.25 -6.12 14.28
C LEU B 146 25.32 -5.05 14.01
N SER B 147 25.41 -4.05 14.87
CA SER B 147 26.52 -3.10 14.83
C SER B 147 27.77 -3.66 15.50
N VAL B 148 28.88 -3.63 14.79
CA VAL B 148 30.17 -4.03 15.34
C VAL B 148 31.04 -2.77 15.38
N PRO B 149 31.35 -2.26 16.57
CA PRO B 149 32.15 -1.03 16.64
C PRO B 149 33.67 -1.28 16.55
N TYR B 150 34.38 -0.35 15.92
CA TYR B 150 35.85 -0.38 15.86
C TYR B 150 36.43 0.97 16.27
N VAL B 151 37.46 0.94 17.12
CA VAL B 151 38.11 2.21 17.52
C VAL B 151 39.48 2.33 16.85
N ILE B 152 39.64 3.43 16.14
CA ILE B 152 40.81 3.66 15.32
C ILE B 152 41.36 5.05 15.57
N VAL B 153 42.69 5.19 15.48
CA VAL B 153 43.32 6.49 15.49
C VAL B 153 44.04 6.68 14.16
N PRO B 154 43.55 7.61 13.32
CA PRO B 154 44.24 8.03 12.09
C PRO B 154 45.61 8.65 12.36
N LEU B 155 46.67 7.97 11.96
CA LEU B 155 48.04 8.40 12.23
C LEU B 155 48.65 9.21 11.08
N LYS B 156 47.92 9.26 9.96
CA LYS B 156 48.46 9.81 8.73
C LYS B 156 47.38 10.54 7.95
N THR B 157 47.70 11.74 7.48
CA THR B 157 46.74 12.56 6.75
C THR B 157 46.53 12.08 5.30
N GLY B 158 45.45 12.55 4.68
CA GLY B 158 45.14 12.25 3.30
C GLY B 158 43.91 11.37 3.18
N LEU B 159 43.63 10.92 1.96
CA LEU B 159 42.57 9.94 1.75
C LEU B 159 43.06 8.58 2.22
N GLN B 160 42.47 8.08 3.29
CA GLN B 160 42.89 6.81 3.88
C GLN B 160 41.74 5.81 3.86
N GLU B 161 42.05 4.53 4.03
CA GLU B 161 41.10 3.45 3.79
C GLU B 161 40.87 2.56 5.01
N VAL B 162 39.60 2.26 5.28
CA VAL B 162 39.22 1.34 6.34
C VAL B 162 38.59 0.11 5.71
N GLU B 163 39.01 -1.07 6.15
CA GLU B 163 38.54 -2.33 5.57
C GLU B 163 38.08 -3.36 6.59
N VAL B 164 36.90 -3.91 6.35
CA VAL B 164 36.30 -4.91 7.21
C VAL B 164 35.85 -6.09 6.34
N LYS B 165 36.17 -7.31 6.77
CA LYS B 165 35.71 -8.52 6.10
C LYS B 165 34.94 -9.42 7.08
N ALA B 166 33.88 -10.06 6.59
CA ALA B 166 33.10 -11.01 7.38
C ALA B 166 32.89 -12.32 6.61
N ALA B 167 32.58 -13.40 7.32
CA ALA B 167 32.29 -14.69 6.70
C ALA B 167 31.52 -15.58 7.67
N VAL B 168 30.66 -16.46 7.15
CA VAL B 168 29.89 -17.31 8.05
C VAL B 168 30.44 -18.75 8.14
N TYR B 169 30.55 -19.23 9.37
CA TYR B 169 31.01 -20.57 9.65
C TYR B 169 30.16 -21.62 8.96
N HIS B 170 30.82 -22.52 8.26
CA HIS B 170 30.20 -23.72 7.69
C HIS B 170 29.45 -23.47 6.37
N HIS B 171 29.39 -22.22 5.93
CA HIS B 171 28.76 -21.85 4.67
C HIS B 171 29.67 -21.00 3.79
N PHE B 172 29.49 -21.12 2.47
CA PHE B 172 30.21 -20.29 1.52
C PHE B 172 29.52 -18.94 1.38
N ILE B 173 29.47 -18.19 2.47
CA ILE B 173 28.86 -16.85 2.50
C ILE B 173 29.87 -15.87 3.09
N SER B 174 30.08 -14.74 2.42
CA SER B 174 31.05 -13.77 2.89
C SER B 174 30.80 -12.40 2.29
N ASP B 175 31.48 -11.39 2.81
CA ASP B 175 31.46 -10.03 2.26
C ASP B 175 32.66 -9.34 2.83
N GLY B 176 33.14 -8.33 2.11
CA GLY B 176 34.14 -7.41 2.62
C GLY B 176 33.81 -6.06 2.04
N VAL B 177 34.12 -5.00 2.79
CA VAL B 177 33.95 -3.63 2.33
C VAL B 177 35.21 -2.86 2.63
N ARG B 178 35.67 -2.06 1.67
CA ARG B 178 36.70 -1.08 1.92
C ARG B 178 36.28 0.30 1.42
N LYS B 179 36.21 1.27 2.33
CA LYS B 179 35.96 2.66 1.96
C LYS B 179 36.96 3.66 2.53
N SER B 180 36.72 4.92 2.19
CA SER B 180 37.65 6.00 2.41
C SER B 180 37.06 7.06 3.30
N LEU B 181 37.95 7.73 4.03
CA LEU B 181 37.64 8.98 4.70
C LEU B 181 38.85 9.86 4.52
N LYS B 182 38.63 11.16 4.56
CA LYS B 182 39.70 12.13 4.47
C LYS B 182 40.25 12.39 5.86
N VAL B 183 41.57 12.28 6.02
CA VAL B 183 42.22 12.61 7.28
C VAL B 183 42.88 13.97 7.20
N VAL B 184 42.45 14.87 8.06
CA VAL B 184 42.88 16.27 8.03
C VAL B 184 43.83 16.62 9.19
N PRO B 185 44.74 17.59 8.96
CA PRO B 185 45.66 18.04 10.01
C PRO B 185 44.96 18.72 11.20
N GLU B 186 45.62 18.66 12.36
CA GLU B 186 45.12 19.26 13.59
C GLU B 186 45.15 20.79 13.57
N GLY B 187 46.35 21.37 13.69
CA GLY B 187 46.51 22.84 13.70
C GLY B 187 47.41 23.39 14.79
N ILE B 188 46.79 24.05 15.77
CA ILE B 188 47.51 24.71 16.87
C ILE B 188 47.61 23.83 18.12
N THR C 37 35.88 17.66 20.33
CA THR C 37 35.65 18.88 21.16
C THR C 37 34.21 18.93 21.64
N CYS C 38 34.03 19.22 22.93
CA CYS C 38 32.68 19.20 23.54
C CYS C 38 32.31 20.54 24.16
N ASN C 39 31.94 21.50 23.32
CA ASN C 39 31.55 22.82 23.78
C ASN C 39 30.04 23.00 23.91
N LYS C 40 29.30 21.90 23.72
CA LYS C 40 27.85 21.89 23.88
C LYS C 40 27.39 20.88 24.94
N PHE C 41 28.24 19.91 25.24
CA PHE C 41 27.98 18.91 26.28
C PHE C 41 29.25 18.60 27.07
N ASP C 42 29.13 18.54 28.39
CA ASP C 42 30.16 17.91 29.21
C ASP C 42 29.78 16.44 29.40
N LEU C 43 30.73 15.56 29.12
CA LEU C 43 30.50 14.12 29.25
C LEU C 43 31.60 13.47 30.06
N LYS C 44 31.21 12.71 31.07
CA LYS C 44 32.15 12.01 31.93
C LYS C 44 31.77 10.54 32.02
N VAL C 45 32.72 9.67 31.65
CA VAL C 45 32.47 8.22 31.59
C VAL C 45 33.54 7.45 32.37
N THR C 46 33.09 6.75 33.42
CA THR C 46 33.96 5.89 34.24
C THR C 46 33.50 4.43 34.19
N ILE C 47 34.46 3.52 34.18
CA ILE C 47 34.19 2.08 34.29
C ILE C 47 35.00 1.47 35.44
N LYS C 48 34.30 0.92 36.43
CA LYS C 48 34.93 0.36 37.63
C LYS C 48 34.45 -1.08 37.90
N PRO C 49 35.30 -1.91 38.52
CA PRO C 49 34.88 -3.27 38.91
C PRO C 49 33.81 -3.20 39.99
N ALA C 50 32.83 -4.09 39.91
CA ALA C 50 31.72 -4.14 40.88
C ALA C 50 32.24 -4.42 42.29
N PRO C 51 31.86 -3.57 43.26
CA PRO C 51 32.32 -3.72 44.64
C PRO C 51 31.39 -4.60 45.46
N LYS C 61 32.96 -13.75 38.17
CA LYS C 61 32.83 -14.00 36.73
C LYS C 61 33.11 -12.76 35.86
N ASN C 62 33.81 -11.79 36.44
CA ASN C 62 34.16 -10.51 35.78
C ASN C 62 32.92 -9.65 35.47
N THR C 63 32.54 -8.82 36.42
CA THR C 63 31.38 -7.93 36.33
C THR C 63 31.80 -6.54 36.80
N MET C 64 31.49 -5.53 35.99
CA MET C 64 31.89 -4.15 36.28
C MET C 64 30.68 -3.23 36.19
N ILE C 65 30.83 -1.99 36.66
CA ILE C 65 29.75 -1.00 36.61
C ILE C 65 30.17 0.19 35.77
N LEU C 66 29.38 0.46 34.71
CA LEU C 66 29.60 1.64 33.88
C LEU C 66 28.75 2.81 34.34
N GLU C 67 29.41 3.94 34.56
CA GLU C 67 28.78 5.18 35.03
C GLU C 67 29.00 6.29 34.01
N ILE C 68 27.90 6.91 33.58
CA ILE C 68 27.91 7.99 32.62
C ILE C 68 27.25 9.20 33.26
N CYS C 69 27.96 10.32 33.29
CA CYS C 69 27.42 11.57 33.83
C CYS C 69 27.54 12.68 32.78
N THR C 70 26.44 13.39 32.54
CA THR C 70 26.36 14.35 31.43
C THR C 70 25.74 15.69 31.82
N ARG C 71 26.23 16.76 31.19
CA ARG C 71 25.81 18.11 31.49
C ARG C 71 25.66 18.88 30.18
N TYR C 72 24.50 19.49 29.97
CA TYR C 72 24.33 20.37 28.82
C TYR C 72 25.00 21.70 29.06
N ARG C 73 25.86 22.12 28.12
CA ARG C 73 26.62 23.36 28.27
C ARG C 73 25.97 24.54 27.53
N GLY C 74 24.71 24.80 27.86
CA GLY C 74 23.96 25.92 27.29
C GLY C 74 23.11 26.65 28.32
N ASP C 75 22.31 27.62 27.85
CA ASP C 75 21.51 28.49 28.72
C ASP C 75 20.38 27.76 29.45
N GLN C 76 19.61 26.97 28.70
CA GLN C 76 18.53 26.17 29.23
C GLN C 76 18.94 24.70 29.24
N ASP C 77 17.99 23.83 29.56
CA ASP C 77 18.18 22.40 29.38
C ASP C 77 18.16 22.09 27.89
N ALA C 78 18.81 21.00 27.49
CA ALA C 78 18.62 20.48 26.15
C ALA C 78 17.31 19.72 26.16
N THR C 79 16.53 19.86 25.10
CA THR C 79 15.38 18.99 24.88
C THR C 79 15.91 17.59 24.54
N MET C 80 15.12 16.78 23.84
CA MET C 80 15.44 15.38 23.63
C MET C 80 16.86 15.17 23.11
N SER C 81 17.57 14.25 23.77
CA SER C 81 18.97 13.99 23.51
C SER C 81 19.25 12.49 23.49
N ILE C 82 20.40 12.12 22.93
CA ILE C 82 20.74 10.74 22.67
C ILE C 82 22.06 10.38 23.35
N LEU C 83 22.06 9.24 24.06
CA LEU C 83 23.30 8.62 24.51
C LEU C 83 23.52 7.34 23.69
N ASP C 84 24.48 7.40 22.77
CA ASP C 84 24.87 6.26 21.94
C ASP C 84 26.07 5.57 22.60
N ILE C 85 25.86 4.33 23.05
CA ILE C 85 26.85 3.62 23.87
C ILE C 85 27.27 2.32 23.18
N SER C 86 28.57 2.17 22.99
CA SER C 86 29.10 0.88 22.55
C SER C 86 29.84 0.20 23.70
N MET C 87 29.77 -1.12 23.73
CA MET C 87 30.32 -1.92 24.82
C MET C 87 31.77 -2.32 24.57
N MET C 88 32.48 -2.66 25.65
CA MET C 88 33.82 -3.24 25.57
C MET C 88 33.71 -4.66 25.05
N THR C 89 34.69 -5.11 24.28
CA THR C 89 34.69 -6.45 23.70
C THR C 89 34.29 -7.53 24.71
N GLY C 90 33.22 -8.25 24.40
CA GLY C 90 32.76 -9.35 25.24
C GLY C 90 31.96 -8.94 26.46
N PHE C 91 31.50 -7.70 26.49
CA PHE C 91 30.70 -7.20 27.59
C PHE C 91 29.26 -6.87 27.18
N ALA C 92 28.31 -7.20 28.04
CA ALA C 92 26.89 -6.85 27.83
C ALA C 92 26.23 -6.40 29.13
N PRO C 93 25.38 -5.34 29.06
CA PRO C 93 24.74 -4.80 30.26
C PRO C 93 23.69 -5.73 30.84
N ASP C 94 23.44 -5.60 32.15
CA ASP C 94 22.42 -6.37 32.83
C ASP C 94 21.07 -5.89 32.34
N THR C 95 20.21 -6.83 31.96
CA THR C 95 18.91 -6.52 31.35
C THR C 95 17.95 -5.86 32.33
N ASP C 96 18.02 -6.27 33.60
CA ASP C 96 17.18 -5.69 34.65
C ASP C 96 17.67 -4.32 35.11
N ASP C 97 18.97 -4.05 34.94
CA ASP C 97 19.53 -2.73 35.21
C ASP C 97 19.06 -1.69 34.20
N LEU C 98 19.06 -2.06 32.92
CA LEU C 98 18.52 -1.21 31.86
C LEU C 98 17.03 -0.94 32.08
N LYS C 99 16.31 -1.96 32.55
CA LYS C 99 14.88 -1.84 32.89
C LYS C 99 14.62 -0.90 34.05
N GLN C 100 15.58 -0.79 34.97
CA GLN C 100 15.51 0.21 36.04
C GLN C 100 15.71 1.63 35.51
N LEU C 101 16.72 1.81 34.66
CA LEU C 101 16.98 3.10 34.00
C LEU C 101 15.86 3.50 33.06
N ALA C 102 15.33 2.52 32.32
CA ALA C 102 14.22 2.72 31.37
C ALA C 102 12.96 3.19 32.06
N ASN C 103 12.65 2.59 33.20
CA ASN C 103 11.46 2.95 33.96
C ASN C 103 11.65 4.17 34.87
N GLY C 104 12.81 4.82 34.74
CA GLY C 104 13.05 6.12 35.36
C GLY C 104 12.43 7.22 34.54
N VAL C 105 11.82 8.21 35.22
CA VAL C 105 11.20 9.37 34.56
C VAL C 105 12.22 10.13 33.71
N ASP C 106 11.82 10.51 32.49
CA ASP C 106 12.64 11.28 31.54
C ASP C 106 13.76 10.50 30.85
N ARG C 107 13.68 9.18 30.90
CA ARG C 107 14.53 8.33 30.08
C ARG C 107 13.68 7.42 29.24
N TYR C 108 14.18 7.06 28.07
CA TYR C 108 13.52 6.08 27.23
C TYR C 108 14.51 5.08 26.68
N ILE C 109 14.19 3.80 26.86
CA ILE C 109 14.91 2.70 26.23
C ILE C 109 13.87 1.80 25.57
N SER C 110 13.82 1.81 24.24
CA SER C 110 12.85 1.03 23.47
C SER C 110 12.76 -0.44 23.90
N LYS C 111 11.59 -1.04 23.74
CA LYS C 111 11.41 -2.46 24.10
C LYS C 111 12.18 -3.39 23.17
N TYR C 112 12.36 -2.98 21.91
CA TYR C 112 13.24 -3.67 20.96
C TYR C 112 14.59 -3.93 21.60
N GLU C 113 15.09 -2.92 22.31
CA GLU C 113 16.34 -2.99 23.03
C GLU C 113 16.25 -3.91 24.24
N LEU C 114 15.13 -3.81 24.97
CA LEU C 114 15.03 -4.43 26.30
C LEU C 114 14.86 -5.95 26.32
N ASP C 115 14.02 -6.48 25.43
CA ASP C 115 13.85 -7.93 25.33
C ASP C 115 14.86 -8.60 24.38
N LYS C 116 15.98 -7.90 24.12
CA LYS C 116 17.12 -8.46 23.39
C LYS C 116 17.79 -9.58 24.18
N ALA C 117 18.35 -10.54 23.46
CA ALA C 117 19.17 -11.57 24.07
C ALA C 117 20.45 -10.93 24.59
N PHE C 118 20.60 -10.95 25.91
CA PHE C 118 21.76 -10.36 26.61
C PHE C 118 22.99 -10.13 25.75
N SER C 119 23.45 -11.20 25.08
CA SER C 119 24.75 -11.23 24.41
C SER C 119 24.83 -10.56 23.03
N ASP C 120 23.68 -10.20 22.45
CA ASP C 120 23.65 -9.51 21.13
C ASP C 120 23.66 -7.99 21.26
N ARG C 121 24.04 -7.49 22.43
CA ARG C 121 24.02 -6.06 22.74
C ARG C 121 25.42 -5.46 22.82
N ASN C 122 26.07 -5.29 21.66
CA ASN C 122 27.32 -4.55 21.62
C ASN C 122 27.15 -3.03 21.56
N THR C 123 25.94 -2.59 21.25
CA THR C 123 25.61 -1.16 21.25
C THR C 123 24.19 -0.95 21.75
N LEU C 124 23.94 0.17 22.44
CA LEU C 124 22.59 0.60 22.75
C LEU C 124 22.42 2.13 22.78
N ILE C 125 21.19 2.58 22.54
CA ILE C 125 20.82 3.98 22.72
C ILE C 125 19.95 4.15 23.96
N ILE C 126 20.27 5.17 24.74
CA ILE C 126 19.40 5.62 25.80
C ILE C 126 18.92 7.00 25.40
N TYR C 127 17.59 7.16 25.33
CA TYR C 127 16.99 8.42 24.98
C TYR C 127 16.72 9.24 26.22
N LEU C 128 17.18 10.49 26.22
CA LEU C 128 16.93 11.40 27.32
C LEU C 128 15.93 12.46 26.88
N ASP C 129 14.91 12.66 27.69
CA ASP C 129 13.87 13.65 27.43
C ASP C 129 14.40 15.07 27.66
N LYS C 130 15.48 15.15 28.43
CA LYS C 130 16.15 16.42 28.75
C LYS C 130 17.52 16.17 29.38
N VAL C 131 18.41 17.16 29.24
CA VAL C 131 19.71 17.16 29.90
C VAL C 131 19.80 18.45 30.69
N SER C 132 20.04 18.33 32.01
CA SER C 132 20.16 19.47 32.91
C SER C 132 21.41 20.31 32.61
N HIS C 133 21.27 21.62 32.75
CA HIS C 133 22.37 22.55 32.51
C HIS C 133 23.08 22.96 33.81
N SER C 134 22.47 22.63 34.94
CA SER C 134 22.94 23.07 36.26
C SER C 134 23.82 22.04 36.97
N GLU C 135 23.48 20.76 36.84
CA GLU C 135 24.28 19.67 37.42
C GLU C 135 24.42 18.48 36.47
N ASP C 136 25.36 17.58 36.78
CA ASP C 136 25.59 16.37 35.99
C ASP C 136 24.45 15.37 36.14
N ASP C 137 23.80 15.05 35.02
CA ASP C 137 22.75 14.03 35.01
C ASP C 137 23.38 12.67 34.83
N CYS C 138 23.32 11.86 35.89
CA CYS C 138 24.06 10.59 35.91
C CYS C 138 23.19 9.35 35.69
N LEU C 139 23.80 8.32 35.10
CA LEU C 139 23.23 6.98 35.10
C LEU C 139 24.31 5.92 35.28
N ALA C 140 23.91 4.74 35.74
CA ALA C 140 24.83 3.64 35.98
C ALA C 140 24.17 2.30 35.69
N PHE C 141 24.96 1.37 35.15
CA PHE C 141 24.50 -0.01 34.96
C PHE C 141 25.64 -1.03 34.95
N LYS C 142 25.34 -2.23 35.44
CA LYS C 142 26.30 -3.34 35.45
C LYS C 142 26.51 -3.89 34.04
N VAL C 143 27.73 -4.37 33.79
CA VAL C 143 28.07 -5.00 32.52
C VAL C 143 28.82 -6.29 32.81
N HIS C 144 28.41 -7.39 32.18
CA HIS C 144 28.99 -8.70 32.44
C HIS C 144 29.88 -9.18 31.29
N GLN C 145 31.01 -9.79 31.64
CA GLN C 145 31.89 -10.38 30.65
C GLN C 145 31.42 -11.80 30.29
N TYR C 146 30.54 -11.90 29.29
CA TYR C 146 30.04 -13.18 28.79
C TYR C 146 31.07 -13.89 27.90
N PHE C 147 32.01 -13.12 27.36
CA PHE C 147 33.08 -13.66 26.53
C PHE C 147 34.42 -13.19 27.04
N ASN C 148 35.28 -14.16 27.40
CA ASN C 148 36.62 -13.87 27.90
C ASN C 148 37.64 -13.89 26.77
N VAL C 149 38.12 -12.71 26.40
CA VAL C 149 39.18 -12.58 25.40
C VAL C 149 40.30 -11.69 25.93
N GLU C 150 41.54 -12.05 25.62
CA GLU C 150 42.69 -11.19 25.92
C GLU C 150 42.68 -10.01 24.95
N LEU C 151 43.07 -8.84 25.45
CA LEU C 151 42.94 -7.56 24.72
C LEU C 151 41.49 -7.22 24.38
N ILE C 152 40.91 -6.33 25.19
CA ILE C 152 39.55 -5.86 24.97
C ILE C 152 39.55 -4.41 24.53
N GLN C 153 38.73 -4.11 23.53
CA GLN C 153 38.65 -2.80 22.91
C GLN C 153 37.85 -1.84 23.78
N PRO C 154 38.32 -0.59 23.91
CA PRO C 154 37.59 0.39 24.70
C PRO C 154 36.16 0.56 24.21
N GLY C 155 35.23 0.74 25.14
CA GLY C 155 33.88 1.14 24.79
C GLY C 155 33.82 2.64 24.55
N ALA C 156 32.67 3.13 24.11
CA ALA C 156 32.50 4.53 23.78
C ALA C 156 31.09 4.95 24.16
N VAL C 157 30.94 6.23 24.48
CA VAL C 157 29.66 6.85 24.74
C VAL C 157 29.63 8.16 23.96
N LYS C 158 28.53 8.41 23.25
CA LYS C 158 28.31 9.68 22.56
C LYS C 158 26.96 10.31 22.92
N VAL C 159 27.00 11.60 23.23
CA VAL C 159 25.81 12.40 23.55
C VAL C 159 25.61 13.52 22.53
N TYR C 160 24.35 13.73 22.13
CA TYR C 160 23.96 14.82 21.23
C TYR C 160 22.45 15.06 21.27
N ALA C 161 22.04 16.29 20.93
CA ALA C 161 20.62 16.64 20.83
C ALA C 161 20.10 16.22 19.46
N TYR C 162 18.84 15.75 19.41
CA TYR C 162 18.26 15.22 18.17
C TYR C 162 18.48 16.09 16.93
N TYR C 163 18.45 17.41 17.11
CA TYR C 163 18.43 18.35 15.98
C TYR C 163 19.82 18.73 15.48
N ASN C 164 20.86 18.29 16.17
CA ASN C 164 22.22 18.62 15.76
C ASN C 164 23.19 17.52 16.17
N LEU C 165 23.38 16.56 15.26
CA LEU C 165 24.35 15.48 15.43
C LEU C 165 25.79 15.94 15.24
N GLU C 166 25.99 16.93 14.38
CA GLU C 166 27.33 17.45 14.07
C GLU C 166 28.02 17.97 15.34
N GLU C 167 27.23 18.51 16.27
CA GLU C 167 27.72 19.00 17.55
C GLU C 167 27.54 17.94 18.64
N SER C 168 28.52 17.06 18.78
CA SER C 168 28.41 15.90 19.67
C SER C 168 29.66 15.68 20.52
N CYS C 169 29.51 14.83 21.53
CA CYS C 169 30.60 14.52 22.43
C CYS C 169 30.80 13.02 22.63
N THR C 170 32.03 12.58 22.42
CA THR C 170 32.42 11.19 22.59
C THR C 170 33.50 11.06 23.65
N ARG C 171 33.24 10.20 24.64
CA ARG C 171 34.27 9.77 25.59
C ARG C 171 34.41 8.26 25.48
N PHE C 172 35.63 7.78 25.69
CA PHE C 172 35.92 6.37 25.61
C PHE C 172 36.17 5.82 27.00
N TYR C 173 36.05 4.50 27.17
CA TYR C 173 36.29 3.86 28.46
C TYR C 173 36.88 2.45 28.35
N HIS C 174 37.77 2.13 29.28
CA HIS C 174 38.46 0.85 29.34
C HIS C 174 38.88 0.59 30.79
N PRO C 175 38.88 -0.68 31.24
CA PRO C 175 39.24 -1.03 32.62
C PRO C 175 40.70 -0.74 33.03
N GLU C 176 41.57 -0.45 32.07
CA GLU C 176 43.00 -0.30 32.34
C GLU C 176 43.67 0.87 31.63
N LYS C 177 42.88 1.68 30.92
CA LYS C 177 43.43 2.78 30.12
C LYS C 177 43.00 4.13 30.64
N GLU C 178 43.94 5.07 30.66
CA GLU C 178 43.67 6.47 30.97
C GLU C 178 42.77 7.07 29.88
N ASP C 179 41.54 7.44 30.29
CA ASP C 179 40.56 8.05 29.39
C ASP C 179 40.15 7.17 28.19
N GLY C 180 40.27 5.85 28.35
CA GLY C 180 39.91 4.87 27.32
C GLY C 180 40.62 5.02 25.98
N LYS C 181 41.86 5.49 26.02
CA LYS C 181 42.61 5.79 24.81
C LYS C 181 43.60 4.69 24.44
N LEU C 182 43.65 4.37 23.15
CA LEU C 182 44.61 3.41 22.64
C LEU C 182 45.99 3.98 22.85
N ASN C 183 46.92 3.12 23.25
CA ASN C 183 48.27 3.56 23.50
C ASN C 183 48.99 3.93 22.21
N LYS C 184 49.59 5.11 22.24
CA LYS C 184 50.43 5.59 21.15
C LYS C 184 51.53 6.47 21.73
N LEU C 185 52.62 6.61 20.99
CA LEU C 185 53.69 7.49 21.39
C LEU C 185 53.81 8.66 20.42
N CYS C 186 53.55 9.85 20.94
CA CYS C 186 53.48 11.04 20.11
C CYS C 186 54.62 12.02 20.41
N ARG C 187 55.18 12.58 19.34
CA ARG C 187 56.19 13.62 19.42
C ARG C 187 55.78 14.75 18.50
N ASP C 188 55.28 15.83 19.10
CA ASP C 188 54.67 16.95 18.39
C ASP C 188 53.43 16.52 17.59
N GLU C 189 53.61 16.20 16.31
CA GLU C 189 52.49 15.87 15.42
C GLU C 189 52.49 14.41 14.93
N LEU C 190 53.67 13.82 14.79
CA LEU C 190 53.82 12.40 14.43
C LEU C 190 53.45 11.51 15.62
N CYS C 191 52.80 10.39 15.33
CA CYS C 191 52.52 9.37 16.35
C CYS C 191 52.77 7.96 15.85
N ARG C 192 53.17 7.09 16.77
CA ARG C 192 53.36 5.66 16.47
C ARG C 192 52.53 4.83 17.43
N CYS C 193 51.85 3.83 16.88
CA CYS C 193 50.92 3.00 17.64
C CYS C 193 51.67 2.12 18.64
N ALA C 194 51.22 2.14 19.90
CA ALA C 194 51.83 1.33 20.95
C ALA C 194 50.95 0.14 21.32
N GLU C 195 50.00 -0.19 20.45
CA GLU C 195 49.11 -1.32 20.65
C GLU C 195 49.71 -2.61 20.09
N GLU C 196 50.93 -2.46 19.57
CA GLU C 196 51.85 -3.58 19.35
C GLU C 196 51.85 -4.56 20.53
N ASN C 197 52.25 -5.80 20.26
CA ASN C 197 52.51 -6.81 21.30
C ASN C 197 53.55 -6.30 22.32
N CYS C 198 53.45 -6.75 23.56
CA CYS C 198 54.26 -6.19 24.66
C CYS C 198 55.72 -6.68 24.69
N PHE C 199 55.88 -7.99 24.52
CA PHE C 199 57.19 -8.64 24.46
C PHE C 199 57.08 -10.02 23.79
N ILE C 200 58.24 -10.59 23.41
CA ILE C 200 58.28 -11.85 22.64
C ILE C 200 57.94 -13.05 23.52
N GLN C 201 56.91 -13.80 23.11
CA GLN C 201 56.44 -15.02 23.79
C GLN C 201 56.57 -15.00 25.31
N VAL C 207 61.17 -21.67 26.97
CA VAL C 207 62.44 -21.20 26.45
C VAL C 207 63.55 -22.23 26.59
N THR C 208 64.44 -22.27 25.61
CA THR C 208 65.64 -23.11 25.66
C THR C 208 66.86 -22.34 25.13
N LEU C 209 68.03 -22.97 25.18
CA LEU C 209 69.25 -22.42 24.59
C LEU C 209 69.16 -22.54 23.07
N GLU C 210 70.18 -22.05 22.37
CA GLU C 210 70.23 -22.06 20.88
C GLU C 210 69.24 -21.09 20.23
N GLU C 211 67.99 -21.13 20.68
CA GLU C 211 66.94 -20.24 20.19
C GLU C 211 67.24 -18.76 20.48
N ARG C 212 67.77 -18.49 21.67
CA ARG C 212 68.16 -17.13 22.08
C ARG C 212 69.29 -16.58 21.22
N LEU C 213 70.33 -17.43 21.02
CA LEU C 213 71.54 -17.06 20.28
C LEU C 213 71.25 -16.76 18.81
N ASP C 214 70.32 -17.55 18.24
CA ASP C 214 69.84 -17.33 16.87
C ASP C 214 69.07 -16.01 16.77
N LYS C 215 68.28 -15.69 17.79
CA LYS C 215 67.45 -14.49 17.80
C LYS C 215 68.25 -13.20 17.99
N ALA C 216 69.18 -13.22 18.94
CA ALA C 216 69.87 -11.99 19.37
C ALA C 216 70.97 -11.52 18.42
N CYS C 217 71.29 -12.41 17.40
CA CYS C 217 72.44 -12.11 16.52
C CYS C 217 72.06 -11.48 15.19
N GLU C 218 70.79 -11.17 15.04
CA GLU C 218 70.30 -10.43 13.88
C GLU C 218 70.84 -9.00 13.93
N PRO C 219 71.26 -8.46 12.77
CA PRO C 219 71.57 -7.03 12.63
C PRO C 219 70.45 -6.13 13.19
N GLY C 220 69.19 -6.60 13.08
CA GLY C 220 68.03 -5.91 13.64
C GLY C 220 68.04 -5.76 15.16
N VAL C 221 69.04 -6.60 15.79
CA VAL C 221 69.14 -6.54 17.28
C VAL C 221 70.45 -5.77 17.73
N ASP C 222 70.17 -4.47 18.02
CA ASP C 222 71.26 -3.50 18.25
C ASP C 222 71.92 -3.67 19.63
N TYR C 223 71.11 -4.03 20.64
CA TYR C 223 71.61 -4.20 22.01
C TYR C 223 71.13 -5.49 22.64
N VAL C 224 71.93 -6.02 23.55
CA VAL C 224 71.59 -7.14 24.43
C VAL C 224 72.20 -6.79 25.79
N TYR C 225 71.37 -6.70 26.83
CA TYR C 225 71.84 -6.27 28.15
C TYR C 225 71.49 -7.21 29.28
N LYS C 226 72.36 -7.29 30.28
CA LYS C 226 71.96 -7.73 31.60
C LYS C 226 71.66 -6.47 32.41
N THR C 227 70.47 -6.42 32.99
CA THR C 227 70.03 -5.21 33.66
C THR C 227 69.61 -5.43 35.11
N ARG C 228 69.69 -4.36 35.90
CA ARG C 228 69.06 -4.35 37.21
C ARG C 228 67.99 -3.27 37.19
N LEU C 229 66.79 -3.61 37.62
CA LEU C 229 65.73 -2.62 37.74
C LEU C 229 65.94 -1.79 39.01
N VAL C 230 66.28 -0.53 38.80
CA VAL C 230 66.65 0.40 39.85
C VAL C 230 65.44 1.15 40.44
N LYS C 231 64.58 1.69 39.57
CA LYS C 231 63.31 2.28 40.01
C LYS C 231 62.19 2.07 39.01
N VAL C 232 61.04 1.66 39.52
CA VAL C 232 59.81 1.57 38.72
C VAL C 232 59.00 2.86 38.88
N GLN C 233 58.74 3.56 37.78
CA GLN C 233 57.95 4.79 37.78
C GLN C 233 56.60 4.63 37.06
N LEU C 234 55.60 4.18 37.82
CA LEU C 234 54.27 3.94 37.30
C LEU C 234 53.48 5.23 37.07
N SER C 235 52.82 5.31 35.92
CA SER C 235 51.88 6.41 35.65
C SER C 235 50.57 5.89 35.05
N ASN C 236 49.76 6.80 34.53
CA ASN C 236 48.41 6.48 34.03
C ASN C 236 48.36 5.83 32.63
N ASP C 237 49.42 6.01 31.85
CA ASP C 237 49.48 5.46 30.49
C ASP C 237 50.76 4.67 30.20
N PHE C 238 51.91 5.30 30.39
CA PHE C 238 53.21 4.66 30.12
C PHE C 238 54.05 4.55 31.37
N ASP C 239 54.30 3.31 31.79
CA ASP C 239 55.17 3.00 32.91
C ASP C 239 56.63 3.13 32.50
N GLU C 240 57.45 3.64 33.40
CA GLU C 240 58.88 3.82 33.16
C GLU C 240 59.72 2.94 34.09
N TYR C 241 60.59 2.12 33.51
CA TYR C 241 61.45 1.22 34.27
C TYR C 241 62.91 1.62 34.08
N ILE C 242 63.51 2.17 35.13
CA ILE C 242 64.91 2.60 35.08
C ILE C 242 65.83 1.43 35.36
N MET C 243 66.59 1.03 34.34
CA MET C 243 67.51 -0.09 34.47
C MET C 243 68.93 0.43 34.58
N ALA C 244 69.73 -0.24 35.41
CA ALA C 244 71.17 -0.08 35.36
C ALA C 244 71.70 -1.15 34.41
N ILE C 245 72.59 -0.77 33.52
CA ILE C 245 73.21 -1.74 32.63
C ILE C 245 74.47 -2.30 33.32
N GLU C 246 74.47 -3.61 33.53
CA GLU C 246 75.54 -4.31 34.25
C GLU C 246 76.52 -4.96 33.28
N GLN C 247 75.99 -5.52 32.20
CA GLN C 247 76.82 -5.90 31.05
C GLN C 247 76.18 -5.68 29.69
N THR C 248 76.91 -4.96 28.85
CA THR C 248 76.59 -4.78 27.45
C THR C 248 77.09 -6.00 26.66
N ILE C 249 76.25 -7.04 26.64
CA ILE C 249 76.52 -8.25 25.87
C ILE C 249 76.57 -7.98 24.35
N LYS C 250 75.84 -6.95 23.92
CA LYS C 250 75.98 -6.39 22.56
C LYS C 250 75.68 -4.89 22.53
N SER C 251 76.69 -4.11 22.12
CA SER C 251 76.58 -2.64 22.10
C SER C 251 76.33 -2.16 20.67
N GLY C 252 75.27 -1.36 20.50
CA GLY C 252 74.89 -0.83 19.20
C GLY C 252 75.06 0.68 19.11
N SER C 253 74.01 1.37 18.65
CA SER C 253 74.06 2.80 18.41
C SER C 253 74.01 3.66 19.67
N ASP C 254 73.43 3.13 20.75
CA ASP C 254 73.53 3.76 22.06
C ASP C 254 74.81 3.25 22.74
N GLU C 255 75.88 4.04 22.65
CA GLU C 255 77.20 3.66 23.15
C GLU C 255 77.30 3.75 24.68
N VAL C 256 76.29 3.21 25.36
CA VAL C 256 76.17 3.30 26.81
C VAL C 256 77.19 2.43 27.53
N GLN C 257 77.82 3.00 28.56
CA GLN C 257 78.79 2.30 29.39
C GLN C 257 78.14 1.60 30.58
N VAL C 258 78.91 0.72 31.21
CA VAL C 258 78.44 -0.14 32.29
C VAL C 258 78.35 0.61 33.63
N GLY C 259 77.16 0.53 34.24
CA GLY C 259 76.88 1.22 35.51
C GLY C 259 75.96 2.40 35.31
N GLN C 260 75.69 2.73 34.04
CA GLN C 260 74.85 3.86 33.67
C GLN C 260 73.39 3.45 33.55
N GLN C 261 72.49 4.40 33.75
CA GLN C 261 71.06 4.13 33.71
C GLN C 261 70.40 4.54 32.40
N ARG C 262 69.48 3.70 31.92
CA ARG C 262 68.63 4.00 30.77
C ARG C 262 67.18 3.62 31.07
N THR C 263 66.25 4.48 30.67
CA THR C 263 64.83 4.26 30.93
C THR C 263 64.15 3.40 29.86
N PHE C 264 63.33 2.45 30.32
CA PHE C 264 62.57 1.56 29.44
C PHE C 264 61.07 1.80 29.62
N ILE C 265 60.43 2.25 28.55
CA ILE C 265 59.02 2.70 28.60
C ILE C 265 58.07 1.64 28.07
N SER C 266 57.07 1.28 28.88
CA SER C 266 56.14 0.19 28.55
C SER C 266 54.67 0.49 28.93
N PRO C 267 53.72 0.26 27.98
CA PRO C 267 52.28 0.48 28.19
C PRO C 267 51.69 -0.20 29.43
N ILE C 268 50.76 0.50 30.08
CA ILE C 268 50.10 0.04 31.31
C ILE C 268 49.41 -1.34 31.18
N LYS C 269 48.97 -1.67 29.96
CA LYS C 269 48.39 -2.98 29.65
C LYS C 269 49.39 -4.15 29.80
N CYS C 270 50.67 -3.84 29.57
CA CYS C 270 51.74 -4.84 29.63
C CYS C 270 52.26 -5.08 31.06
N ARG C 271 51.82 -4.24 32.01
CA ARG C 271 52.32 -4.23 33.38
C ARG C 271 52.19 -5.56 34.12
N GLU C 272 51.03 -6.21 33.95
CA GLU C 272 50.73 -7.50 34.59
C GLU C 272 51.54 -8.65 33.97
N ALA C 273 51.74 -8.58 32.65
CA ALA C 273 52.45 -9.63 31.91
C ALA C 273 53.96 -9.55 32.10
N LEU C 274 54.49 -8.32 32.14
CA LEU C 274 55.91 -8.08 32.41
C LEU C 274 56.26 -8.35 33.88
N LYS C 275 55.37 -7.89 34.78
CA LYS C 275 55.57 -7.94 36.23
C LYS C 275 57.01 -7.66 36.68
N LEU C 276 57.57 -6.59 36.13
CA LEU C 276 58.90 -6.15 36.49
C LEU C 276 58.88 -5.64 37.92
N GLU C 277 59.93 -5.98 38.67
CA GLU C 277 60.08 -5.58 40.07
C GLU C 277 61.40 -4.84 40.25
N GLU C 278 61.41 -3.90 41.19
CA GLU C 278 62.66 -3.23 41.60
C GLU C 278 63.65 -4.20 42.22
N LYS C 279 64.91 -4.03 41.85
CA LYS C 279 66.07 -4.74 42.44
C LYS C 279 66.35 -6.10 41.81
N LYS C 280 65.50 -6.49 40.86
CA LYS C 280 65.64 -7.76 40.15
C LYS C 280 66.42 -7.59 38.84
N HIS C 281 66.98 -8.69 38.35
CA HIS C 281 67.86 -8.65 37.19
C HIS C 281 67.18 -9.24 35.96
N TYR C 282 67.47 -8.66 34.80
CA TYR C 282 66.84 -9.08 33.55
C TYR C 282 67.81 -9.17 32.37
N LEU C 283 67.55 -10.12 31.47
CA LEU C 283 68.17 -10.13 30.15
C LEU C 283 67.24 -9.47 29.14
N MET C 284 67.73 -8.43 28.46
CA MET C 284 66.90 -7.63 27.57
C MET C 284 67.58 -7.30 26.24
N TRP C 285 66.95 -7.74 25.14
CA TRP C 285 67.37 -7.26 23.82
C TRP C 285 66.22 -6.66 23.02
N GLY C 286 66.56 -5.74 22.12
CA GLY C 286 65.57 -5.02 21.29
C GLY C 286 66.16 -4.34 20.06
N LEU C 287 65.36 -3.40 19.47
CA LEU C 287 65.75 -2.82 18.18
C LEU C 287 66.32 -1.41 18.28
N SER C 288 67.03 -1.00 17.21
CA SER C 288 67.63 0.33 17.13
C SER C 288 66.58 1.41 16.81
N SER C 289 65.41 0.97 16.33
CA SER C 289 64.34 1.88 15.97
C SER C 289 63.40 2.15 17.14
N ASP C 290 63.60 1.44 18.25
CA ASP C 290 62.72 1.51 19.41
C ASP C 290 63.05 2.65 20.39
N PHE C 291 63.96 3.52 20.00
CA PHE C 291 64.40 4.63 20.84
C PHE C 291 63.37 5.77 20.89
N TRP C 292 63.60 6.74 21.76
CA TRP C 292 62.67 7.87 21.93
C TRP C 292 63.39 9.11 22.48
N GLY C 293 63.86 9.97 21.58
CA GLY C 293 64.65 11.15 21.94
C GLY C 293 66.04 11.06 21.32
N GLU C 294 66.70 12.20 21.15
CA GLU C 294 68.01 12.22 20.50
C GLU C 294 69.21 12.18 21.47
N LYS C 295 69.01 11.51 22.61
CA LYS C 295 70.10 11.11 23.54
C LYS C 295 70.39 11.95 24.80
N PRO C 296 69.79 13.16 24.93
CA PRO C 296 69.79 13.74 26.28
C PRO C 296 68.54 13.28 27.08
N ASN C 297 67.38 13.34 26.43
CA ASN C 297 66.14 12.82 27.00
C ASN C 297 65.78 11.47 26.35
N LEU C 298 66.74 10.54 26.37
CA LEU C 298 66.60 9.26 25.67
C LEU C 298 65.74 8.24 26.43
N SER C 299 65.13 7.34 25.66
CA SER C 299 64.30 6.26 26.18
C SER C 299 64.36 5.01 25.29
N TYR C 300 64.07 3.85 25.87
CA TYR C 300 63.92 2.59 25.13
C TYR C 300 62.46 2.16 25.24
N ILE C 301 61.90 1.66 24.13
CA ILE C 301 60.51 1.20 24.14
C ILE C 301 60.44 -0.32 24.21
N ILE C 302 59.66 -0.85 25.15
CA ILE C 302 59.43 -2.29 25.22
C ILE C 302 58.26 -2.70 24.32
N GLY C 303 58.60 -3.33 23.19
CA GLY C 303 57.63 -3.67 22.15
C GLY C 303 57.61 -5.12 21.72
N LYS C 304 56.95 -5.38 20.56
CA LYS C 304 56.77 -6.74 20.04
C LYS C 304 58.10 -7.41 19.68
N ASP C 305 59.11 -6.56 19.50
CA ASP C 305 60.44 -7.01 19.16
C ASP C 305 61.43 -6.70 20.28
N THR C 306 60.94 -6.88 21.53
CA THR C 306 61.77 -6.72 22.72
C THR C 306 61.70 -7.98 23.59
N TRP C 307 62.87 -8.59 23.85
CA TRP C 307 62.99 -9.74 24.73
C TRP C 307 63.17 -9.22 26.17
N VAL C 308 62.33 -9.70 27.10
CA VAL C 308 62.50 -9.41 28.52
C VAL C 308 62.39 -10.71 29.32
N GLU C 309 63.46 -11.07 30.00
CA GLU C 309 63.51 -12.34 30.72
C GLU C 309 64.12 -12.19 32.13
N HIS C 310 63.52 -12.90 33.08
CA HIS C 310 63.96 -12.88 34.48
C HIS C 310 65.29 -13.61 34.66
N TRP C 311 66.27 -12.89 35.19
CA TRP C 311 67.57 -13.47 35.50
C TRP C 311 67.67 -13.69 37.02
N PRO C 312 67.61 -14.97 37.45
CA PRO C 312 67.65 -15.28 38.88
C PRO C 312 69.02 -14.98 39.50
N GLU C 313 69.03 -14.31 40.64
CA GLU C 313 70.29 -13.95 41.30
C GLU C 313 71.08 -15.16 41.78
N GLU C 314 72.36 -14.93 42.09
CA GLU C 314 73.28 -15.99 42.50
C GLU C 314 72.68 -16.98 43.49
N ASP C 315 72.03 -16.44 44.53
CA ASP C 315 71.38 -17.25 45.57
C ASP C 315 70.22 -18.11 45.05
N GLU C 316 69.48 -17.58 44.08
CA GLU C 316 68.33 -18.27 43.48
C GLU C 316 68.73 -19.37 42.50
N CYS C 317 69.89 -19.23 41.87
CA CYS C 317 70.36 -20.19 40.85
C CYS C 317 70.74 -21.53 41.44
N GLN C 318 71.05 -21.53 42.74
CA GLN C 318 71.45 -22.73 43.48
C GLN C 318 70.26 -23.65 43.78
N ASP C 319 69.05 -23.11 43.68
CA ASP C 319 67.81 -23.87 43.83
C ASP C 319 67.57 -24.72 42.59
N GLU C 320 66.80 -25.80 42.74
CA GLU C 320 66.63 -26.80 41.67
C GLU C 320 65.51 -26.52 40.66
N GLU C 321 65.15 -25.25 40.51
CA GLU C 321 64.20 -24.81 39.49
C GLU C 321 64.86 -23.84 38.51
N ASN C 322 65.89 -23.15 38.98
CA ASN C 322 66.61 -22.15 38.18
C ASN C 322 67.90 -22.67 37.55
N GLN C 323 68.34 -23.87 37.95
CA GLN C 323 69.54 -24.50 37.40
C GLN C 323 69.48 -24.59 35.87
N LYS C 324 68.34 -25.03 35.36
CA LYS C 324 68.11 -25.14 33.93
C LYS C 324 68.19 -23.77 33.23
N GLN C 325 67.64 -22.74 33.88
CA GLN C 325 67.62 -21.39 33.31
C GLN C 325 68.95 -20.65 33.45
N CYS C 326 69.57 -20.74 34.63
CA CYS C 326 70.79 -19.98 34.95
C CYS C 326 72.02 -20.44 34.18
N GLN C 327 72.10 -21.74 33.89
CA GLN C 327 73.17 -22.29 33.08
C GLN C 327 72.93 -22.05 31.59
N ASP C 328 71.68 -21.80 31.23
CA ASP C 328 71.33 -21.38 29.87
C ASP C 328 71.62 -19.90 29.66
N LEU C 329 71.40 -19.10 30.71
CA LEU C 329 71.70 -17.67 30.69
C LEU C 329 73.19 -17.39 30.87
N GLY C 330 73.86 -18.24 31.65
CA GLY C 330 75.32 -18.17 31.81
C GLY C 330 76.03 -18.52 30.51
N ALA C 331 75.49 -19.57 29.82
CA ALA C 331 76.06 -20.03 28.56
C ALA C 331 75.73 -19.10 27.39
N PHE C 332 74.57 -18.46 27.44
CA PHE C 332 74.15 -17.48 26.41
C PHE C 332 75.13 -16.30 26.35
N THR C 333 75.47 -15.78 27.53
CA THR C 333 76.34 -14.61 27.65
C THR C 333 77.77 -14.93 27.17
N GLU C 334 78.32 -16.04 27.68
CA GLU C 334 79.64 -16.52 27.24
C GLU C 334 79.72 -16.64 25.72
N SER C 335 78.77 -17.37 25.13
CA SER C 335 78.72 -17.58 23.68
C SER C 335 78.51 -16.29 22.90
N MET C 336 77.77 -15.34 23.47
CA MET C 336 77.55 -14.03 22.85
C MET C 336 78.77 -13.12 22.93
N VAL C 337 79.50 -13.17 24.05
CA VAL C 337 80.71 -12.38 24.23
C VAL C 337 81.83 -12.92 23.32
N VAL C 338 82.12 -14.27 23.56
CA VAL C 338 83.21 -14.95 22.86
C VAL C 338 82.99 -14.96 21.34
N PHE C 339 82.04 -15.78 20.88
CA PHE C 339 81.82 -16.00 19.44
C PHE C 339 81.40 -14.74 18.68
N GLY C 340 80.57 -13.91 19.34
CA GLY C 340 79.99 -12.74 18.70
C GLY C 340 78.80 -13.16 17.85
N CYS C 341 78.57 -12.43 16.76
CA CYS C 341 77.50 -12.76 15.81
C CYS C 341 78.00 -12.62 14.36
N PRO C 342 78.84 -13.57 13.91
CA PRO C 342 79.50 -13.51 12.61
C PRO C 342 78.52 -13.36 11.45
N SER D 1 -36.81 6.10 -57.84
CA SER D 1 -35.90 5.07 -57.25
C SER D 1 -36.12 4.86 -55.74
N PRO D 2 -37.30 5.23 -55.20
CA PRO D 2 -37.39 5.32 -53.74
C PRO D 2 -37.48 3.98 -53.01
N MET D 3 -36.58 3.78 -52.05
CA MET D 3 -36.64 2.64 -51.14
C MET D 3 -37.14 3.07 -49.76
N TYR D 4 -38.12 2.34 -49.26
CA TYR D 4 -38.60 2.55 -47.89
C TYR D 4 -38.15 1.36 -47.05
N SER D 5 -37.66 1.62 -45.84
CA SER D 5 -37.15 0.53 -45.01
C SER D 5 -37.47 0.66 -43.51
N ILE D 6 -37.52 -0.49 -42.84
CA ILE D 6 -37.88 -0.55 -41.41
C ILE D 6 -36.92 -1.42 -40.57
N ILE D 7 -36.58 -0.91 -39.39
CA ILE D 7 -35.62 -1.54 -38.49
C ILE D 7 -36.14 -1.59 -37.05
N THR D 8 -36.17 -2.80 -36.49
CA THR D 8 -36.55 -3.01 -35.10
C THR D 8 -35.57 -4.01 -34.48
N PRO D 9 -35.55 -4.14 -33.13
CA PRO D 9 -34.93 -5.33 -32.54
C PRO D 9 -35.56 -6.62 -33.05
N ASN D 10 -34.79 -7.71 -33.13
CA ASN D 10 -35.34 -8.98 -33.61
C ASN D 10 -35.93 -9.90 -32.54
N ILE D 11 -35.95 -9.40 -31.31
CA ILE D 11 -36.83 -9.93 -30.25
C ILE D 11 -37.44 -8.69 -29.62
N LEU D 12 -38.75 -8.65 -29.52
CA LEU D 12 -39.44 -7.55 -28.86
C LEU D 12 -39.94 -7.99 -27.48
N ARG D 13 -40.19 -7.02 -26.60
CA ARG D 13 -40.62 -7.30 -25.23
C ARG D 13 -41.94 -6.64 -24.88
N LEU D 14 -42.58 -7.17 -23.85
CA LEU D 14 -43.87 -6.69 -23.42
C LEU D 14 -43.70 -5.64 -22.37
N GLU D 15 -44.51 -4.60 -22.45
CA GLU D 15 -44.56 -3.52 -21.48
C GLU D 15 -43.28 -2.72 -21.37
N SER D 16 -42.52 -2.68 -22.46
CA SER D 16 -41.41 -1.75 -22.57
C SER D 16 -41.47 -1.03 -23.90
N GLU D 17 -41.08 0.24 -23.90
CA GLU D 17 -41.10 1.06 -25.10
C GLU D 17 -40.09 0.50 -26.10
N GLU D 18 -40.60 -0.09 -27.18
CA GLU D 18 -39.76 -0.53 -28.29
C GLU D 18 -39.74 0.54 -29.37
N THR D 19 -38.77 0.46 -30.28
CA THR D 19 -38.59 1.49 -31.30
C THR D 19 -38.48 0.86 -32.69
N MET D 20 -39.14 1.49 -33.65
CA MET D 20 -39.01 1.12 -35.05
C MET D 20 -38.44 2.33 -35.75
N VAL D 21 -37.33 2.13 -36.46
CA VAL D 21 -36.71 3.21 -37.21
C VAL D 21 -37.18 3.13 -38.65
N LEU D 22 -37.64 4.26 -39.17
CA LEU D 22 -38.23 4.37 -40.50
C LEU D 22 -37.35 5.19 -41.40
N GLU D 23 -37.12 4.69 -42.60
CA GLU D 23 -36.33 5.42 -43.59
C GLU D 23 -36.97 5.35 -44.96
N ALA D 24 -36.93 6.48 -45.65
CA ALA D 24 -37.34 6.58 -47.03
C ALA D 24 -36.16 7.09 -47.85
N HIS D 25 -35.37 6.15 -48.38
CA HIS D 25 -34.24 6.47 -49.23
C HIS D 25 -34.71 6.83 -50.65
N ASP D 26 -33.96 7.73 -51.30
CA ASP D 26 -34.22 8.20 -52.66
C ASP D 26 -35.66 8.68 -52.89
N ALA D 27 -36.28 9.17 -51.82
CA ALA D 27 -37.67 9.63 -51.88
C ALA D 27 -37.75 11.15 -52.03
N GLN D 28 -38.92 11.64 -52.45
CA GLN D 28 -39.12 13.06 -52.72
C GLN D 28 -40.18 13.69 -51.83
N GLY D 29 -39.97 14.96 -51.50
CA GLY D 29 -40.90 15.76 -50.70
C GLY D 29 -41.27 15.12 -49.37
N ASP D 30 -42.57 15.11 -49.09
CA ASP D 30 -43.11 14.46 -47.90
C ASP D 30 -43.56 13.05 -48.23
N VAL D 31 -43.32 12.15 -47.28
CA VAL D 31 -43.82 10.77 -47.35
C VAL D 31 -44.40 10.36 -45.99
N PRO D 32 -45.74 10.29 -45.90
CA PRO D 32 -46.44 9.95 -44.66
C PRO D 32 -46.31 8.47 -44.35
N VAL D 33 -46.28 8.14 -43.06
CA VAL D 33 -46.10 6.77 -42.61
C VAL D 33 -47.05 6.48 -41.46
N THR D 34 -47.81 5.39 -41.60
CA THR D 34 -48.58 4.85 -40.50
C THR D 34 -47.95 3.53 -40.15
N VAL D 35 -47.74 3.28 -38.86
CA VAL D 35 -47.14 2.04 -38.39
C VAL D 35 -48.09 1.34 -37.42
N THR D 36 -48.50 0.13 -37.75
CA THR D 36 -49.31 -0.67 -36.82
C THR D 36 -48.65 -2.02 -36.49
N VAL D 37 -48.93 -2.52 -35.31
CA VAL D 37 -48.49 -3.85 -34.92
C VAL D 37 -49.71 -4.74 -34.73
N HIS D 38 -49.71 -5.89 -35.41
CA HIS D 38 -50.74 -6.90 -35.28
C HIS D 38 -50.13 -8.17 -34.72
N ASP D 39 -50.98 -9.08 -34.27
CA ASP D 39 -50.54 -10.39 -33.83
C ASP D 39 -50.31 -11.29 -35.02
N PHE D 40 -49.43 -12.28 -34.85
CA PHE D 40 -49.33 -13.38 -35.80
C PHE D 40 -50.64 -14.15 -35.65
N PRO D 41 -51.06 -14.90 -36.69
CA PRO D 41 -52.35 -14.79 -37.31
C PRO D 41 -53.21 -13.57 -36.98
N GLY D 42 -53.45 -12.78 -38.02
CA GLY D 42 -54.54 -11.79 -38.01
C GLY D 42 -54.20 -10.32 -38.04
N LYS D 43 -55.24 -9.50 -38.16
CA LYS D 43 -55.14 -8.05 -38.02
C LYS D 43 -55.75 -7.66 -36.67
N LYS D 44 -55.22 -8.28 -35.63
CA LYS D 44 -55.83 -8.33 -34.33
C LYS D 44 -55.26 -7.30 -33.35
N LEU D 45 -54.41 -6.42 -33.88
CA LEU D 45 -54.08 -5.10 -33.31
C LEU D 45 -53.61 -5.01 -31.86
N VAL D 46 -52.29 -4.86 -31.70
CA VAL D 46 -51.68 -4.59 -30.40
C VAL D 46 -51.75 -3.10 -30.08
N LEU D 47 -51.46 -2.26 -31.08
CA LEU D 47 -51.39 -0.80 -30.89
C LEU D 47 -51.69 -0.03 -32.20
N SER D 48 -52.84 0.66 -32.21
CA SER D 48 -53.31 1.44 -33.36
C SER D 48 -52.39 2.57 -33.84
N SER D 49 -51.89 3.35 -32.88
CA SER D 49 -51.29 4.66 -33.14
C SER D 49 -49.95 4.60 -33.88
N GLU D 50 -49.06 5.53 -33.54
CA GLU D 50 -47.72 5.60 -34.12
C GLU D 50 -47.78 5.90 -35.63
N LYS D 51 -47.92 7.19 -35.93
CA LYS D 51 -48.10 7.68 -37.29
C LYS D 51 -47.39 9.02 -37.52
N THR D 52 -46.20 8.95 -38.10
CA THR D 52 -45.38 10.16 -38.36
C THR D 52 -45.35 10.58 -39.85
N VAL D 53 -44.52 11.59 -40.15
CA VAL D 53 -44.20 11.97 -41.52
C VAL D 53 -42.69 12.09 -41.70
N LEU D 54 -42.16 11.40 -42.70
CA LEU D 54 -40.75 11.53 -43.08
C LEU D 54 -40.56 12.69 -44.06
N THR D 55 -39.81 13.69 -43.62
CA THR D 55 -39.60 14.94 -44.38
C THR D 55 -38.16 15.04 -44.86
N PRO D 56 -37.88 15.93 -45.85
CA PRO D 56 -36.46 16.18 -46.18
C PRO D 56 -35.73 16.94 -45.06
N ALA D 57 -36.50 17.64 -44.22
CA ALA D 57 -35.95 18.41 -43.10
C ALA D 57 -35.46 17.52 -41.97
N THR D 58 -36.09 16.36 -41.81
CA THR D 58 -35.63 15.30 -40.91
C THR D 58 -34.70 14.33 -41.66
N ASN D 59 -34.39 14.66 -42.91
CA ASN D 59 -33.62 13.82 -43.84
C ASN D 59 -34.27 12.47 -44.19
N HIS D 60 -35.60 12.46 -44.27
CA HIS D 60 -36.40 11.27 -44.63
C HIS D 60 -36.18 10.08 -43.67
N MET D 61 -35.76 10.42 -42.45
CA MET D 61 -35.52 9.41 -41.43
C MET D 61 -36.33 9.68 -40.17
N GLY D 62 -37.04 8.66 -39.72
CA GLY D 62 -37.96 8.81 -38.62
C GLY D 62 -38.06 7.60 -37.74
N ASN D 63 -39.12 7.56 -36.94
CA ASN D 63 -39.11 6.90 -35.66
C ASN D 63 -40.52 6.72 -35.12
N VAL D 64 -40.88 5.50 -34.76
CA VAL D 64 -42.06 5.27 -33.90
C VAL D 64 -41.70 4.41 -32.70
N THR D 65 -42.16 4.81 -31.51
CA THR D 65 -41.97 4.01 -30.31
C THR D 65 -43.30 3.43 -29.85
N PHE D 66 -43.35 2.11 -29.67
CA PHE D 66 -44.59 1.45 -29.29
C PHE D 66 -44.39 0.57 -28.05
N THR D 67 -45.48 0.33 -27.33
CA THR D 67 -45.48 -0.58 -26.17
C THR D 67 -46.48 -1.70 -26.43
N ILE D 68 -46.19 -2.88 -25.92
CA ILE D 68 -47.09 -4.04 -26.02
C ILE D 68 -47.50 -4.48 -24.61
N PRO D 69 -48.81 -4.57 -24.34
CA PRO D 69 -49.33 -5.10 -23.06
C PRO D 69 -49.05 -6.59 -22.87
N SER D 76 -52.02 -14.32 -21.48
CA SER D 76 -52.11 -15.58 -20.74
C SER D 76 -51.12 -16.61 -21.29
N GLU D 77 -51.35 -17.02 -22.53
CA GLU D 77 -50.60 -18.09 -23.19
C GLU D 77 -50.80 -18.03 -24.70
N LYS D 78 -49.93 -18.75 -25.43
CA LYS D 78 -50.17 -19.18 -26.83
C LYS D 78 -48.95 -19.18 -27.73
N GLY D 79 -48.84 -20.26 -28.51
CA GLY D 79 -47.86 -20.37 -29.58
C GLY D 79 -46.59 -21.09 -29.16
N ARG D 80 -46.22 -22.11 -29.94
CA ARG D 80 -44.93 -22.78 -29.78
C ARG D 80 -43.82 -21.73 -29.63
N ASN D 81 -44.11 -20.53 -30.13
CA ASN D 81 -43.34 -19.31 -29.90
C ASN D 81 -44.19 -18.12 -30.34
N LYS D 82 -44.15 -17.03 -29.59
CA LYS D 82 -45.04 -15.89 -29.85
C LYS D 82 -44.46 -14.90 -30.86
N PHE D 83 -45.30 -14.51 -31.83
CA PHE D 83 -44.90 -13.56 -32.87
C PHE D 83 -45.92 -12.45 -33.04
N VAL D 84 -45.46 -11.31 -33.53
CA VAL D 84 -46.32 -10.23 -34.00
C VAL D 84 -45.92 -9.81 -35.41
N THR D 85 -46.76 -9.00 -36.05
CA THR D 85 -46.45 -8.42 -37.36
C THR D 85 -46.33 -6.92 -37.22
N VAL D 86 -45.16 -6.39 -37.51
CA VAL D 86 -44.99 -4.95 -37.58
C VAL D 86 -45.18 -4.50 -39.03
N GLN D 87 -46.17 -3.64 -39.23
CA GLN D 87 -46.54 -3.16 -40.55
C GLN D 87 -46.31 -1.66 -40.67
N ALA D 88 -45.46 -1.27 -41.62
CA ALA D 88 -45.26 0.13 -41.94
C ALA D 88 -45.83 0.44 -43.33
N THR D 89 -46.62 1.50 -43.41
CA THR D 89 -47.21 1.87 -44.69
C THR D 89 -46.68 3.23 -45.15
N PHE D 90 -45.90 3.22 -46.22
CA PHE D 90 -45.21 4.40 -46.73
C PHE D 90 -45.99 4.90 -47.94
N GLY D 91 -47.03 5.68 -47.66
CA GLY D 91 -48.01 6.03 -48.67
C GLY D 91 -48.93 4.84 -48.86
N THR D 92 -48.85 4.21 -50.03
CA THR D 92 -49.61 3.00 -50.34
C THR D 92 -48.70 1.78 -50.28
N GLN D 93 -47.41 2.03 -50.06
CA GLN D 93 -46.39 0.98 -50.06
C GLN D 93 -46.27 0.37 -48.66
N VAL D 94 -46.85 -0.82 -48.49
CA VAL D 94 -46.78 -1.56 -47.23
C VAL D 94 -45.46 -2.31 -47.12
N VAL D 95 -44.80 -2.14 -45.98
CA VAL D 95 -43.63 -2.94 -45.63
C VAL D 95 -43.90 -3.61 -44.28
N GLU D 96 -43.77 -4.93 -44.25
CA GLU D 96 -44.06 -5.69 -43.03
C GLU D 96 -43.00 -6.73 -42.66
N LYS D 97 -42.99 -7.08 -41.38
CA LYS D 97 -42.05 -8.04 -40.83
C LYS D 97 -42.67 -8.70 -39.61
N VAL D 98 -42.61 -10.04 -39.57
CA VAL D 98 -43.01 -10.77 -38.38
C VAL D 98 -41.82 -10.84 -37.42
N VAL D 99 -42.07 -10.44 -36.17
CA VAL D 99 -41.01 -10.38 -35.19
C VAL D 99 -41.38 -11.23 -33.99
N LEU D 100 -40.36 -11.91 -33.47
CA LEU D 100 -40.47 -12.74 -32.30
C LEU D 100 -40.59 -11.85 -31.06
N VAL D 101 -41.47 -12.27 -30.15
CA VAL D 101 -41.70 -11.54 -28.92
C VAL D 101 -41.29 -12.43 -27.74
N SER D 102 -40.52 -11.87 -26.83
CA SER D 102 -40.20 -12.53 -25.56
C SER D 102 -41.31 -12.35 -24.53
N LEU D 103 -41.56 -13.43 -23.79
CA LEU D 103 -42.56 -13.47 -22.76
C LEU D 103 -42.02 -13.21 -21.35
N GLN D 104 -40.74 -12.88 -21.22
CA GLN D 104 -40.17 -12.64 -19.90
C GLN D 104 -40.16 -11.16 -19.47
N SER D 105 -40.27 -10.96 -18.14
CA SER D 105 -40.58 -9.67 -17.52
C SER D 105 -39.34 -8.90 -17.07
N GLY D 106 -38.20 -9.59 -17.02
CA GLY D 106 -36.94 -8.99 -16.57
C GLY D 106 -36.17 -9.96 -15.72
N TYR D 107 -35.63 -9.47 -14.61
CA TYR D 107 -34.73 -10.24 -13.75
C TYR D 107 -35.23 -10.23 -12.32
N LEU D 108 -34.82 -11.23 -11.57
CA LEU D 108 -35.06 -11.28 -10.12
C LEU D 108 -33.69 -11.47 -9.46
N PHE D 109 -33.37 -10.59 -8.51
CA PHE D 109 -32.16 -10.72 -7.71
C PHE D 109 -32.56 -10.98 -6.25
N ILE D 110 -32.01 -12.03 -5.66
CA ILE D 110 -32.37 -12.45 -4.32
C ILE D 110 -31.19 -12.11 -3.39
N GLN D 111 -31.48 -11.38 -2.33
CA GLN D 111 -30.51 -11.10 -1.29
C GLN D 111 -30.94 -11.80 -0.01
N THR D 112 -30.03 -12.57 0.60
CA THR D 112 -30.23 -13.04 1.99
C THR D 112 -29.35 -12.22 2.93
N ASP D 113 -29.75 -12.07 4.20
CA ASP D 113 -28.98 -11.26 5.15
C ASP D 113 -27.57 -11.80 5.40
N LYS D 114 -27.40 -13.13 5.43
CA LYS D 114 -26.10 -13.80 5.63
C LYS D 114 -25.90 -14.92 4.62
N THR D 115 -24.71 -15.51 4.65
CA THR D 115 -24.34 -16.55 3.70
C THR D 115 -24.61 -17.94 4.27
N ILE D 116 -24.73 -18.01 5.60
CA ILE D 116 -24.78 -19.28 6.34
C ILE D 116 -25.60 -19.05 7.63
N TYR D 117 -26.29 -20.09 8.09
CA TYR D 117 -27.24 -19.98 9.20
C TYR D 117 -27.26 -21.22 10.06
N THR D 118 -27.58 -21.03 11.35
CA THR D 118 -27.81 -22.14 12.26
C THR D 118 -29.31 -22.51 12.31
N PRO D 119 -29.62 -23.79 12.65
CA PRO D 119 -30.99 -24.17 13.00
C PRO D 119 -31.55 -23.29 14.10
N GLY D 120 -32.80 -22.89 13.99
CA GLY D 120 -33.41 -22.05 15.02
C GLY D 120 -33.30 -20.57 14.76
N SER D 121 -32.51 -20.18 13.77
CA SER D 121 -32.43 -18.76 13.41
C SER D 121 -33.39 -18.41 12.27
N THR D 122 -33.30 -17.16 11.83
CA THR D 122 -34.22 -16.61 10.86
C THR D 122 -33.44 -16.13 9.62
N VAL D 123 -33.83 -16.68 8.47
CA VAL D 123 -33.32 -16.24 7.17
C VAL D 123 -34.12 -15.00 6.77
N LEU D 124 -33.42 -13.90 6.55
CA LEU D 124 -34.07 -12.68 6.11
C LEU D 124 -33.69 -12.50 4.65
N TYR D 125 -34.68 -12.25 3.81
CA TYR D 125 -34.36 -12.18 2.40
C TYR D 125 -35.19 -11.19 1.63
N ARG D 126 -34.56 -10.63 0.62
CA ARG D 126 -35.32 -9.78 -0.30
C ARG D 126 -35.21 -10.10 -1.77
N ILE D 127 -36.34 -9.98 -2.46
CA ILE D 127 -36.37 -10.10 -3.91
C ILE D 127 -36.45 -8.69 -4.52
N PHE D 128 -35.58 -8.47 -5.51
CA PHE D 128 -35.57 -7.27 -6.33
C PHE D 128 -36.18 -7.53 -7.69
N THR D 129 -37.26 -6.84 -8.00
CA THR D 129 -37.99 -7.06 -9.24
C THR D 129 -37.74 -5.92 -10.25
N VAL D 130 -36.93 -6.22 -11.28
CA VAL D 130 -36.56 -5.25 -12.30
C VAL D 130 -36.91 -5.76 -13.70
N ASN D 131 -36.96 -4.84 -14.67
CA ASN D 131 -37.15 -5.20 -16.08
C ASN D 131 -35.79 -5.35 -16.77
N HIS D 132 -35.76 -5.48 -18.09
CA HIS D 132 -34.48 -5.73 -18.77
C HIS D 132 -33.55 -4.52 -18.77
N LYS D 133 -34.14 -3.33 -18.62
CA LYS D 133 -33.40 -2.08 -18.39
C LYS D 133 -32.92 -1.97 -16.94
N LEU D 134 -33.27 -2.93 -16.09
CA LEU D 134 -32.94 -2.95 -14.67
C LEU D 134 -33.70 -1.90 -13.86
N LEU D 135 -34.74 -1.33 -14.47
CA LEU D 135 -35.66 -0.44 -13.77
C LEU D 135 -36.71 -1.26 -13.02
N PRO D 136 -37.10 -0.79 -11.82
CA PRO D 136 -38.03 -1.57 -10.99
C PRO D 136 -39.40 -1.72 -11.65
N VAL D 137 -39.96 -2.93 -11.55
CA VAL D 137 -41.31 -3.20 -12.06
C VAL D 137 -42.23 -3.70 -10.95
N GLY D 138 -43.50 -3.28 -11.01
CA GLY D 138 -44.51 -3.78 -10.11
C GLY D 138 -45.12 -5.03 -10.70
N ARG D 139 -44.73 -6.20 -10.19
CA ARG D 139 -45.26 -7.48 -10.68
C ARG D 139 -45.41 -8.44 -9.53
N THR D 140 -46.20 -9.51 -9.75
CA THR D 140 -46.31 -10.56 -8.74
C THR D 140 -45.34 -11.72 -8.94
N VAL D 141 -44.74 -12.13 -7.82
CA VAL D 141 -43.63 -13.07 -7.78
C VAL D 141 -43.98 -14.32 -6.94
N MET D 142 -43.60 -15.49 -7.46
CA MET D 142 -43.60 -16.70 -6.66
C MET D 142 -42.20 -17.02 -6.14
N VAL D 143 -42.11 -17.07 -4.82
CA VAL D 143 -40.85 -17.36 -4.16
C VAL D 143 -41.04 -18.65 -3.34
N ASN D 144 -40.07 -19.55 -3.46
CA ASN D 144 -40.05 -20.81 -2.71
C ASN D 144 -38.69 -21.02 -2.04
N ILE D 145 -38.69 -21.31 -0.74
CA ILE D 145 -37.48 -21.82 -0.08
C ILE D 145 -37.52 -23.33 -0.17
N GLU D 146 -36.40 -23.93 -0.60
CA GLU D 146 -36.30 -25.36 -0.92
C GLU D 146 -35.25 -26.00 -0.05
N ASN D 147 -35.55 -27.17 0.51
CA ASN D 147 -34.51 -27.86 1.27
C ASN D 147 -33.42 -28.50 0.41
N PRO D 148 -32.38 -29.10 1.03
CA PRO D 148 -31.29 -29.66 0.22
C PRO D 148 -31.68 -30.85 -0.66
N GLU D 149 -32.81 -31.50 -0.39
CA GLU D 149 -33.30 -32.52 -1.31
C GLU D 149 -34.31 -31.97 -2.35
N GLY D 150 -34.53 -30.66 -2.31
CA GLY D 150 -35.34 -29.99 -3.33
C GLY D 150 -36.82 -29.83 -3.08
N ILE D 151 -37.27 -30.17 -1.87
CA ILE D 151 -38.66 -30.06 -1.48
C ILE D 151 -38.92 -28.66 -0.96
N PRO D 152 -39.92 -27.96 -1.52
CA PRO D 152 -40.23 -26.61 -1.02
C PRO D 152 -40.81 -26.66 0.39
N VAL D 153 -40.50 -25.64 1.19
CA VAL D 153 -40.75 -25.68 2.62
C VAL D 153 -41.46 -24.40 3.06
N LYS D 154 -41.30 -23.36 2.24
CA LYS D 154 -42.03 -22.11 2.42
C LYS D 154 -42.31 -21.52 1.05
N GLN D 155 -43.56 -21.11 0.81
CA GLN D 155 -43.87 -20.38 -0.40
C GLN D 155 -44.56 -19.04 -0.13
N ASP D 156 -44.39 -18.08 -1.05
CA ASP D 156 -45.08 -16.80 -0.98
C ASP D 156 -45.36 -16.29 -2.38
N SER D 157 -46.48 -15.60 -2.55
CA SER D 157 -46.80 -14.89 -3.78
C SER D 157 -47.09 -13.46 -3.40
N LEU D 158 -46.20 -12.56 -3.82
CA LEU D 158 -46.35 -11.16 -3.50
C LEU D 158 -46.17 -10.32 -4.75
N SER D 159 -46.80 -9.16 -4.71
CA SER D 159 -46.67 -8.13 -5.72
C SER D 159 -45.68 -7.11 -5.21
N SER D 160 -44.91 -6.54 -6.13
CA SER D 160 -43.98 -5.45 -5.82
C SER D 160 -44.55 -4.10 -6.26
N GLN D 161 -45.80 -4.11 -6.73
CA GLN D 161 -46.49 -2.89 -7.13
C GLN D 161 -46.30 -1.76 -6.12
N ASN D 162 -45.84 -0.62 -6.61
CA ASN D 162 -45.65 0.58 -5.80
C ASN D 162 -44.60 0.49 -4.68
N GLN D 163 -43.64 -0.41 -4.82
CA GLN D 163 -42.66 -0.60 -3.75
C GLN D 163 -41.20 -0.53 -4.17
N LEU D 164 -40.92 0.34 -5.14
CA LEU D 164 -39.65 0.37 -5.87
C LEU D 164 -38.98 -1.02 -6.04
N GLY D 165 -39.75 -2.01 -6.51
CA GLY D 165 -39.25 -3.36 -6.75
C GLY D 165 -38.56 -4.08 -5.58
N VAL D 166 -39.01 -3.83 -4.36
CA VAL D 166 -38.41 -4.49 -3.21
C VAL D 166 -39.41 -5.33 -2.44
N LEU D 167 -39.12 -6.63 -2.38
CA LEU D 167 -39.91 -7.61 -1.65
C LEU D 167 -39.10 -8.14 -0.45
N PRO D 168 -39.52 -7.82 0.78
CA PRO D 168 -38.82 -8.35 1.94
C PRO D 168 -39.56 -9.54 2.55
N LEU D 169 -38.82 -10.59 2.88
CA LEU D 169 -39.39 -11.82 3.41
C LEU D 169 -38.52 -12.42 4.51
N SER D 170 -39.05 -13.41 5.22
CA SER D 170 -38.35 -14.01 6.36
C SER D 170 -38.78 -15.44 6.53
N TRP D 171 -37.84 -16.30 6.92
CA TRP D 171 -38.18 -17.68 7.24
C TRP D 171 -37.40 -18.13 8.48
N ASP D 172 -38.14 -18.48 9.51
CA ASP D 172 -37.61 -19.11 10.72
C ASP D 172 -37.18 -20.54 10.46
N ILE D 173 -35.88 -20.79 10.54
CA ILE D 173 -35.34 -22.13 10.35
C ILE D 173 -35.74 -23.00 11.56
N PRO D 174 -36.39 -24.16 11.31
CA PRO D 174 -36.69 -25.01 12.46
C PRO D 174 -35.41 -25.53 13.13
N GLU D 175 -35.54 -25.98 14.38
CA GLU D 175 -34.41 -26.53 15.12
C GLU D 175 -34.05 -27.94 14.66
N LEU D 176 -35.07 -28.70 14.24
CA LEU D 176 -34.88 -30.11 13.89
C LEU D 176 -34.78 -30.30 12.38
N VAL D 177 -33.85 -29.58 11.77
CA VAL D 177 -33.80 -29.39 10.32
C VAL D 177 -32.64 -30.15 9.64
N ASN D 178 -32.64 -30.18 8.30
CA ASN D 178 -31.56 -30.80 7.55
C ASN D 178 -30.47 -29.79 7.21
N MET D 179 -29.22 -30.13 7.52
CA MET D 179 -28.09 -29.28 7.20
C MET D 179 -27.80 -29.39 5.72
N GLY D 180 -27.11 -28.39 5.17
CA GLY D 180 -26.68 -28.44 3.77
C GLY D 180 -26.89 -27.11 3.07
N GLN D 181 -26.95 -27.18 1.74
CA GLN D 181 -27.24 -26.03 0.88
C GLN D 181 -28.74 -25.96 0.60
N TRP D 182 -29.33 -24.85 1.04
CA TRP D 182 -30.74 -24.55 0.84
C TRP D 182 -30.85 -23.61 -0.34
N LYS D 183 -32.02 -23.54 -0.97
CA LYS D 183 -32.19 -22.59 -2.08
C LYS D 183 -33.43 -21.75 -1.89
N ILE D 184 -33.33 -20.52 -2.38
CA ILE D 184 -34.47 -19.67 -2.60
C ILE D 184 -34.60 -19.60 -4.11
N ARG D 185 -35.77 -19.95 -4.63
CA ARG D 185 -36.08 -19.86 -6.05
C ARG D 185 -37.20 -18.86 -6.25
N ALA D 186 -37.12 -18.09 -7.32
CA ALA D 186 -38.13 -17.11 -7.58
C ALA D 186 -38.44 -16.96 -9.08
N TYR D 187 -39.70 -16.66 -9.37
CA TYR D 187 -40.09 -16.38 -10.74
C TYR D 187 -41.29 -15.45 -10.77
N TYR D 188 -41.36 -14.65 -11.82
CA TYR D 188 -42.57 -13.88 -12.11
C TYR D 188 -43.72 -14.80 -12.43
N GLU D 189 -44.88 -14.47 -11.88
CA GLU D 189 -46.08 -15.26 -12.10
C GLU D 189 -46.42 -15.50 -13.59
N ASN D 190 -46.29 -14.45 -14.42
CA ASN D 190 -46.55 -14.55 -15.85
C ASN D 190 -45.50 -15.35 -16.63
N SER D 191 -44.26 -15.30 -16.15
CA SER D 191 -43.13 -16.04 -16.74
C SER D 191 -42.70 -17.18 -15.80
N PRO D 192 -43.52 -18.23 -15.64
CA PRO D 192 -43.12 -19.27 -14.67
C PRO D 192 -42.01 -20.19 -15.17
N GLN D 193 -41.49 -19.91 -16.36
CA GLN D 193 -40.47 -20.73 -17.00
C GLN D 193 -39.02 -20.27 -16.72
N GLN D 194 -38.79 -18.98 -16.53
CA GLN D 194 -37.47 -18.57 -16.01
C GLN D 194 -37.35 -18.33 -14.50
N VAL D 195 -36.58 -19.22 -13.88
CA VAL D 195 -36.45 -19.29 -12.45
C VAL D 195 -35.10 -18.80 -12.01
N PHE D 196 -35.13 -17.85 -11.08
CA PHE D 196 -33.92 -17.32 -10.51
C PHE D 196 -33.74 -17.94 -9.14
N SER D 197 -32.49 -18.24 -8.83
CA SER D 197 -32.08 -18.96 -7.64
C SER D 197 -31.00 -18.19 -6.91
N THR D 198 -30.95 -18.37 -5.58
CA THR D 198 -29.76 -18.12 -4.81
C THR D 198 -29.58 -19.24 -3.79
N GLU D 199 -28.47 -19.23 -3.07
CA GLU D 199 -28.17 -20.32 -2.17
C GLU D 199 -27.71 -19.80 -0.80
N PHE D 200 -27.95 -20.60 0.24
CA PHE D 200 -27.42 -20.34 1.59
C PHE D 200 -27.15 -21.68 2.29
N GLU D 201 -26.19 -21.67 3.21
CA GLU D 201 -25.84 -22.87 3.95
C GLU D 201 -26.57 -22.90 5.30
N VAL D 202 -27.02 -24.08 5.69
CA VAL D 202 -27.47 -24.30 7.06
C VAL D 202 -26.50 -25.26 7.73
N LYS D 203 -25.98 -24.88 8.89
CA LYS D 203 -24.89 -25.59 9.53
C LYS D 203 -24.88 -25.28 11.03
N GLU D 204 -24.38 -26.20 11.86
CA GLU D 204 -24.12 -25.88 13.25
C GLU D 204 -22.70 -25.31 13.33
N TYR D 205 -22.58 -24.12 13.93
CA TYR D 205 -21.30 -23.41 14.01
C TYR D 205 -21.34 -22.30 15.05
N VAL D 206 -20.16 -21.86 15.47
CA VAL D 206 -19.97 -20.60 16.22
C VAL D 206 -19.07 -19.68 15.39
N LEU D 207 -19.22 -18.37 15.54
CA LEU D 207 -18.40 -17.41 14.80
C LEU D 207 -16.96 -17.40 15.30
N PRO D 208 -15.98 -17.44 14.37
CA PRO D 208 -14.56 -17.30 14.71
C PRO D 208 -14.18 -15.86 15.04
N SER D 209 -13.01 -15.66 15.63
CA SER D 209 -12.67 -14.30 16.08
C SER D 209 -11.54 -13.69 15.26
N PHE D 210 -11.02 -14.52 14.34
CA PHE D 210 -10.05 -14.05 13.35
C PHE D 210 -10.27 -14.68 11.97
N GLU D 211 -9.61 -14.08 10.97
CA GLU D 211 -9.59 -14.58 9.60
C GLU D 211 -8.22 -15.03 9.13
N VAL D 212 -8.21 -15.99 8.20
CA VAL D 212 -7.00 -16.51 7.59
C VAL D 212 -7.04 -16.28 6.07
N ILE D 213 -6.01 -15.60 5.55
CA ILE D 213 -5.84 -15.40 4.12
C ILE D 213 -4.64 -16.23 3.62
N VAL D 214 -4.85 -16.99 2.56
CA VAL D 214 -3.83 -17.90 2.03
C VAL D 214 -3.46 -17.42 0.64
N GLU D 215 -2.28 -16.82 0.48
CA GLU D 215 -1.94 -16.11 -0.77
C GLU D 215 -0.63 -16.56 -1.44
N PRO D 216 -0.72 -17.27 -2.58
CA PRO D 216 0.49 -17.61 -3.34
C PRO D 216 1.15 -16.36 -3.91
N THR D 217 2.48 -16.39 -4.06
CA THR D 217 3.21 -15.20 -4.49
C THR D 217 3.03 -14.95 -6.01
N GLU D 218 2.62 -15.99 -6.72
CA GLU D 218 2.16 -15.91 -8.10
C GLU D 218 0.80 -16.57 -8.12
N LYS D 219 -0.05 -16.20 -9.08
CA LYS D 219 -1.38 -16.79 -9.14
C LYS D 219 -1.45 -17.99 -10.11
N PHE D 220 -0.31 -18.63 -10.31
CA PHE D 220 -0.21 -19.83 -11.11
C PHE D 220 1.04 -20.57 -10.66
N TYR D 221 1.20 -21.81 -11.12
CA TYR D 221 2.47 -22.48 -10.94
C TYR D 221 3.06 -22.89 -12.30
N TYR D 222 4.22 -22.32 -12.61
CA TYR D 222 5.01 -22.71 -13.78
C TYR D 222 5.70 -24.05 -13.55
N ILE D 223 5.32 -25.04 -14.36
CA ILE D 223 5.75 -26.43 -14.22
C ILE D 223 7.25 -26.67 -14.19
N TYR D 224 8.03 -25.74 -14.75
CA TYR D 224 9.49 -25.89 -14.80
C TYR D 224 10.25 -25.13 -13.72
N ASN D 225 9.50 -24.41 -12.91
CA ASN D 225 10.04 -23.52 -11.89
C ASN D 225 10.57 -24.28 -10.68
N GLU D 226 11.89 -24.21 -10.50
CA GLU D 226 12.61 -24.93 -9.43
C GLU D 226 12.29 -24.45 -8.01
N LYS D 227 11.78 -23.22 -7.89
CA LYS D 227 11.42 -22.65 -6.59
C LYS D 227 10.18 -23.28 -5.95
N GLY D 228 9.40 -24.02 -6.74
CA GLY D 228 8.15 -24.59 -6.29
C GLY D 228 7.08 -23.52 -6.14
N LEU D 229 6.03 -23.82 -5.39
CA LEU D 229 4.98 -22.82 -5.12
C LEU D 229 5.06 -22.19 -3.70
N GLU D 230 5.53 -20.95 -3.67
CA GLU D 230 5.70 -20.15 -2.45
C GLU D 230 4.39 -19.45 -2.04
N VAL D 231 3.94 -19.72 -0.82
CA VAL D 231 2.66 -19.19 -0.33
C VAL D 231 2.84 -18.51 1.02
N THR D 232 2.23 -17.35 1.22
CA THR D 232 2.21 -16.78 2.57
C THR D 232 0.82 -16.79 3.20
N ILE D 233 0.79 -17.08 4.48
CA ILE D 233 -0.41 -17.17 5.27
C ILE D 233 -0.48 -15.91 6.12
N THR D 234 -1.61 -15.22 6.08
CA THR D 234 -1.82 -14.13 7.02
C THR D 234 -3.05 -14.40 7.86
N ALA D 235 -2.99 -13.92 9.11
CA ALA D 235 -4.04 -14.18 10.09
C ALA D 235 -4.19 -12.92 10.92
N ARG D 236 -5.40 -12.35 10.93
CA ARG D 236 -5.76 -11.13 11.67
C ARG D 236 -7.04 -11.37 12.42
N PHE D 237 -7.18 -10.72 13.57
CA PHE D 237 -8.43 -10.74 14.30
C PHE D 237 -9.44 -9.91 13.53
N LEU D 238 -10.72 -10.20 13.70
CA LEU D 238 -11.73 -9.51 12.89
C LEU D 238 -11.76 -7.99 13.13
N TYR D 239 -11.25 -7.56 14.28
CA TYR D 239 -11.18 -6.14 14.65
C TYR D 239 -9.84 -5.48 14.34
N GLY D 240 -8.99 -6.12 13.55
CA GLY D 240 -7.79 -5.46 13.03
C GLY D 240 -6.41 -5.98 13.40
N LYS D 241 -6.30 -6.63 14.55
CA LYS D 241 -4.98 -6.98 15.12
C LYS D 241 -4.34 -8.24 14.56
N LYS D 242 -3.03 -8.25 14.50
CA LYS D 242 -2.29 -9.41 14.01
C LYS D 242 -2.37 -10.60 14.97
N VAL D 243 -2.34 -11.80 14.41
CA VAL D 243 -2.49 -13.04 15.16
C VAL D 243 -1.14 -13.69 15.48
N GLU D 244 -1.03 -14.30 16.66
CA GLU D 244 0.10 -15.17 16.99
C GLU D 244 -0.42 -16.59 17.10
N GLY D 245 0.16 -17.52 16.33
CA GLY D 245 -0.25 -18.90 16.41
C GLY D 245 0.55 -19.85 15.58
N THR D 246 -0.04 -21.01 15.31
CA THR D 246 0.61 -22.05 14.55
C THR D 246 -0.28 -22.39 13.36
N ALA D 247 0.34 -22.61 12.21
CA ALA D 247 -0.40 -23.01 11.01
C ALA D 247 -0.01 -24.39 10.48
N PHE D 248 -1.01 -25.18 10.12
CA PHE D 248 -0.84 -26.40 9.35
C PHE D 248 -1.24 -26.16 7.90
N VAL D 249 -0.29 -26.32 6.99
CA VAL D 249 -0.58 -26.12 5.58
C VAL D 249 -0.34 -27.42 4.83
N ILE D 250 -1.28 -27.76 3.96
CA ILE D 250 -1.14 -28.91 3.10
C ILE D 250 -1.59 -28.52 1.69
N PHE D 251 -0.96 -29.12 0.69
CA PHE D 251 -1.23 -28.83 -0.69
C PHE D 251 -1.82 -30.04 -1.35
N GLY D 252 -2.51 -29.81 -2.45
CA GLY D 252 -3.14 -30.88 -3.21
C GLY D 252 -3.24 -30.50 -4.67
N ILE D 253 -3.66 -31.44 -5.48
CA ILE D 253 -3.79 -31.26 -6.91
C ILE D 253 -5.23 -31.52 -7.27
N GLN D 254 -5.79 -30.66 -8.11
CA GLN D 254 -7.15 -30.85 -8.59
C GLN D 254 -7.17 -31.15 -10.10
N ASP D 255 -7.79 -32.28 -10.43
CA ASP D 255 -7.96 -32.73 -11.81
C ASP D 255 -9.44 -32.86 -12.11
N GLY D 256 -10.02 -31.78 -12.64
CA GLY D 256 -11.41 -31.74 -13.08
C GLY D 256 -12.39 -32.39 -12.13
N GLU D 257 -12.45 -31.85 -10.92
CA GLU D 257 -13.38 -32.28 -9.86
C GLU D 257 -12.78 -33.26 -8.85
N GLN D 258 -11.81 -34.07 -9.29
CA GLN D 258 -11.05 -34.93 -8.38
C GLN D 258 -9.93 -34.17 -7.65
N ARG D 259 -9.79 -34.44 -6.35
CA ARG D 259 -8.76 -33.84 -5.52
C ARG D 259 -7.81 -34.87 -4.93
N ILE D 260 -6.51 -34.68 -5.14
CA ILE D 260 -5.48 -35.61 -4.68
C ILE D 260 -4.63 -34.86 -3.68
N SER D 261 -4.73 -35.24 -2.41
CA SER D 261 -3.93 -34.63 -1.37
C SER D 261 -2.45 -34.95 -1.56
N LEU D 262 -1.57 -34.05 -1.12
CA LEU D 262 -0.14 -34.34 -1.14
C LEU D 262 0.37 -34.38 0.29
N PRO D 263 0.24 -35.56 0.96
CA PRO D 263 0.47 -35.70 2.40
C PRO D 263 1.88 -35.33 2.82
N GLU D 264 2.83 -35.45 1.89
CA GLU D 264 4.22 -35.04 2.13
C GLU D 264 4.43 -33.52 2.00
N SER D 265 3.40 -32.78 1.66
CA SER D 265 3.53 -31.33 1.60
C SER D 265 3.11 -30.71 2.93
N LEU D 266 2.63 -31.54 3.87
CA LEU D 266 2.10 -31.08 5.17
C LEU D 266 3.20 -30.44 6.01
N LYS D 267 3.08 -29.13 6.21
CA LYS D 267 4.05 -28.38 6.99
C LYS D 267 3.38 -27.70 8.18
N ARG D 268 4.11 -27.61 9.28
CA ARG D 268 3.66 -26.88 10.45
C ARG D 268 4.60 -25.69 10.67
N ILE D 269 4.05 -24.49 10.59
CA ILE D 269 4.83 -23.26 10.60
C ILE D 269 4.31 -22.24 11.62
N PRO D 270 5.21 -21.41 12.19
CA PRO D 270 4.76 -20.37 13.12
C PRO D 270 4.10 -19.20 12.41
N ILE D 271 3.01 -18.71 12.99
CA ILE D 271 2.38 -17.49 12.53
C ILE D 271 2.84 -16.39 13.46
N GLU D 272 3.74 -15.54 12.94
CA GLU D 272 4.44 -14.52 13.71
C GLU D 272 4.12 -13.14 13.15
N ASP D 273 3.52 -12.28 13.98
CA ASP D 273 3.15 -10.92 13.57
C ASP D 273 2.03 -10.99 12.53
N GLY D 274 1.16 -12.00 12.70
CA GLY D 274 0.08 -12.30 11.75
C GLY D 274 0.49 -12.89 10.41
N SER D 275 1.73 -13.36 10.30
CA SER D 275 2.22 -13.82 9.01
C SER D 275 3.09 -15.08 9.10
N GLY D 276 3.02 -15.91 8.06
CA GLY D 276 3.88 -17.07 7.97
C GLY D 276 4.09 -17.42 6.52
N GLU D 277 5.19 -18.11 6.23
CA GLU D 277 5.51 -18.52 4.86
C GLU D 277 5.68 -20.01 4.76
N VAL D 278 5.36 -20.54 3.58
CA VAL D 278 5.41 -21.98 3.32
C VAL D 278 5.65 -22.17 1.81
N VAL D 279 6.36 -23.25 1.45
CA VAL D 279 6.58 -23.61 0.06
C VAL D 279 6.14 -25.04 -0.17
N LEU D 280 5.56 -25.31 -1.34
CA LEU D 280 5.48 -26.66 -1.90
C LEU D 280 6.64 -26.78 -2.89
N SER D 281 7.60 -27.62 -2.56
CA SER D 281 8.77 -27.85 -3.39
C SER D 281 8.37 -28.63 -4.63
N ARG D 282 9.07 -28.34 -5.73
CA ARG D 282 8.88 -29.04 -7.00
C ARG D 282 9.04 -30.55 -6.86
N LYS D 283 9.97 -30.98 -6.02
CA LYS D 283 10.27 -32.41 -5.80
C LYS D 283 9.11 -33.15 -5.12
N VAL D 284 8.62 -32.58 -4.02
CA VAL D 284 7.48 -33.11 -3.29
C VAL D 284 6.26 -33.21 -4.20
N LEU D 285 6.00 -32.14 -4.96
CA LEU D 285 4.91 -32.12 -5.94
C LEU D 285 5.01 -33.24 -6.99
N LEU D 286 6.18 -33.39 -7.59
CA LEU D 286 6.40 -34.42 -8.61
C LEU D 286 6.44 -35.84 -8.04
N ASP D 287 6.96 -36.01 -6.83
CA ASP D 287 7.01 -37.31 -6.17
C ASP D 287 5.66 -37.75 -5.61
N GLY D 288 4.77 -36.79 -5.41
CA GLY D 288 3.47 -37.09 -4.81
C GLY D 288 2.50 -37.73 -5.78
N VAL D 289 2.58 -37.34 -7.05
CA VAL D 289 1.70 -37.85 -8.10
C VAL D 289 2.21 -39.17 -8.71
N GLN D 290 3.53 -39.31 -8.71
CA GLN D 290 4.27 -40.41 -9.35
C GLN D 290 3.59 -41.18 -10.50
N ASN D 291 4.34 -41.21 -11.59
CA ASN D 291 3.85 -40.96 -12.93
C ASN D 291 4.94 -40.03 -13.44
N LEU D 292 5.88 -40.62 -14.17
CA LEU D 292 7.12 -39.95 -14.59
C LEU D 292 6.96 -38.49 -15.06
N ARG D 293 6.24 -38.27 -16.16
CA ARG D 293 6.20 -36.96 -16.85
C ARG D 293 5.56 -35.80 -16.05
N ALA D 294 6.34 -34.74 -15.84
CA ALA D 294 5.87 -33.53 -15.15
C ALA D 294 4.81 -32.76 -15.94
N GLU D 295 4.91 -32.83 -17.28
CA GLU D 295 4.03 -32.07 -18.18
C GLU D 295 2.58 -32.55 -18.23
N ASP D 296 2.32 -33.77 -17.74
CA ASP D 296 0.94 -34.26 -17.62
C ASP D 296 0.18 -33.48 -16.53
N LEU D 297 0.94 -32.89 -15.61
CA LEU D 297 0.40 -31.98 -14.60
C LEU D 297 -0.12 -30.65 -15.17
N VAL D 298 0.33 -30.28 -16.36
CA VAL D 298 -0.12 -29.03 -16.97
C VAL D 298 -1.59 -29.10 -17.43
N GLY D 299 -2.35 -28.09 -17.02
CA GLY D 299 -3.79 -28.05 -17.30
C GLY D 299 -4.59 -28.37 -16.06
N LYS D 300 -3.90 -28.89 -15.05
CA LYS D 300 -4.48 -29.19 -13.74
C LYS D 300 -4.21 -28.00 -12.84
N SER D 301 -4.68 -28.09 -11.61
CA SER D 301 -4.41 -27.01 -10.67
C SER D 301 -4.07 -27.47 -9.25
N LEU D 302 -3.49 -26.54 -8.51
CA LEU D 302 -3.10 -26.74 -7.13
C LEU D 302 -4.06 -26.02 -6.20
N TYR D 303 -4.40 -26.65 -5.08
CA TYR D 303 -5.03 -25.98 -3.95
C TYR D 303 -4.11 -25.99 -2.70
N VAL D 304 -4.32 -25.01 -1.83
CA VAL D 304 -3.56 -24.92 -0.57
C VAL D 304 -4.51 -24.66 0.60
N SER D 305 -4.58 -25.60 1.53
CA SER D 305 -5.41 -25.46 2.72
C SER D 305 -4.56 -25.13 3.96
N ALA D 306 -4.88 -24.04 4.66
CA ALA D 306 -4.21 -23.66 5.92
C ALA D 306 -5.15 -23.62 7.12
N THR D 307 -4.74 -24.31 8.19
CA THR D 307 -5.41 -24.26 9.49
C THR D 307 -4.54 -23.54 10.53
N VAL D 308 -5.08 -22.47 11.10
CA VAL D 308 -4.38 -21.68 12.11
C VAL D 308 -5.00 -21.88 13.50
N ILE D 309 -4.15 -22.16 14.47
CA ILE D 309 -4.56 -22.35 15.85
C ILE D 309 -3.87 -21.28 16.69
N LEU D 310 -4.65 -20.53 17.47
CA LEU D 310 -4.06 -19.51 18.36
C LEU D 310 -3.24 -20.17 19.47
N HIS D 311 -2.26 -19.44 20.01
CA HIS D 311 -1.48 -19.96 21.13
C HIS D 311 -2.37 -20.13 22.39
N SER D 312 -3.46 -19.36 22.43
CA SER D 312 -4.50 -19.50 23.44
C SER D 312 -5.27 -20.81 23.24
N GLY D 313 -5.22 -21.35 22.02
CA GLY D 313 -5.84 -22.64 21.69
C GLY D 313 -7.34 -22.58 21.82
N SER D 314 -7.87 -21.37 21.88
CA SER D 314 -9.29 -21.16 22.09
C SER D 314 -10.07 -21.02 20.78
N ASP D 315 -9.36 -20.68 19.71
CA ASP D 315 -9.97 -20.46 18.42
C ASP D 315 -9.08 -21.05 17.31
N MET D 316 -9.70 -21.36 16.18
CA MET D 316 -9.11 -22.21 15.15
C MET D 316 -9.88 -21.94 13.87
N VAL D 317 -9.15 -21.61 12.81
CA VAL D 317 -9.78 -21.26 11.55
C VAL D 317 -9.10 -21.97 10.39
N GLN D 318 -9.91 -22.54 9.49
CA GLN D 318 -9.41 -23.14 8.25
C GLN D 318 -9.80 -22.30 7.05
N ALA D 319 -8.81 -22.09 6.17
CA ALA D 319 -9.02 -21.41 4.90
C ALA D 319 -8.32 -22.18 3.78
N GLU D 320 -8.80 -21.98 2.57
CA GLU D 320 -8.30 -22.69 1.41
C GLU D 320 -8.15 -21.69 0.28
N ARG D 321 -7.08 -21.80 -0.49
CA ARG D 321 -6.98 -21.15 -1.79
C ARG D 321 -6.86 -22.25 -2.86
N SER D 322 -7.81 -22.30 -3.79
CA SER D 322 -7.74 -23.31 -4.85
C SER D 322 -7.69 -22.73 -6.26
N GLY D 323 -7.64 -23.61 -7.26
CA GLY D 323 -7.58 -23.17 -8.64
C GLY D 323 -6.37 -22.30 -8.97
N ILE D 324 -5.22 -22.66 -8.40
CA ILE D 324 -3.92 -22.15 -8.81
C ILE D 324 -3.49 -23.00 -10.00
N PRO D 325 -3.59 -22.45 -11.23
CA PRO D 325 -3.30 -23.24 -12.42
C PRO D 325 -1.84 -23.64 -12.56
N ILE D 326 -1.61 -24.86 -13.02
CA ILE D 326 -0.29 -25.34 -13.38
C ILE D 326 -0.14 -25.16 -14.89
N VAL D 327 0.88 -24.40 -15.29
CA VAL D 327 0.94 -23.86 -16.64
C VAL D 327 2.33 -23.91 -17.24
N THR D 328 2.41 -23.87 -18.58
CA THR D 328 3.67 -23.62 -19.30
C THR D 328 3.77 -22.16 -19.77
N SER D 329 2.75 -21.35 -19.50
CA SER D 329 2.74 -19.95 -19.91
C SER D 329 2.00 -19.09 -18.86
N PRO D 330 2.49 -17.86 -18.59
CA PRO D 330 1.84 -16.96 -17.64
C PRO D 330 0.56 -16.32 -18.15
N TYR D 331 0.37 -16.30 -19.48
CA TYR D 331 -0.77 -15.64 -20.12
C TYR D 331 -1.63 -16.55 -21.01
N GLN D 332 -2.83 -16.06 -21.33
CA GLN D 332 -3.74 -16.70 -22.31
C GLN D 332 -4.34 -15.62 -23.18
N ILE D 333 -4.56 -15.99 -24.44
CA ILE D 333 -5.04 -15.08 -25.46
C ILE D 333 -6.43 -15.50 -25.93
N HIS D 334 -7.36 -14.56 -25.83
CA HIS D 334 -8.75 -14.81 -26.15
C HIS D 334 -9.17 -13.89 -27.27
N PHE D 335 -9.82 -14.47 -28.27
CA PHE D 335 -10.36 -13.76 -29.42
C PHE D 335 -11.85 -13.50 -29.32
N THR D 336 -12.35 -13.47 -28.09
CA THR D 336 -13.79 -13.57 -27.85
C THR D 336 -14.58 -12.33 -28.31
N LYS D 337 -13.92 -11.18 -28.32
CA LYS D 337 -14.49 -9.94 -28.84
C LYS D 337 -13.92 -9.47 -30.19
N THR D 338 -13.29 -10.37 -30.94
CA THR D 338 -12.84 -10.08 -32.31
C THR D 338 -13.87 -10.66 -33.29
N PRO D 339 -14.38 -9.83 -34.24
CA PRO D 339 -15.27 -10.32 -35.29
C PRO D 339 -14.67 -11.50 -36.04
N LYS D 340 -15.54 -12.43 -36.46
CA LYS D 340 -15.11 -13.63 -37.16
C LYS D 340 -15.33 -13.48 -38.66
N TYR D 341 -15.52 -12.22 -39.08
CA TYR D 341 -15.66 -11.85 -40.48
C TYR D 341 -14.82 -10.60 -40.81
N PHE D 342 -14.19 -10.61 -41.98
CA PHE D 342 -13.42 -9.46 -42.45
C PHE D 342 -13.92 -8.96 -43.80
N LYS D 343 -13.54 -7.75 -44.17
CA LYS D 343 -13.85 -7.19 -45.49
C LYS D 343 -12.60 -7.11 -46.36
N PRO D 344 -12.48 -8.01 -47.35
CA PRO D 344 -11.29 -8.03 -48.19
C PRO D 344 -10.96 -6.65 -48.77
N GLY D 345 -9.71 -6.24 -48.62
CA GLY D 345 -9.25 -4.95 -49.10
C GLY D 345 -9.21 -3.90 -48.01
N MET D 346 -9.88 -4.18 -46.89
CA MET D 346 -10.02 -3.24 -45.78
C MET D 346 -9.26 -3.74 -44.53
N PRO D 347 -9.01 -2.86 -43.56
CA PRO D 347 -8.44 -3.28 -42.27
C PRO D 347 -9.31 -4.30 -41.53
N PHE D 348 -8.65 -5.24 -40.90
CA PHE D 348 -9.27 -6.14 -39.95
C PHE D 348 -8.68 -5.83 -38.58
N ASP D 349 -9.55 -5.38 -37.70
CA ASP D 349 -9.20 -5.01 -36.33
C ASP D 349 -9.39 -6.21 -35.41
N LEU D 350 -8.41 -6.47 -34.55
CA LEU D 350 -8.54 -7.52 -33.55
C LEU D 350 -8.52 -6.90 -32.17
N MET D 351 -9.60 -7.13 -31.43
CA MET D 351 -9.63 -6.76 -30.04
C MET D 351 -9.18 -8.01 -29.30
N VAL D 352 -7.93 -8.01 -28.81
CA VAL D 352 -7.39 -9.19 -28.15
C VAL D 352 -7.51 -9.03 -26.65
N PHE D 353 -7.94 -10.09 -25.99
CA PHE D 353 -8.09 -10.13 -24.54
C PHE D 353 -7.08 -11.14 -23.99
N VAL D 354 -6.22 -10.65 -23.10
CA VAL D 354 -5.15 -11.42 -22.54
C VAL D 354 -5.40 -11.54 -21.04
N THR D 355 -5.44 -12.78 -20.54
CA THR D 355 -5.68 -13.03 -19.13
C THR D 355 -4.43 -13.58 -18.42
N ASN D 356 -4.45 -13.51 -17.10
CA ASN D 356 -3.58 -14.32 -16.26
C ASN D 356 -4.28 -15.68 -16.17
N PRO D 357 -3.55 -16.75 -15.79
CA PRO D 357 -4.12 -18.11 -15.84
C PRO D 357 -5.40 -18.35 -15.01
N ASP D 358 -5.72 -17.39 -14.14
CA ASP D 358 -6.95 -17.39 -13.34
C ASP D 358 -8.12 -16.61 -14.00
N GLY D 359 -7.94 -16.22 -15.26
CA GLY D 359 -8.99 -15.50 -15.98
C GLY D 359 -9.06 -14.00 -15.68
N SER D 360 -8.20 -13.52 -14.78
CA SER D 360 -8.14 -12.10 -14.48
C SER D 360 -7.36 -11.35 -15.58
N PRO D 361 -7.76 -10.09 -15.86
CA PRO D 361 -7.14 -9.26 -16.91
C PRO D 361 -5.64 -9.14 -16.74
N ALA D 362 -4.89 -9.37 -17.82
CA ALA D 362 -3.44 -9.24 -17.79
C ALA D 362 -3.04 -7.89 -18.36
N TYR D 363 -2.29 -7.12 -17.59
CA TYR D 363 -1.97 -5.73 -17.92
C TYR D 363 -0.57 -5.57 -18.53
N ARG D 364 -0.47 -4.70 -19.54
CA ARG D 364 0.81 -4.27 -20.12
C ARG D 364 1.62 -5.37 -20.83
N VAL D 365 0.92 -6.36 -21.38
CA VAL D 365 1.55 -7.44 -22.14
C VAL D 365 1.60 -7.09 -23.62
N PRO D 366 2.77 -7.22 -24.25
CA PRO D 366 2.85 -6.97 -25.68
C PRO D 366 2.30 -8.15 -26.50
N VAL D 367 1.56 -7.83 -27.55
CA VAL D 367 1.03 -8.84 -28.47
C VAL D 367 1.31 -8.45 -29.92
N ALA D 368 1.39 -9.45 -30.79
CA ALA D 368 1.65 -9.21 -32.19
C ALA D 368 1.01 -10.28 -33.08
N VAL D 369 0.64 -9.88 -34.28
CA VAL D 369 0.23 -10.82 -35.30
C VAL D 369 1.49 -11.51 -35.84
N GLN D 370 1.53 -12.83 -35.79
CA GLN D 370 2.68 -13.56 -36.30
C GLN D 370 2.69 -13.54 -37.83
N GLY D 371 3.89 -13.51 -38.41
CA GLY D 371 4.07 -13.39 -39.86
C GLY D 371 4.17 -11.93 -40.28
N GLU D 372 3.22 -11.14 -39.79
CA GLU D 372 3.19 -9.70 -39.98
C GLU D 372 3.55 -9.03 -38.64
N ASP D 373 4.61 -9.56 -38.02
CA ASP D 373 5.01 -9.26 -36.64
C ASP D 373 5.25 -7.77 -36.35
N THR D 374 6.52 -7.43 -36.10
CA THR D 374 7.07 -6.06 -35.95
C THR D 374 6.23 -4.98 -35.23
N VAL D 375 4.96 -4.84 -35.61
CA VAL D 375 4.04 -3.81 -35.06
C VAL D 375 4.00 -3.80 -33.51
N GLN D 376 3.46 -4.86 -32.92
CA GLN D 376 3.33 -5.00 -31.46
C GLN D 376 2.42 -3.94 -30.83
N SER D 377 1.61 -4.36 -29.85
CA SER D 377 0.68 -3.50 -29.12
C SER D 377 0.59 -4.01 -27.67
N LEU D 378 0.34 -3.11 -26.73
CA LEU D 378 0.31 -3.46 -25.30
C LEU D 378 -1.09 -3.48 -24.76
N THR D 379 -1.43 -4.52 -24.00
CA THR D 379 -2.75 -4.62 -23.37
C THR D 379 -2.93 -3.57 -22.29
N GLN D 380 -4.13 -3.02 -22.22
CA GLN D 380 -4.46 -2.01 -21.24
C GLN D 380 -4.90 -2.67 -19.91
N GLY D 381 -5.34 -1.86 -18.96
CA GLY D 381 -5.68 -2.33 -17.62
C GLY D 381 -6.72 -3.43 -17.60
N ASP D 382 -7.68 -3.33 -18.50
CA ASP D 382 -8.77 -4.29 -18.64
C ASP D 382 -8.36 -5.51 -19.48
N GLY D 383 -7.06 -5.60 -19.76
CA GLY D 383 -6.46 -6.73 -20.48
C GLY D 383 -6.60 -6.76 -22.00
N VAL D 384 -7.05 -5.66 -22.60
CA VAL D 384 -7.29 -5.69 -24.04
C VAL D 384 -6.28 -4.88 -24.84
N ALA D 385 -5.95 -5.38 -26.03
CA ALA D 385 -5.09 -4.67 -26.95
C ALA D 385 -5.77 -4.64 -28.29
N LYS D 386 -5.57 -3.55 -29.02
CA LYS D 386 -6.08 -3.41 -30.37
C LYS D 386 -4.94 -3.66 -31.33
N LEU D 387 -5.11 -4.65 -32.19
CA LEU D 387 -4.21 -4.91 -33.31
C LEU D 387 -4.95 -4.65 -34.63
N SER D 388 -4.22 -4.34 -35.69
CA SER D 388 -4.84 -4.11 -37.00
C SER D 388 -4.02 -4.70 -38.12
N ILE D 389 -4.68 -5.30 -39.09
CA ILE D 389 -4.00 -5.80 -40.28
C ILE D 389 -4.68 -5.30 -41.55
N ASN D 390 -3.89 -4.84 -42.51
CA ASN D 390 -4.42 -4.41 -43.78
C ASN D 390 -4.59 -5.59 -44.72
N THR D 391 -5.84 -6.03 -44.87
CA THR D 391 -6.12 -7.19 -45.69
C THR D 391 -6.03 -6.84 -47.17
N HIS D 392 -5.45 -7.75 -47.94
CA HIS D 392 -5.49 -7.67 -49.39
C HIS D 392 -6.84 -8.21 -49.86
N PRO D 393 -7.34 -7.70 -51.01
CA PRO D 393 -8.68 -8.06 -51.45
C PRO D 393 -8.77 -9.42 -52.16
N SER D 394 -8.62 -10.50 -51.39
CA SER D 394 -8.95 -11.84 -51.86
C SER D 394 -10.04 -12.45 -50.98
N GLN D 395 -10.65 -13.53 -51.46
CA GLN D 395 -11.75 -14.20 -50.76
C GLN D 395 -11.24 -15.41 -49.99
N LYS D 396 -9.93 -15.54 -49.88
CA LYS D 396 -9.30 -16.58 -49.07
C LYS D 396 -9.61 -16.29 -47.59
N PRO D 397 -10.05 -17.32 -46.83
CA PRO D 397 -10.26 -17.17 -45.39
C PRO D 397 -9.00 -16.71 -44.70
N LEU D 398 -9.16 -15.92 -43.63
CA LEU D 398 -8.01 -15.35 -42.93
C LEU D 398 -7.65 -16.19 -41.71
N SER D 399 -6.39 -16.61 -41.66
CA SER D 399 -5.86 -17.36 -40.54
C SER D 399 -4.90 -16.44 -39.80
N ILE D 400 -5.30 -16.03 -38.60
CA ILE D 400 -4.51 -15.10 -37.81
C ILE D 400 -3.97 -15.66 -36.46
N THR D 401 -2.66 -15.54 -36.26
CA THR D 401 -2.02 -15.96 -35.01
C THR D 401 -1.52 -14.74 -34.27
N VAL D 402 -1.90 -14.63 -33.01
CA VAL D 402 -1.38 -13.62 -32.11
C VAL D 402 -0.53 -14.32 -31.05
N ARG D 403 0.66 -13.81 -30.83
CA ARG D 403 1.53 -14.30 -29.75
C ARG D 403 1.87 -13.17 -28.80
N THR D 404 2.01 -13.52 -27.53
CA THR D 404 2.59 -12.65 -26.52
C THR D 404 4.09 -12.44 -26.83
N LYS D 405 4.56 -11.21 -26.61
CA LYS D 405 5.96 -10.83 -26.86
C LYS D 405 6.59 -10.29 -25.58
N LYS D 406 6.31 -10.93 -24.45
CA LYS D 406 6.90 -10.52 -23.19
C LYS D 406 8.40 -10.79 -23.23
N GLN D 407 9.21 -9.74 -23.11
CA GLN D 407 10.64 -9.83 -23.41
C GLN D 407 11.43 -10.79 -22.50
N GLU D 408 10.90 -11.03 -21.30
CA GLU D 408 11.55 -11.87 -20.27
C GLU D 408 11.15 -13.35 -20.32
N LEU D 409 10.50 -13.78 -21.40
CA LEU D 409 10.04 -15.15 -21.56
C LEU D 409 10.67 -15.85 -22.76
N SER D 410 10.95 -17.14 -22.60
CA SER D 410 11.25 -18.04 -23.72
C SER D 410 10.14 -18.04 -24.76
N GLU D 411 10.42 -18.61 -25.93
CA GLU D 411 9.41 -18.82 -26.96
C GLU D 411 8.32 -19.76 -26.49
N ALA D 412 8.76 -20.84 -25.85
CA ALA D 412 7.89 -21.82 -25.21
C ALA D 412 6.95 -21.20 -24.16
N GLU D 413 7.45 -20.19 -23.46
CA GLU D 413 6.69 -19.49 -22.41
C GLU D 413 5.64 -18.51 -22.92
N GLN D 414 5.77 -18.07 -24.18
CA GLN D 414 4.80 -17.14 -24.75
C GLN D 414 3.48 -17.84 -25.00
N ALA D 415 2.40 -17.08 -24.85
CA ALA D 415 1.07 -17.56 -25.18
C ALA D 415 0.80 -17.35 -26.66
N THR D 416 -0.03 -18.23 -27.22
CA THR D 416 -0.37 -18.18 -28.62
C THR D 416 -1.80 -18.60 -28.80
N ARG D 417 -2.43 -18.09 -29.86
CA ARG D 417 -3.78 -18.47 -30.25
C ARG D 417 -4.02 -18.14 -31.73
N THR D 418 -4.69 -19.05 -32.43
CA THR D 418 -5.07 -18.88 -33.84
C THR D 418 -6.59 -18.79 -34.05
N MET D 419 -7.05 -17.75 -34.72
CA MET D 419 -8.45 -17.63 -35.14
C MET D 419 -8.55 -17.62 -36.66
N GLN D 420 -9.76 -17.86 -37.15
CA GLN D 420 -10.06 -17.79 -38.57
C GLN D 420 -11.19 -16.79 -38.82
N ALA D 421 -10.97 -15.88 -39.77
CA ALA D 421 -11.97 -14.92 -40.21
C ALA D 421 -12.40 -15.23 -41.65
N LEU D 422 -13.72 -15.25 -41.87
CA LEU D 422 -14.29 -15.50 -43.19
C LEU D 422 -14.64 -14.17 -43.85
N PRO D 423 -14.57 -14.12 -45.20
CA PRO D 423 -14.90 -12.87 -45.87
C PRO D 423 -16.39 -12.55 -45.83
N TYR D 424 -16.71 -11.29 -45.55
CA TYR D 424 -18.06 -10.76 -45.69
C TYR D 424 -18.45 -10.85 -47.16
N SER D 425 -19.67 -11.32 -47.43
CA SER D 425 -20.13 -11.53 -48.80
C SER D 425 -20.92 -10.34 -49.35
N THR D 426 -20.48 -9.83 -50.49
CA THR D 426 -21.19 -8.75 -51.17
C THR D 426 -22.39 -9.30 -51.94
N VAL D 427 -23.35 -8.43 -52.25
CA VAL D 427 -24.63 -8.86 -52.84
C VAL D 427 -24.53 -9.65 -54.17
N GLY D 428 -23.80 -9.12 -55.15
CA GLY D 428 -23.55 -9.85 -56.40
C GLY D 428 -22.11 -9.73 -56.85
N ASN D 429 -21.18 -10.18 -56.01
CA ASN D 429 -19.73 -10.01 -56.24
C ASN D 429 -19.39 -8.55 -56.56
N SER D 430 -19.93 -7.64 -55.74
CA SER D 430 -19.94 -6.21 -56.04
C SER D 430 -18.68 -5.46 -55.63
N ASN D 431 -18.01 -5.91 -54.57
CA ASN D 431 -16.81 -5.25 -53.99
C ASN D 431 -17.11 -3.99 -53.19
N ASN D 432 -18.33 -3.88 -52.68
CA ASN D 432 -18.74 -2.76 -51.84
C ASN D 432 -18.79 -3.19 -50.40
N TYR D 433 -18.01 -2.51 -49.56
CA TYR D 433 -17.87 -2.86 -48.14
C TYR D 433 -18.01 -1.64 -47.23
N LEU D 434 -18.40 -1.88 -45.98
CA LEU D 434 -18.30 -0.85 -44.94
C LEU D 434 -17.49 -1.44 -43.77
N HIS D 435 -16.62 -0.60 -43.19
CA HIS D 435 -15.83 -0.94 -42.00
C HIS D 435 -15.98 0.14 -40.95
N LEU D 436 -16.49 -0.25 -39.78
CA LEU D 436 -16.59 0.60 -38.61
C LEU D 436 -15.43 0.34 -37.67
N SER D 437 -14.84 1.41 -37.17
CA SER D 437 -13.65 1.33 -36.36
C SER D 437 -13.82 2.23 -35.12
N VAL D 438 -13.42 1.71 -33.96
CA VAL D 438 -13.33 2.51 -32.73
C VAL D 438 -12.00 2.27 -32.01
N LEU D 439 -11.60 3.21 -31.16
CA LEU D 439 -10.51 2.96 -30.21
C LEU D 439 -11.01 2.11 -29.04
N ARG D 440 -10.25 1.08 -28.74
CA ARG D 440 -10.47 0.35 -27.50
C ARG D 440 -9.75 1.24 -26.49
N THR D 441 -9.94 1.00 -25.20
CA THR D 441 -9.43 1.82 -24.08
C THR D 441 -10.59 2.29 -23.24
N GLU D 442 -10.31 2.43 -21.96
CA GLU D 442 -11.25 2.88 -20.94
C GLU D 442 -12.26 3.92 -21.45
N LEU D 443 -13.50 3.46 -21.65
CA LEU D 443 -14.62 4.29 -22.11
C LEU D 443 -15.66 4.43 -21.01
N ARG D 444 -15.88 5.66 -20.55
CA ARG D 444 -16.79 5.95 -19.46
C ARG D 444 -17.84 6.94 -19.92
N PRO D 445 -19.05 6.91 -19.31
CA PRO D 445 -20.04 7.98 -19.48
C PRO D 445 -19.42 9.38 -19.33
N GLY D 446 -19.93 10.33 -20.10
CA GLY D 446 -19.35 11.68 -20.17
C GLY D 446 -18.36 11.85 -21.33
N GLU D 447 -17.60 10.80 -21.61
CA GLU D 447 -16.58 10.79 -22.66
C GLU D 447 -17.18 10.61 -24.06
N THR D 448 -16.61 11.28 -25.05
CA THR D 448 -17.00 11.11 -26.45
C THR D 448 -16.18 10.00 -27.11
N LEU D 449 -16.84 9.22 -27.96
CA LEU D 449 -16.19 8.19 -28.75
C LEU D 449 -16.28 8.49 -30.25
N ASN D 450 -15.10 8.51 -30.90
CA ASN D 450 -15.02 8.61 -32.36
C ASN D 450 -15.27 7.27 -33.04
N VAL D 451 -16.28 7.25 -33.91
CA VAL D 451 -16.60 6.07 -34.70
C VAL D 451 -16.21 6.40 -36.14
N ASN D 452 -15.35 5.55 -36.69
CA ASN D 452 -14.76 5.75 -38.00
C ASN D 452 -15.57 4.96 -39.01
N PHE D 453 -16.16 5.68 -39.97
CA PHE D 453 -16.88 5.04 -41.08
C PHE D 453 -15.94 5.09 -42.27
N LEU D 454 -15.54 3.93 -42.75
CA LEU D 454 -14.54 3.87 -43.79
C LEU D 454 -15.11 3.07 -44.95
N LEU D 455 -14.93 3.59 -46.17
CA LEU D 455 -15.60 3.05 -47.36
C LEU D 455 -14.66 2.30 -48.31
N ARG D 456 -15.08 1.10 -48.72
CA ARG D 456 -14.49 0.41 -49.89
C ARG D 456 -15.51 0.17 -51.01
N MET D 457 -15.34 0.92 -52.10
CA MET D 457 -16.00 0.66 -53.38
C MET D 457 -15.25 1.39 -54.49
N ASP D 458 -15.39 0.88 -55.71
CA ASP D 458 -14.65 1.41 -56.84
C ASP D 458 -15.07 2.85 -57.17
N ARG D 459 -14.10 3.62 -57.67
CA ARG D 459 -14.24 5.06 -57.90
C ARG D 459 -15.45 5.42 -58.77
N ALA D 460 -15.86 4.48 -59.63
CA ALA D 460 -17.01 4.67 -60.50
C ALA D 460 -18.34 4.82 -59.75
N HIS D 461 -18.44 4.28 -58.55
CA HIS D 461 -19.72 4.28 -57.84
C HIS D 461 -19.72 5.02 -56.51
N GLU D 462 -18.53 5.32 -55.98
CA GLU D 462 -18.38 5.87 -54.62
C GLU D 462 -19.14 7.18 -54.35
N ALA D 463 -19.31 7.99 -55.38
CA ALA D 463 -19.99 9.30 -55.27
C ALA D 463 -21.50 9.23 -54.95
N LYS D 464 -22.10 8.06 -55.16
CA LYS D 464 -23.51 7.81 -54.83
C LYS D 464 -23.77 7.76 -53.31
N ILE D 465 -22.72 7.53 -52.53
CA ILE D 465 -22.89 7.41 -51.08
C ILE D 465 -22.76 8.77 -50.40
N ARG D 466 -23.86 9.21 -49.81
CA ARG D 466 -23.97 10.55 -49.25
C ARG D 466 -24.23 10.52 -47.75
N TYR D 467 -24.45 9.30 -47.22
CA TYR D 467 -24.66 9.10 -45.80
C TYR D 467 -24.71 7.64 -45.41
N TYR D 468 -24.49 7.41 -44.12
CA TYR D 468 -24.71 6.13 -43.50
C TYR D 468 -25.75 6.29 -42.41
N THR D 469 -26.55 5.26 -42.21
CA THR D 469 -27.47 5.18 -41.09
C THR D 469 -26.80 4.37 -40.01
N TYR D 470 -26.88 4.85 -38.77
CA TYR D 470 -26.33 4.11 -37.65
C TYR D 470 -27.36 3.83 -36.58
N LEU D 471 -27.25 2.65 -35.98
CA LEU D 471 -28.19 2.16 -34.96
C LEU D 471 -27.38 1.68 -33.76
N ILE D 472 -27.84 2.06 -32.57
CA ILE D 472 -27.18 1.64 -31.33
C ILE D 472 -28.05 0.69 -30.49
N MET D 473 -27.68 -0.59 -30.47
CA MET D 473 -28.31 -1.55 -29.56
C MET D 473 -27.70 -1.46 -28.16
N ASN D 474 -28.54 -1.34 -27.15
CA ASN D 474 -28.13 -1.52 -25.77
C ASN D 474 -29.24 -2.18 -24.95
N LYS D 475 -28.84 -3.11 -24.10
CA LYS D 475 -29.76 -3.89 -23.24
C LYS D 475 -30.99 -4.44 -23.98
N GLY D 476 -30.85 -4.57 -25.30
CA GLY D 476 -31.83 -5.29 -26.13
C GLY D 476 -32.85 -4.42 -26.82
N ARG D 477 -32.50 -3.15 -27.00
CA ARG D 477 -33.38 -2.19 -27.65
C ARG D 477 -32.58 -1.09 -28.35
N LEU D 478 -33.20 -0.47 -29.33
CA LEU D 478 -32.65 0.71 -30.00
C LEU D 478 -32.56 1.88 -29.05
N LEU D 479 -31.34 2.16 -28.62
CA LEU D 479 -31.09 3.36 -27.83
C LEU D 479 -31.14 4.59 -28.73
N LYS D 480 -30.47 4.51 -29.88
CA LYS D 480 -30.27 5.66 -30.75
C LYS D 480 -30.06 5.23 -32.19
N ALA D 481 -30.49 6.11 -33.10
CA ALA D 481 -30.31 5.92 -34.53
C ALA D 481 -30.14 7.29 -35.15
N GLY D 482 -29.35 7.37 -36.22
CA GLY D 482 -29.10 8.63 -36.87
C GLY D 482 -28.34 8.46 -38.17
N ARG D 483 -27.81 9.57 -38.66
CA ARG D 483 -27.11 9.56 -39.93
C ARG D 483 -25.74 10.19 -39.78
N GLN D 484 -24.79 9.65 -40.55
CA GLN D 484 -23.46 10.21 -40.70
C GLN D 484 -23.37 10.69 -42.12
N VAL D 485 -23.17 12.00 -42.31
CA VAL D 485 -23.06 12.57 -43.66
C VAL D 485 -21.72 12.22 -44.28
N ARG D 486 -21.73 12.12 -45.62
CA ARG D 486 -20.53 11.81 -46.39
C ARG D 486 -20.58 12.47 -47.76
N GLU D 487 -19.43 13.00 -48.17
CA GLU D 487 -19.29 13.71 -49.44
C GLU D 487 -18.38 12.89 -50.34
N PRO D 488 -18.67 12.84 -51.67
CA PRO D 488 -17.79 12.10 -52.59
C PRO D 488 -16.30 12.34 -52.35
N GLY D 489 -15.47 11.34 -52.58
CA GLY D 489 -14.02 11.47 -52.34
C GLY D 489 -13.59 11.22 -50.91
N GLN D 490 -14.55 11.12 -49.99
CA GLN D 490 -14.27 10.87 -48.58
C GLN D 490 -14.17 9.38 -48.24
N ASP D 491 -12.95 8.97 -47.95
CA ASP D 491 -12.60 7.63 -47.50
C ASP D 491 -13.18 7.33 -46.14
N LEU D 492 -12.96 8.29 -45.26
CA LEU D 492 -13.10 8.13 -43.84
C LEU D 492 -13.83 9.36 -43.32
N VAL D 493 -14.99 9.13 -42.73
CA VAL D 493 -15.71 10.16 -41.98
C VAL D 493 -15.83 9.70 -40.53
N VAL D 494 -15.82 10.64 -39.60
CA VAL D 494 -15.80 10.33 -38.18
C VAL D 494 -17.06 10.86 -37.51
N LEU D 495 -17.71 10.00 -36.74
CA LEU D 495 -18.85 10.36 -35.94
C LEU D 495 -18.44 10.57 -34.48
N PRO D 496 -18.64 11.78 -33.92
CA PRO D 496 -18.43 12.00 -32.48
C PRO D 496 -19.65 11.56 -31.66
N LEU D 497 -19.52 10.43 -30.99
CA LEU D 497 -20.61 9.83 -30.23
C LEU D 497 -20.46 10.08 -28.73
N SER D 498 -21.34 10.93 -28.18
CA SER D 498 -21.38 11.20 -26.74
C SER D 498 -21.85 9.97 -25.95
N ILE D 499 -21.04 9.51 -25.02
CA ILE D 499 -21.37 8.32 -24.24
C ILE D 499 -22.01 8.71 -22.90
N THR D 500 -23.18 8.16 -22.63
CA THR D 500 -23.92 8.45 -21.41
C THR D 500 -24.19 7.16 -20.63
N THR D 501 -24.73 7.31 -19.42
CA THR D 501 -25.05 6.19 -18.54
C THR D 501 -26.05 5.18 -19.12
N ASP D 502 -26.72 5.56 -20.19
CA ASP D 502 -27.57 4.63 -20.96
C ASP D 502 -26.80 3.58 -21.77
N PHE D 503 -25.53 3.87 -22.09
CA PHE D 503 -24.71 2.96 -22.90
C PHE D 503 -24.12 1.83 -22.06
N ILE D 504 -24.27 1.98 -20.74
CA ILE D 504 -23.75 1.03 -19.78
C ILE D 504 -24.53 -0.26 -19.68
N PRO D 505 -23.89 -1.33 -20.09
CA PRO D 505 -22.84 -2.24 -19.66
C PRO D 505 -21.85 -2.26 -20.85
N SER D 506 -22.37 -1.91 -22.03
CA SER D 506 -21.89 -2.48 -23.27
C SER D 506 -22.86 -2.02 -24.35
N PHE D 507 -22.40 -1.87 -25.58
CA PHE D 507 -23.33 -1.57 -26.68
C PHE D 507 -22.85 -2.02 -28.04
N ARG D 508 -23.80 -2.23 -28.95
CA ARG D 508 -23.49 -2.50 -30.34
C ARG D 508 -23.88 -1.31 -31.21
N LEU D 509 -23.05 -1.05 -32.20
CA LEU D 509 -23.30 -0.01 -33.17
C LEU D 509 -23.31 -0.72 -34.52
N VAL D 510 -24.43 -0.67 -35.22
CA VAL D 510 -24.54 -1.18 -36.59
C VAL D 510 -24.76 0.01 -37.55
N ALA D 511 -24.19 -0.06 -38.75
CA ALA D 511 -24.32 1.00 -39.73
C ALA D 511 -24.46 0.42 -41.11
N TYR D 512 -25.13 1.15 -41.99
CA TYR D 512 -25.32 0.69 -43.37
C TYR D 512 -25.43 1.85 -44.37
N TYR D 513 -25.08 1.57 -45.61
CA TYR D 513 -25.46 2.43 -46.71
C TYR D 513 -26.20 1.61 -47.75
N THR D 514 -26.90 2.31 -48.64
CA THR D 514 -27.54 1.65 -49.75
C THR D 514 -27.35 2.43 -51.06
N LEU D 515 -27.43 1.71 -52.17
CA LEU D 515 -27.30 2.27 -53.51
C LEU D 515 -27.95 1.35 -54.52
N ILE D 516 -28.13 1.85 -55.72
CA ILE D 516 -28.46 1.01 -56.87
C ILE D 516 -27.15 0.67 -57.57
N GLY D 517 -26.84 -0.63 -57.63
CA GLY D 517 -25.64 -1.08 -58.33
C GLY D 517 -25.81 -2.23 -59.31
N ALA D 518 -24.68 -2.83 -59.67
CA ALA D 518 -24.58 -4.14 -60.35
C ALA D 518 -25.35 -4.30 -61.67
N SER D 519 -26.67 -4.19 -61.60
CA SER D 519 -27.55 -4.40 -62.75
C SER D 519 -28.82 -3.55 -62.64
N GLY D 520 -28.73 -2.44 -61.92
CA GLY D 520 -29.91 -1.63 -61.61
C GLY D 520 -30.68 -2.23 -60.45
N GLN D 521 -30.02 -3.11 -59.72
CA GLN D 521 -30.59 -3.78 -58.55
C GLN D 521 -30.14 -3.08 -57.26
N ARG D 522 -31.02 -3.09 -56.26
CA ARG D 522 -30.76 -2.45 -54.97
C ARG D 522 -29.85 -3.27 -54.05
N GLU D 523 -28.89 -2.59 -53.44
CA GLU D 523 -27.86 -3.24 -52.63
C GLU D 523 -27.73 -2.58 -51.25
N VAL D 524 -27.70 -3.41 -50.21
CA VAL D 524 -27.52 -2.95 -48.83
C VAL D 524 -26.13 -3.36 -48.32
N VAL D 525 -25.39 -2.42 -47.74
CA VAL D 525 -24.07 -2.73 -47.21
C VAL D 525 -24.00 -2.32 -45.75
N ALA D 526 -23.73 -3.31 -44.89
CA ALA D 526 -23.71 -3.11 -43.44
C ALA D 526 -22.38 -3.48 -42.76
N ASP D 527 -22.10 -2.83 -41.63
CA ASP D 527 -21.10 -3.31 -40.65
C ASP D 527 -21.59 -3.08 -39.22
N SER D 528 -20.96 -3.73 -38.26
CA SER D 528 -21.26 -3.48 -36.85
C SER D 528 -20.04 -3.65 -35.96
N VAL D 529 -20.13 -3.08 -34.78
CA VAL D 529 -19.04 -3.17 -33.80
C VAL D 529 -19.64 -3.31 -32.40
N TRP D 530 -18.98 -4.09 -31.54
CA TRP D 530 -19.38 -4.17 -30.13
C TRP D 530 -18.39 -3.38 -29.28
N VAL D 531 -18.90 -2.54 -28.38
CA VAL D 531 -18.09 -1.58 -27.64
C VAL D 531 -18.36 -1.68 -26.15
N ASP D 532 -17.33 -2.06 -25.39
CA ASP D 532 -17.39 -2.19 -23.93
C ASP D 532 -17.41 -0.81 -23.26
N VAL D 533 -18.26 -0.65 -22.25
CA VAL D 533 -18.30 0.61 -21.49
C VAL D 533 -18.03 0.27 -20.03
N LYS D 534 -17.18 1.06 -19.37
CA LYS D 534 -16.73 0.74 -18.01
C LYS D 534 -17.94 0.51 -17.10
N ASP D 535 -17.88 -0.59 -16.34
CA ASP D 535 -18.91 -0.94 -15.36
C ASP D 535 -19.01 0.10 -14.26
N SER D 536 -20.24 0.34 -13.82
CA SER D 536 -20.54 1.11 -12.63
C SER D 536 -22.04 0.99 -12.35
N CYS D 537 -22.55 1.74 -11.36
CA CYS D 537 -23.99 1.89 -11.20
C CYS D 537 -24.42 2.96 -12.20
N VAL D 538 -25.71 3.00 -12.53
CA VAL D 538 -26.22 4.08 -13.35
C VAL D 538 -26.26 5.36 -12.49
N GLY D 539 -26.83 5.24 -11.29
CA GLY D 539 -26.84 6.34 -10.35
C GLY D 539 -25.64 6.14 -9.46
N SER D 540 -25.82 6.26 -8.16
CA SER D 540 -24.71 6.14 -7.23
C SER D 540 -25.25 5.85 -5.86
N LEU D 541 -24.46 5.16 -5.06
CA LEU D 541 -24.84 4.85 -3.69
C LEU D 541 -23.57 4.64 -2.91
N VAL D 542 -23.42 5.43 -1.84
CA VAL D 542 -22.30 5.28 -0.90
C VAL D 542 -22.84 5.31 0.53
N VAL D 543 -22.31 4.41 1.35
CA VAL D 543 -22.55 4.35 2.78
C VAL D 543 -21.21 4.76 3.39
N LYS D 544 -21.24 5.70 4.34
CA LYS D 544 -20.04 6.03 5.10
C LYS D 544 -20.37 6.49 6.53
N SER D 545 -19.34 6.90 7.28
CA SER D 545 -19.54 7.30 8.67
C SER D 545 -20.06 8.71 8.73
N GLY D 546 -20.98 8.95 9.66
CA GLY D 546 -21.30 10.30 10.11
C GLY D 546 -20.31 10.69 11.21
N GLN D 552 -12.26 5.29 17.08
CA GLN D 552 -12.77 3.96 16.73
C GLN D 552 -13.81 3.54 17.76
N PRO D 553 -15.02 3.19 17.29
CA PRO D 553 -16.15 2.95 18.18
C PRO D 553 -16.00 1.80 19.18
N VAL D 554 -16.84 1.89 20.21
CA VAL D 554 -16.86 1.04 21.38
C VAL D 554 -18.18 0.25 21.30
N PRO D 555 -18.21 -1.00 21.81
CA PRO D 555 -19.47 -1.74 21.91
C PRO D 555 -20.63 -0.94 22.50
N GLY D 556 -21.78 -0.97 21.82
CA GLY D 556 -22.99 -0.32 22.31
C GLY D 556 -23.10 1.15 21.95
N GLN D 557 -22.04 1.69 21.37
CA GLN D 557 -21.96 3.12 21.07
C GLN D 557 -22.88 3.50 19.93
N GLN D 558 -23.55 4.63 20.09
CA GLN D 558 -24.32 5.26 19.03
C GLN D 558 -23.37 5.85 17.98
N MET D 559 -23.72 5.68 16.72
CA MET D 559 -22.97 6.31 15.64
C MET D 559 -23.91 6.72 14.51
N THR D 560 -23.48 7.71 13.74
CA THR D 560 -24.24 8.19 12.62
C THR D 560 -23.77 7.55 11.32
N LEU D 561 -24.71 6.96 10.60
CA LEU D 561 -24.43 6.36 9.32
C LEU D 561 -24.85 7.36 8.26
N LYS D 562 -24.08 7.44 7.20
CA LYS D 562 -24.32 8.42 6.15
C LYS D 562 -24.56 7.70 4.84
N ILE D 563 -25.79 7.83 4.32
CA ILE D 563 -26.16 7.24 3.06
C ILE D 563 -26.43 8.30 2.02
N GLU D 564 -25.63 8.28 0.96
CA GLU D 564 -25.70 9.23 -0.13
C GLU D 564 -26.04 8.50 -1.44
N GLY D 565 -27.11 8.95 -2.08
CA GLY D 565 -27.57 8.32 -3.29
C GLY D 565 -28.58 9.18 -4.00
N ASP D 566 -29.25 8.61 -4.98
CA ASP D 566 -30.17 9.36 -5.81
C ASP D 566 -31.47 9.63 -5.09
N HIS D 567 -31.99 10.83 -5.31
CA HIS D 567 -33.21 11.28 -4.68
C HIS D 567 -34.39 10.40 -5.07
N GLY D 568 -35.21 10.02 -4.10
CA GLY D 568 -36.35 9.16 -4.35
C GLY D 568 -36.07 7.66 -4.34
N ALA D 569 -34.80 7.27 -4.17
CA ALA D 569 -34.44 5.84 -4.17
C ALA D 569 -34.77 5.18 -2.85
N ARG D 570 -35.06 3.91 -2.92
CA ARG D 570 -35.32 3.12 -1.74
C ARG D 570 -34.04 2.35 -1.42
N VAL D 571 -33.51 2.56 -0.23
CA VAL D 571 -32.27 1.91 0.17
C VAL D 571 -32.53 0.81 1.22
N VAL D 572 -32.01 -0.38 0.96
CA VAL D 572 -32.11 -1.47 1.92
C VAL D 572 -30.71 -1.82 2.41
N LEU D 573 -30.63 -2.05 3.72
CA LEU D 573 -29.38 -2.25 4.44
C LEU D 573 -29.37 -3.60 5.13
N VAL D 574 -28.17 -4.18 5.30
CA VAL D 574 -27.82 -5.09 6.38
C VAL D 574 -26.44 -4.72 6.96
N ALA D 575 -26.24 -5.08 8.22
CA ALA D 575 -24.91 -5.12 8.80
C ALA D 575 -24.64 -6.56 9.20
N VAL D 576 -23.50 -7.08 8.78
CA VAL D 576 -23.13 -8.48 9.00
C VAL D 576 -21.76 -8.53 9.65
N ASP D 577 -21.64 -9.37 10.68
CA ASP D 577 -20.38 -9.69 11.33
C ASP D 577 -19.44 -10.36 10.33
N LYS D 578 -18.28 -9.75 10.12
CA LYS D 578 -17.31 -10.28 9.16
C LYS D 578 -16.87 -11.72 9.46
N GLY D 579 -17.11 -12.20 10.67
CA GLY D 579 -16.85 -13.59 11.01
C GLY D 579 -17.68 -14.57 10.20
N VAL D 580 -18.86 -14.13 9.77
CA VAL D 580 -19.77 -14.91 8.93
C VAL D 580 -19.11 -15.32 7.61
N PHE D 581 -18.40 -14.36 7.00
CA PHE D 581 -17.70 -14.54 5.72
C PHE D 581 -16.44 -15.42 5.86
N VAL D 582 -15.90 -15.55 7.08
CA VAL D 582 -14.80 -16.46 7.36
C VAL D 582 -15.25 -17.92 7.17
N LEU D 583 -16.54 -18.16 7.40
CA LEU D 583 -17.12 -19.49 7.26
C LEU D 583 -17.68 -19.77 5.87
N ASN D 584 -18.20 -18.75 5.21
CA ASN D 584 -18.89 -18.88 3.93
C ASN D 584 -19.03 -17.48 3.32
N LYS D 585 -18.45 -17.28 2.16
CA LYS D 585 -18.53 -15.99 1.46
C LYS D 585 -19.16 -16.16 0.06
N LYS D 586 -19.88 -17.25 -0.14
CA LYS D 586 -20.50 -17.52 -1.44
C LYS D 586 -21.89 -16.94 -1.54
N ASN D 587 -22.37 -16.87 -2.79
CA ASN D 587 -23.74 -16.49 -3.16
C ASN D 587 -24.11 -15.06 -2.80
N LYS D 588 -23.12 -14.16 -2.73
CA LYS D 588 -23.38 -12.74 -2.38
C LYS D 588 -23.75 -11.89 -3.60
N LEU D 589 -24.62 -10.90 -3.38
CA LEU D 589 -25.08 -9.97 -4.41
C LEU D 589 -24.05 -8.91 -4.64
N THR D 590 -23.66 -8.71 -5.90
CA THR D 590 -22.72 -7.66 -6.28
C THR D 590 -23.22 -6.99 -7.54
N GLN D 591 -22.83 -5.72 -7.76
CA GLN D 591 -23.22 -4.99 -8.96
C GLN D 591 -22.60 -5.59 -10.23
N SER D 592 -21.39 -6.11 -10.11
CA SER D 592 -20.72 -6.73 -11.26
C SER D 592 -21.42 -8.02 -11.73
N LYS D 593 -21.94 -8.80 -10.79
CA LYS D 593 -22.81 -9.95 -11.06
C LYS D 593 -24.14 -9.60 -11.74
N ILE D 594 -24.71 -8.46 -11.38
CA ILE D 594 -25.92 -7.99 -12.03
C ILE D 594 -25.64 -7.73 -13.52
N TRP D 595 -24.55 -7.02 -13.82
CA TRP D 595 -24.12 -6.78 -15.21
C TRP D 595 -23.78 -8.03 -15.99
N ASP D 596 -23.24 -9.06 -15.32
CA ASP D 596 -23.03 -10.37 -15.98
C ASP D 596 -24.35 -10.99 -16.41
N VAL D 597 -25.39 -10.84 -15.60
CA VAL D 597 -26.73 -11.33 -15.93
C VAL D 597 -27.31 -10.56 -17.14
N VAL D 598 -27.07 -9.24 -17.21
CA VAL D 598 -27.50 -8.39 -18.32
C VAL D 598 -26.79 -8.72 -19.62
N GLU D 599 -25.47 -8.86 -19.55
CA GLU D 599 -24.66 -9.19 -20.71
C GLU D 599 -25.02 -10.55 -21.32
N LYS D 600 -25.30 -11.53 -20.47
CA LYS D 600 -25.71 -12.87 -20.94
C LYS D 600 -27.05 -12.85 -21.66
N ALA D 601 -27.89 -11.85 -21.40
CA ALA D 601 -29.23 -11.79 -21.96
C ALA D 601 -29.25 -10.95 -23.24
N ASP D 602 -28.05 -10.61 -23.71
CA ASP D 602 -27.87 -9.84 -24.91
C ASP D 602 -28.59 -10.58 -26.06
N ILE D 603 -29.34 -9.84 -26.86
CA ILE D 603 -30.01 -10.44 -28.01
C ILE D 603 -29.08 -10.44 -29.22
N GLY D 604 -28.10 -9.54 -29.23
CA GLY D 604 -27.00 -9.58 -30.18
C GLY D 604 -26.12 -10.76 -29.82
N CYS D 605 -25.62 -11.48 -30.83
CA CYS D 605 -24.95 -12.77 -30.57
C CYS D 605 -23.46 -12.89 -30.98
N THR D 606 -22.91 -11.88 -31.63
CA THR D 606 -21.49 -11.93 -32.05
C THR D 606 -20.75 -10.62 -31.78
N PRO D 607 -19.41 -10.61 -31.89
CA PRO D 607 -18.61 -9.39 -31.70
C PRO D 607 -18.74 -8.33 -32.81
N GLY D 608 -19.30 -8.70 -33.96
CA GLY D 608 -19.49 -7.73 -35.01
C GLY D 608 -19.35 -8.35 -36.37
N SER D 609 -19.59 -7.53 -37.39
CA SER D 609 -19.63 -7.95 -38.80
C SER D 609 -20.68 -9.04 -39.04
N GLY D 610 -20.56 -9.78 -40.14
CA GLY D 610 -21.43 -10.91 -40.43
C GLY D 610 -21.09 -11.54 -41.77
N LYS D 611 -21.83 -12.59 -42.12
CA LYS D 611 -21.67 -13.30 -43.39
C LYS D 611 -21.98 -12.39 -44.59
N ASP D 612 -23.04 -11.59 -44.44
CA ASP D 612 -23.52 -10.68 -45.46
C ASP D 612 -24.25 -9.55 -44.73
N TYR D 613 -24.89 -8.65 -45.50
CA TYR D 613 -25.59 -7.51 -44.89
C TYR D 613 -26.68 -7.99 -43.93
N ALA D 614 -27.39 -9.05 -44.32
CA ALA D 614 -28.49 -9.60 -43.53
C ALA D 614 -27.96 -10.14 -42.20
N GLY D 615 -26.91 -10.96 -42.28
CA GLY D 615 -26.16 -11.43 -41.09
C GLY D 615 -25.61 -10.33 -40.17
N VAL D 616 -25.09 -9.25 -40.72
CA VAL D 616 -24.70 -8.12 -39.86
C VAL D 616 -25.82 -7.64 -38.93
N PHE D 617 -26.92 -7.14 -39.51
CA PHE D 617 -28.08 -6.70 -38.72
C PHE D 617 -28.54 -7.77 -37.72
N SER D 618 -28.67 -8.99 -38.21
CA SER D 618 -29.30 -10.07 -37.45
C SER D 618 -28.45 -10.55 -36.27
N ASP D 619 -27.16 -10.78 -36.52
CA ASP D 619 -26.21 -11.13 -35.46
C ASP D 619 -26.11 -10.07 -34.38
N ALA D 620 -26.51 -8.83 -34.70
CA ALA D 620 -26.55 -7.73 -33.72
C ALA D 620 -27.90 -7.53 -33.06
N GLY D 621 -28.84 -8.45 -33.29
CA GLY D 621 -30.17 -8.37 -32.70
C GLY D 621 -31.18 -7.44 -33.37
N LEU D 622 -30.94 -7.11 -34.65
CA LEU D 622 -31.84 -6.23 -35.40
C LEU D 622 -32.53 -6.89 -36.61
N THR D 623 -33.76 -6.44 -36.89
CA THR D 623 -34.40 -6.74 -38.17
C THR D 623 -34.12 -5.61 -39.16
N PHE D 624 -34.07 -5.97 -40.44
CA PHE D 624 -34.08 -5.01 -41.53
C PHE D 624 -35.08 -5.52 -42.56
N THR D 625 -35.88 -4.60 -43.10
CA THR D 625 -36.84 -4.91 -44.16
C THR D 625 -37.02 -3.67 -45.04
N SER D 626 -36.99 -3.88 -46.35
CA SER D 626 -37.26 -2.79 -47.29
C SER D 626 -38.34 -3.15 -48.29
N SER D 627 -38.89 -2.12 -48.92
CA SER D 627 -39.95 -2.21 -49.92
C SER D 627 -39.53 -2.97 -51.20
N SER D 628 -38.23 -3.06 -51.46
CA SER D 628 -37.73 -3.78 -52.63
C SER D 628 -37.30 -5.23 -52.35
N GLY D 629 -37.51 -5.70 -51.12
CA GLY D 629 -37.36 -7.12 -50.80
C GLY D 629 -36.02 -7.52 -50.22
N GLN D 630 -35.21 -6.53 -49.86
CA GLN D 630 -33.99 -6.79 -49.10
C GLN D 630 -34.41 -6.87 -47.63
N GLN D 631 -34.15 -8.01 -47.00
CA GLN D 631 -34.48 -8.18 -45.58
C GLN D 631 -33.62 -9.21 -44.86
N THR D 632 -33.70 -9.19 -43.53
CA THR D 632 -33.11 -10.23 -42.68
C THR D 632 -33.95 -11.49 -42.70
N ALA D 633 -33.31 -12.63 -42.47
CA ALA D 633 -34.02 -13.89 -42.25
C ALA D 633 -34.77 -13.86 -40.92
N GLN D 634 -35.88 -14.58 -40.87
CA GLN D 634 -36.69 -14.69 -39.65
C GLN D 634 -35.92 -15.22 -38.46
N ARG D 635 -35.94 -14.48 -37.36
CA ARG D 635 -35.48 -15.03 -36.10
C ARG D 635 -36.64 -15.66 -35.36
N ALA D 636 -36.55 -16.97 -35.14
CA ALA D 636 -37.58 -17.73 -34.46
C ALA D 636 -37.10 -18.25 -33.09
N GLU D 637 -35.82 -18.01 -32.78
CA GLU D 637 -35.17 -18.52 -31.56
C GLU D 637 -35.00 -17.42 -30.52
N LEU D 638 -35.30 -17.76 -29.27
CA LEU D 638 -35.23 -16.82 -28.16
C LEU D 638 -33.84 -16.66 -27.56
N GLN D 639 -33.02 -17.70 -27.72
CA GLN D 639 -31.65 -17.66 -27.27
C GLN D 639 -30.72 -17.64 -28.47
N CYS D 640 -29.47 -17.20 -28.26
CA CYS D 640 -28.46 -17.21 -29.31
C CYS D 640 -28.10 -18.65 -29.68
N PRO D 641 -27.51 -18.84 -30.89
CA PRO D 641 -27.04 -20.18 -31.28
C PRO D 641 -25.94 -20.70 -30.37
N GLN D 642 -25.95 -22.01 -30.11
CA GLN D 642 -24.83 -22.67 -29.44
C GLN D 642 -23.82 -23.09 -30.53
N PRO D 643 -22.49 -23.04 -30.24
CA PRO D 643 -21.55 -23.21 -31.34
C PRO D 643 -21.24 -24.68 -31.63
N LEU E 3 -8.53 -7.66 50.63
CA LEU E 3 -7.98 -7.42 49.26
C LEU E 3 -8.04 -5.95 48.84
N ASP E 4 -7.59 -5.69 47.60
CA ASP E 4 -7.28 -4.35 47.10
C ASP E 4 -8.42 -3.32 47.16
N GLU E 5 -9.61 -3.71 46.70
CA GLU E 5 -10.80 -2.82 46.60
C GLU E 5 -10.69 -1.54 45.74
N ASP E 6 -9.48 -1.16 45.30
CA ASP E 6 -9.35 -0.18 44.21
C ASP E 6 -9.67 -0.87 42.87
N ILE E 7 -10.90 -1.38 42.81
CA ILE E 7 -11.41 -2.16 41.67
C ILE E 7 -12.94 -2.11 41.64
N ILE E 8 -13.53 -2.28 40.47
CA ILE E 8 -14.99 -2.26 40.32
C ILE E 8 -15.59 -3.52 40.91
N ALA E 9 -16.65 -3.34 41.69
CA ALA E 9 -17.46 -4.46 42.18
C ALA E 9 -18.14 -5.17 41.00
N GLU E 10 -18.27 -6.49 41.11
CA GLU E 10 -18.82 -7.34 40.06
C GLU E 10 -20.23 -6.93 39.60
N GLU E 11 -21.10 -6.59 40.54
CA GLU E 11 -22.49 -6.27 40.21
C GLU E 11 -22.65 -4.82 39.73
N ASN E 12 -21.52 -4.14 39.58
CA ASN E 12 -21.47 -2.82 38.97
C ASN E 12 -20.99 -2.93 37.53
N ILE E 13 -20.79 -4.18 37.10
CA ILE E 13 -20.36 -4.49 35.74
C ILE E 13 -21.57 -4.99 34.97
N VAL E 14 -21.96 -4.27 33.92
CA VAL E 14 -23.03 -4.75 33.03
C VAL E 14 -22.40 -5.51 31.86
N SER E 15 -22.71 -6.79 31.79
CA SER E 15 -22.16 -7.67 30.78
C SER E 15 -22.64 -7.30 29.39
N ARG E 16 -21.72 -7.40 28.43
CA ARG E 16 -22.06 -7.30 27.02
C ARG E 16 -22.80 -8.58 26.66
N SER E 17 -23.88 -8.44 25.89
CA SER E 17 -24.70 -9.60 25.58
C SER E 17 -25.40 -9.58 24.22
N GLU E 18 -25.37 -8.46 23.50
CA GLU E 18 -26.02 -8.37 22.20
C GLU E 18 -25.04 -8.71 21.08
N PHE E 19 -25.06 -10.00 20.69
CA PHE E 19 -24.11 -10.55 19.75
C PHE E 19 -24.79 -11.14 18.47
N PRO E 20 -25.56 -10.31 17.73
CA PRO E 20 -26.20 -10.91 16.56
C PRO E 20 -25.20 -11.04 15.41
N GLU E 21 -25.41 -12.04 14.54
CA GLU E 21 -24.52 -12.22 13.39
C GLU E 21 -24.85 -11.24 12.27
N SER E 22 -26.12 -10.83 12.21
CA SER E 22 -26.55 -9.70 11.38
C SER E 22 -27.64 -8.90 12.06
N TRP E 23 -27.79 -7.64 11.63
CA TRP E 23 -28.77 -6.72 12.15
C TRP E 23 -28.87 -5.58 11.13
N LEU E 24 -29.50 -4.47 11.51
CA LEU E 24 -29.77 -3.34 10.60
C LEU E 24 -30.48 -3.74 9.28
N TRP E 25 -31.39 -4.71 9.36
CA TRP E 25 -32.21 -5.11 8.20
C TRP E 25 -33.31 -4.07 8.07
N ASN E 26 -32.98 -2.97 7.40
CA ASN E 26 -33.78 -1.77 7.40
C ASN E 26 -34.03 -1.32 5.99
N VAL E 27 -35.11 -0.55 5.83
CA VAL E 27 -35.47 0.02 4.55
C VAL E 27 -35.61 1.53 4.78
N GLU E 28 -34.85 2.28 4.02
CA GLU E 28 -34.75 3.71 4.19
C GLU E 28 -35.00 4.35 2.83
N ASP E 29 -35.82 5.38 2.78
CA ASP E 29 -36.09 6.08 1.52
C ASP E 29 -35.34 7.41 1.42
N LEU E 30 -34.71 7.68 0.28
CA LEU E 30 -33.89 8.90 0.11
C LEU E 30 -34.77 10.07 -0.26
N LYS E 31 -35.52 10.50 0.75
CA LYS E 31 -36.56 11.48 0.60
C LYS E 31 -36.04 12.87 0.96
N GLU E 32 -34.86 12.91 1.57
CA GLU E 32 -34.20 14.18 1.90
C GLU E 32 -33.97 14.97 0.61
N PRO E 33 -34.29 16.27 0.63
CA PRO E 33 -34.12 17.07 -0.59
C PRO E 33 -32.67 17.01 -1.10
N PRO E 34 -32.49 16.74 -2.41
CA PRO E 34 -31.15 16.62 -2.96
C PRO E 34 -30.42 17.97 -3.04
N LYS E 35 -29.11 17.90 -2.83
CA LYS E 35 -28.23 19.03 -3.13
C LYS E 35 -27.49 18.62 -4.38
N ASN E 36 -28.21 18.69 -5.51
CA ASN E 36 -27.88 18.09 -6.80
C ASN E 36 -29.08 17.29 -7.26
N GLY E 37 -28.81 16.00 -7.51
CA GLY E 37 -29.77 14.91 -7.47
C GLY E 37 -29.29 13.87 -6.46
N ILE E 38 -28.22 14.21 -5.73
CA ILE E 38 -27.72 13.43 -4.57
C ILE E 38 -28.40 13.77 -3.24
N SER E 39 -29.15 12.81 -2.72
CA SER E 39 -29.74 12.93 -1.39
C SER E 39 -28.93 12.20 -0.34
N THR E 40 -28.71 12.87 0.78
CA THR E 40 -28.01 12.29 1.92
C THR E 40 -28.99 11.98 3.06
N LYS E 41 -28.92 10.75 3.54
CA LYS E 41 -29.67 10.32 4.70
C LYS E 41 -28.69 10.08 5.85
N LEU E 42 -28.83 10.85 6.90
CA LEU E 42 -28.11 10.59 8.14
C LEU E 42 -29.00 9.72 9.00
N MET E 43 -28.38 8.76 9.65
CA MET E 43 -29.12 7.73 10.31
C MET E 43 -28.41 7.36 11.59
N ASN E 44 -29.19 7.30 12.66
CA ASN E 44 -28.66 7.06 13.97
C ASN E 44 -28.76 5.60 14.31
N ILE E 45 -27.61 4.95 14.45
CA ILE E 45 -27.60 3.53 14.80
C ILE E 45 -26.90 3.27 16.14
N PHE E 46 -27.31 2.19 16.81
CA PHE E 46 -26.67 1.74 18.03
C PHE E 46 -25.93 0.46 17.73
N LEU E 47 -24.62 0.48 17.91
CA LEU E 47 -23.79 -0.65 17.57
C LEU E 47 -24.01 -1.77 18.58
N LYS E 48 -23.83 -2.99 18.13
CA LYS E 48 -24.04 -4.14 18.99
C LYS E 48 -22.86 -4.34 19.96
N ASP E 49 -22.93 -5.37 20.79
CA ASP E 49 -21.91 -5.61 21.81
C ASP E 49 -20.64 -6.27 21.27
N SER E 50 -20.70 -6.77 20.04
CA SER E 50 -19.58 -7.53 19.44
C SER E 50 -18.30 -6.73 19.22
N ILE E 51 -17.16 -7.37 19.48
CA ILE E 51 -15.86 -6.84 19.14
C ILE E 51 -15.41 -7.49 17.81
N THR E 52 -15.72 -6.83 16.71
CA THR E 52 -15.48 -7.26 15.33
C THR E 52 -15.46 -6.08 14.37
N THR E 53 -15.54 -6.43 13.08
CA THR E 53 -15.83 -5.49 12.02
C THR E 53 -17.20 -5.91 11.49
N TRP E 54 -18.07 -4.92 11.36
CA TRP E 54 -19.36 -5.10 10.70
C TRP E 54 -19.20 -4.70 9.25
N GLU E 55 -19.78 -5.49 8.36
CA GLU E 55 -19.84 -5.13 6.97
C GLU E 55 -21.22 -4.58 6.69
N ILE E 56 -21.30 -3.31 6.32
CA ILE E 56 -22.60 -2.77 6.02
C ILE E 56 -22.79 -2.72 4.51
N LEU E 57 -23.83 -3.39 4.02
CA LEU E 57 -24.14 -3.43 2.59
C LEU E 57 -25.44 -2.67 2.28
N ALA E 58 -25.37 -1.67 1.40
CA ALA E 58 -26.57 -0.99 0.93
C ALA E 58 -26.91 -1.36 -0.50
N VAL E 59 -28.19 -1.52 -0.78
CA VAL E 59 -28.69 -1.72 -2.13
C VAL E 59 -29.80 -0.71 -2.36
N SER E 60 -29.75 -0.01 -3.48
CA SER E 60 -30.82 0.95 -3.77
C SER E 60 -31.58 0.64 -5.07
N MET E 61 -32.75 1.24 -5.17
CA MET E 61 -33.60 1.09 -6.34
C MET E 61 -34.31 2.38 -6.61
N SER E 62 -34.21 2.87 -7.83
CA SER E 62 -34.98 4.04 -8.24
C SER E 62 -35.62 3.83 -9.60
N ASP E 63 -36.76 4.47 -9.82
CA ASP E 63 -37.48 4.38 -11.08
C ASP E 63 -36.68 5.03 -12.22
N LYS E 64 -35.80 5.94 -11.85
CA LYS E 64 -34.99 6.66 -12.83
C LYS E 64 -33.72 5.85 -13.09
N LYS E 65 -32.99 5.52 -12.03
CA LYS E 65 -31.65 4.98 -12.18
C LYS E 65 -31.52 3.46 -12.12
N GLY E 66 -32.57 2.76 -11.72
CA GLY E 66 -32.50 1.29 -11.58
C GLY E 66 -31.90 0.82 -10.26
N ILE E 67 -31.20 -0.31 -10.32
CA ILE E 67 -30.67 -0.97 -9.12
C ILE E 67 -29.19 -0.69 -8.89
N CYS E 68 -28.81 -0.47 -7.65
CA CYS E 68 -27.41 -0.19 -7.35
C CYS E 68 -26.94 -0.84 -6.07
N VAL E 69 -25.92 -1.67 -6.16
CA VAL E 69 -25.34 -2.23 -4.96
C VAL E 69 -24.02 -1.53 -4.57
N ALA E 70 -24.03 -0.83 -3.44
CA ALA E 70 -22.87 -0.06 -2.99
C ALA E 70 -21.73 -0.99 -2.62
N ASP E 71 -20.51 -0.47 -2.60
CA ASP E 71 -19.40 -1.18 -1.93
C ASP E 71 -19.73 -1.29 -0.44
N PRO E 72 -19.31 -2.41 0.18
CA PRO E 72 -19.60 -2.58 1.60
C PRO E 72 -18.85 -1.56 2.47
N PHE E 73 -19.47 -1.16 3.56
CA PHE E 73 -18.82 -0.20 4.45
C PHE E 73 -18.45 -0.91 5.75
N GLU E 74 -17.19 -0.80 6.12
CA GLU E 74 -16.71 -1.47 7.32
C GLU E 74 -16.67 -0.57 8.53
N VAL E 75 -17.15 -1.11 9.65
CA VAL E 75 -17.08 -0.44 10.96
C VAL E 75 -16.47 -1.45 11.92
N THR E 76 -15.29 -1.13 12.42
CA THR E 76 -14.56 -1.94 13.39
C THR E 76 -14.89 -1.44 14.81
N VAL E 77 -15.38 -2.35 15.65
CA VAL E 77 -15.72 -2.06 17.02
C VAL E 77 -14.71 -2.79 17.90
N MET E 78 -13.97 -2.01 18.68
CA MET E 78 -12.81 -2.48 19.44
C MET E 78 -12.77 -1.70 20.77
N GLN E 79 -12.14 -2.30 21.79
CA GLN E 79 -11.70 -1.58 23.00
C GLN E 79 -10.39 -2.19 23.47
N ASP E 80 -9.75 -1.54 24.46
CA ASP E 80 -8.42 -1.90 24.93
C ASP E 80 -8.33 -3.18 25.75
N PHE E 81 -9.37 -3.43 26.53
CA PHE E 81 -9.44 -4.61 27.36
C PHE E 81 -10.83 -5.19 27.22
N PHE E 82 -10.89 -6.50 26.95
CA PHE E 82 -12.16 -7.18 26.83
C PHE E 82 -12.00 -8.70 27.00
N ILE E 83 -13.10 -9.37 27.33
CA ILE E 83 -13.17 -10.84 27.34
C ILE E 83 -13.73 -11.34 26.01
N ASP E 84 -13.12 -12.40 25.47
CA ASP E 84 -13.71 -13.17 24.39
C ASP E 84 -14.08 -14.53 24.97
N LEU E 85 -15.38 -14.79 25.11
CA LEU E 85 -15.83 -16.04 25.74
C LEU E 85 -16.14 -17.09 24.68
N ARG E 86 -15.27 -18.08 24.54
CA ARG E 86 -15.39 -19.09 23.48
C ARG E 86 -16.26 -20.26 23.93
N LEU E 87 -17.54 -20.22 23.59
CA LEU E 87 -18.47 -21.33 23.86
C LEU E 87 -18.67 -22.16 22.60
N PRO E 88 -18.81 -23.50 22.74
CA PRO E 88 -19.24 -24.31 21.60
C PRO E 88 -20.72 -24.03 21.23
N TYR E 89 -21.19 -24.60 20.13
CA TYR E 89 -22.57 -24.41 19.67
C TYR E 89 -23.52 -25.12 20.64
N SER E 90 -23.20 -26.37 20.98
CA SER E 90 -24.04 -27.14 21.87
C SER E 90 -23.21 -27.97 22.84
N VAL E 91 -23.84 -28.37 23.95
CA VAL E 91 -23.24 -29.30 24.90
C VAL E 91 -24.29 -30.28 25.33
N VAL E 92 -23.85 -31.47 25.72
CA VAL E 92 -24.74 -32.53 26.18
C VAL E 92 -24.95 -32.42 27.70
N ARG E 93 -26.19 -32.61 28.12
CA ARG E 93 -26.54 -32.57 29.54
C ARG E 93 -25.70 -33.57 30.33
N ASN E 94 -25.22 -33.12 31.49
CA ASN E 94 -24.50 -33.98 32.46
C ASN E 94 -23.08 -34.37 32.08
N GLU E 95 -22.62 -33.95 30.90
CA GLU E 95 -21.23 -34.18 30.54
C GLU E 95 -20.36 -32.98 30.92
N GLN E 96 -19.21 -33.26 31.53
CA GLN E 96 -18.27 -32.22 31.93
C GLN E 96 -17.50 -31.70 30.73
N VAL E 97 -17.43 -30.38 30.63
CA VAL E 97 -16.70 -29.75 29.56
C VAL E 97 -15.82 -28.64 30.12
N GLU E 98 -14.80 -28.27 29.35
CA GLU E 98 -14.03 -27.07 29.63
C GLU E 98 -14.31 -26.06 28.53
N ILE E 99 -14.58 -24.83 28.95
CA ILE E 99 -14.73 -23.69 28.07
C ILE E 99 -13.60 -22.70 28.38
N ARG E 100 -13.40 -21.69 27.53
CA ARG E 100 -12.31 -20.74 27.73
C ARG E 100 -12.82 -19.31 27.70
N ALA E 101 -12.31 -18.52 28.64
CA ALA E 101 -12.46 -17.09 28.58
C ALA E 101 -11.07 -16.55 28.32
N VAL E 102 -10.87 -15.86 27.20
CA VAL E 102 -9.59 -15.28 26.89
C VAL E 102 -9.70 -13.79 27.10
N LEU E 103 -8.76 -13.23 27.85
CA LEU E 103 -8.76 -11.82 28.17
C LEU E 103 -7.73 -11.10 27.35
N TYR E 104 -8.11 -9.95 26.81
CA TYR E 104 -7.26 -9.24 25.86
C TYR E 104 -6.80 -7.91 26.41
N ASN E 105 -5.48 -7.74 26.45
CA ASN E 105 -4.89 -6.46 26.81
C ASN E 105 -4.22 -5.83 25.59
N TYR E 106 -4.86 -4.79 25.03
CA TYR E 106 -4.29 -4.04 23.92
C TYR E 106 -3.77 -2.67 24.33
N ARG E 107 -3.59 -2.48 25.63
CA ARG E 107 -2.79 -1.37 26.13
C ARG E 107 -1.36 -1.51 25.60
N GLN E 108 -0.83 -0.40 25.11
CA GLN E 108 0.40 -0.38 24.33
C GLN E 108 1.62 -0.75 25.18
N ASN E 109 1.76 -0.09 26.34
CA ASN E 109 2.92 -0.34 27.19
C ASN E 109 2.61 -0.38 28.69
N GLN E 110 1.41 -0.86 29.03
CA GLN E 110 1.09 -1.10 30.44
C GLN E 110 0.40 -2.44 30.64
N GLU E 111 0.88 -3.20 31.62
CA GLU E 111 0.26 -4.48 31.96
C GLU E 111 -0.90 -4.31 32.94
N LEU E 112 -1.79 -5.30 32.97
CA LEU E 112 -3.03 -5.20 33.72
C LEU E 112 -3.17 -6.30 34.75
N LYS E 113 -3.41 -5.92 36.00
CA LYS E 113 -3.80 -6.86 37.06
C LYS E 113 -5.32 -6.90 37.06
N VAL E 114 -5.88 -8.08 36.80
CA VAL E 114 -7.34 -8.18 36.67
C VAL E 114 -7.96 -9.31 37.50
N ARG E 115 -9.07 -8.99 38.16
CA ARG E 115 -9.94 -9.98 38.78
C ARG E 115 -10.91 -10.51 37.71
N VAL E 116 -10.95 -11.83 37.55
CA VAL E 116 -11.85 -12.50 36.60
C VAL E 116 -12.73 -13.46 37.38
N GLU E 117 -13.96 -13.62 36.93
CA GLU E 117 -14.92 -14.42 37.64
C GLU E 117 -15.90 -15.11 36.69
N LEU E 118 -16.15 -16.38 36.91
CA LEU E 118 -17.28 -17.05 36.30
C LEU E 118 -18.44 -16.98 37.30
N LEU E 119 -19.54 -16.36 36.90
CA LEU E 119 -20.72 -16.27 37.75
C LEU E 119 -21.40 -17.63 38.04
N HIS E 120 -21.99 -17.76 39.23
CA HIS E 120 -22.82 -18.92 39.58
C HIS E 120 -24.10 -18.94 38.72
N ASN E 121 -24.51 -20.14 38.32
CA ASN E 121 -25.72 -20.35 37.52
C ASN E 121 -26.24 -21.75 37.84
N PRO E 122 -27.48 -21.83 38.39
CA PRO E 122 -28.10 -23.07 38.85
C PRO E 122 -28.30 -24.12 37.76
N ALA E 123 -28.21 -23.71 36.50
CA ALA E 123 -28.32 -24.62 35.35
C ALA E 123 -27.01 -25.35 35.03
N PHE E 124 -25.93 -24.91 35.69
CA PHE E 124 -24.61 -25.52 35.56
C PHE E 124 -24.03 -25.86 36.92
N CYS E 125 -23.30 -26.97 36.98
CA CYS E 125 -22.42 -27.24 38.09
C CYS E 125 -21.01 -26.71 37.80
N SER E 126 -20.47 -25.92 38.72
CA SER E 126 -19.11 -25.36 38.62
C SER E 126 -18.49 -25.21 40.01
N LEU E 127 -17.40 -24.43 40.11
CA LEU E 127 -16.79 -24.12 41.42
C LEU E 127 -17.45 -22.94 42.09
N ALA E 128 -18.26 -22.19 41.37
CA ALA E 128 -19.00 -21.08 41.94
C ALA E 128 -20.25 -21.59 42.61
N THR E 129 -20.61 -21.01 43.75
CA THR E 129 -21.81 -21.39 44.46
C THR E 129 -22.65 -20.14 44.74
N THR E 130 -23.77 -20.31 45.44
CA THR E 130 -24.56 -19.21 45.97
C THR E 130 -23.77 -18.37 47.00
N LYS E 131 -22.99 -19.04 47.84
CA LYS E 131 -22.23 -18.37 48.89
C LYS E 131 -20.73 -18.22 48.64
N ARG E 132 -20.27 -18.61 47.45
CA ARG E 132 -18.84 -18.55 47.14
C ARG E 132 -18.55 -18.36 45.64
N ARG E 133 -17.81 -17.30 45.37
CA ARG E 133 -17.39 -16.94 44.02
C ARG E 133 -16.27 -17.84 43.52
N HIS E 134 -16.30 -18.12 42.22
CA HIS E 134 -15.20 -18.71 41.52
C HIS E 134 -14.46 -17.58 40.81
N GLN E 135 -13.62 -16.87 41.57
CA GLN E 135 -12.84 -15.74 41.07
C GLN E 135 -11.31 -15.98 41.11
N GLN E 136 -10.58 -15.17 40.35
CA GLN E 136 -9.15 -15.32 40.13
C GLN E 136 -8.55 -13.99 39.78
N THR E 137 -7.29 -13.82 40.19
CA THR E 137 -6.50 -12.67 39.79
C THR E 137 -5.45 -13.16 38.79
N VAL E 138 -5.33 -12.45 37.68
CA VAL E 138 -4.26 -12.69 36.71
C VAL E 138 -3.63 -11.35 36.33
N THR E 139 -2.45 -11.40 35.71
CA THR E 139 -1.86 -10.21 35.11
C THR E 139 -1.58 -10.45 33.62
N ILE E 140 -2.12 -9.58 32.77
CA ILE E 140 -1.87 -9.65 31.35
C ILE E 140 -0.85 -8.57 30.97
N PRO E 141 0.29 -8.96 30.35
CA PRO E 141 1.26 -7.99 29.87
C PRO E 141 0.73 -7.20 28.67
N PRO E 142 1.38 -6.06 28.33
CA PRO E 142 0.88 -5.25 27.21
C PRO E 142 0.77 -6.01 25.89
N LYS E 143 -0.26 -5.68 25.11
CA LYS E 143 -0.48 -6.24 23.76
C LYS E 143 -0.45 -7.77 23.74
N SER E 144 -1.23 -8.38 24.63
CA SER E 144 -1.34 -9.83 24.68
C SER E 144 -2.64 -10.34 25.31
N SER E 145 -2.69 -11.66 25.49
CA SER E 145 -3.90 -12.33 25.94
C SER E 145 -3.56 -13.42 26.94
N LEU E 146 -4.57 -13.80 27.70
CA LEU E 146 -4.45 -14.88 28.67
C LEU E 146 -5.74 -15.66 28.66
N SER E 147 -5.62 -16.98 28.46
CA SER E 147 -6.74 -17.88 28.57
C SER E 147 -7.05 -18.19 30.02
N VAL E 148 -8.34 -18.15 30.35
CA VAL E 148 -8.82 -18.59 31.65
C VAL E 148 -9.84 -19.71 31.44
N PRO E 149 -9.45 -20.94 31.78
CA PRO E 149 -10.32 -22.11 31.61
C PRO E 149 -11.32 -22.28 32.73
N TYR E 150 -12.52 -22.77 32.41
CA TYR E 150 -13.53 -23.08 33.42
C TYR E 150 -14.16 -24.43 33.16
N VAL E 151 -14.19 -25.30 34.17
CA VAL E 151 -14.85 -26.60 33.97
C VAL E 151 -16.31 -26.52 34.43
N ILE E 152 -17.22 -26.94 33.56
CA ILE E 152 -18.63 -26.81 33.87
C ILE E 152 -19.40 -28.07 33.53
N VAL E 153 -20.51 -28.28 34.23
CA VAL E 153 -21.40 -29.35 33.86
C VAL E 153 -22.79 -28.78 33.65
N PRO E 154 -23.30 -28.87 32.42
CA PRO E 154 -24.67 -28.44 32.10
C PRO E 154 -25.67 -29.41 32.70
N LEU E 155 -26.58 -28.90 33.53
CA LEU E 155 -27.54 -29.71 34.29
C LEU E 155 -28.95 -29.68 33.73
N LYS E 156 -29.25 -28.67 32.90
CA LYS E 156 -30.60 -28.48 32.33
C LYS E 156 -30.58 -28.28 30.82
N THR E 157 -31.46 -28.97 30.09
CA THR E 157 -31.58 -28.80 28.64
C THR E 157 -32.12 -27.43 28.22
N GLY E 158 -31.86 -27.06 26.96
CA GLY E 158 -32.39 -25.81 26.41
C GLY E 158 -31.33 -24.74 26.23
N LEU E 159 -31.77 -23.50 26.09
CA LEU E 159 -30.84 -22.41 25.81
C LEU E 159 -30.40 -21.80 27.14
N GLN E 160 -29.12 -21.91 27.43
CA GLN E 160 -28.62 -21.55 28.76
C GLN E 160 -27.48 -20.55 28.60
N GLU E 161 -27.12 -19.86 29.68
CA GLU E 161 -26.11 -18.81 29.57
C GLU E 161 -24.90 -19.04 30.49
N VAL E 162 -23.73 -18.65 30.01
CA VAL E 162 -22.50 -18.62 30.80
C VAL E 162 -22.13 -17.15 30.89
N GLU E 163 -21.75 -16.69 32.07
CA GLU E 163 -21.37 -15.29 32.26
C GLU E 163 -20.01 -15.17 32.96
N VAL E 164 -19.10 -14.40 32.37
CA VAL E 164 -17.78 -14.15 32.93
C VAL E 164 -17.54 -12.64 33.01
N LYS E 165 -17.21 -12.16 34.21
CA LYS E 165 -16.96 -10.74 34.43
C LYS E 165 -15.52 -10.51 34.86
N ALA E 166 -14.93 -9.43 34.37
CA ALA E 166 -13.57 -9.06 34.75
C ALA E 166 -13.44 -7.57 35.03
N ALA E 167 -12.64 -7.22 36.04
CA ALA E 167 -12.35 -5.84 36.36
C ALA E 167 -10.85 -5.68 36.57
N VAL E 168 -10.30 -4.53 36.18
CA VAL E 168 -8.88 -4.33 36.41
C VAL E 168 -8.56 -3.46 37.62
N TYR E 169 -7.53 -3.86 38.36
CA TYR E 169 -7.10 -3.15 39.56
C TYR E 169 -6.48 -1.80 39.24
N HIS E 170 -6.94 -0.77 39.94
CA HIS E 170 -6.33 0.57 39.93
C HIS E 170 -6.68 1.42 38.70
N HIS E 171 -7.35 0.82 37.72
CA HIS E 171 -7.94 1.56 36.61
C HIS E 171 -9.44 1.33 36.61
N PHE E 172 -10.19 2.32 36.12
CA PHE E 172 -11.65 2.20 36.00
C PHE E 172 -12.06 1.53 34.67
N ILE E 173 -11.58 0.30 34.50
CA ILE E 173 -11.81 -0.54 33.34
C ILE E 173 -12.49 -1.83 33.80
N SER E 174 -13.44 -2.33 33.00
CA SER E 174 -14.03 -3.66 33.20
C SER E 174 -14.73 -4.18 31.94
N ASP E 175 -15.06 -5.47 31.97
CA ASP E 175 -15.80 -6.12 30.91
C ASP E 175 -16.50 -7.37 31.43
N GLY E 176 -17.76 -7.53 31.03
CA GLY E 176 -18.47 -8.77 31.23
C GLY E 176 -18.99 -9.26 29.89
N VAL E 177 -19.07 -10.57 29.75
CA VAL E 177 -19.68 -11.23 28.59
C VAL E 177 -20.64 -12.32 29.06
N ARG E 178 -21.88 -12.27 28.59
CA ARG E 178 -22.72 -13.47 28.70
C ARG E 178 -23.21 -13.99 27.36
N LYS E 179 -22.98 -15.28 27.15
CA LYS E 179 -23.30 -15.93 25.89
C LYS E 179 -24.13 -17.16 26.14
N SER E 180 -25.00 -17.44 25.19
CA SER E 180 -25.88 -18.59 25.20
C SER E 180 -25.23 -19.75 24.47
N LEU E 181 -25.59 -20.95 24.88
CA LEU E 181 -25.28 -22.14 24.13
C LEU E 181 -26.45 -23.08 24.28
N LYS E 182 -26.53 -24.06 23.40
CA LYS E 182 -27.63 -25.00 23.43
C LYS E 182 -27.23 -26.26 24.20
N VAL E 183 -28.04 -26.62 25.20
CA VAL E 183 -27.81 -27.83 25.97
C VAL E 183 -28.80 -28.90 25.50
N VAL E 184 -28.27 -30.02 25.02
CA VAL E 184 -29.12 -31.05 24.44
C VAL E 184 -29.23 -32.27 25.37
N PRO E 185 -30.36 -33.00 25.30
CA PRO E 185 -30.49 -34.26 26.04
C PRO E 185 -29.41 -35.28 25.64
N GLU E 186 -29.19 -36.30 26.48
CA GLU E 186 -28.22 -37.35 26.17
C GLU E 186 -28.87 -38.67 25.76
N GLY E 187 -28.21 -39.37 24.83
CA GLY E 187 -28.66 -40.68 24.36
C GLY E 187 -27.82 -41.81 24.93
N ILE E 188 -28.49 -42.91 25.32
CA ILE E 188 -27.82 -44.08 25.87
C ILE E 188 -27.12 -44.91 24.79
N THR F 37 -17.47 -39.24 24.19
CA THR F 37 -17.15 -40.01 22.94
C THR F 37 -15.66 -39.80 22.59
N CYS F 38 -14.92 -40.91 22.49
CA CYS F 38 -13.47 -40.85 22.25
C CYS F 38 -12.99 -42.00 21.34
N ASN F 39 -13.36 -41.91 20.06
CA ASN F 39 -13.12 -43.01 19.12
C ASN F 39 -11.90 -42.89 18.19
N LYS F 40 -11.16 -41.78 18.32
CA LYS F 40 -9.94 -41.58 17.52
C LYS F 40 -8.67 -41.72 18.34
N PHE F 41 -8.76 -41.43 19.64
CA PHE F 41 -7.61 -41.49 20.57
C PHE F 41 -7.95 -42.18 21.89
N ASP F 42 -6.95 -42.87 22.45
CA ASP F 42 -6.96 -43.30 23.86
C ASP F 42 -6.06 -42.38 24.70
N LEU F 43 -6.69 -41.52 25.50
CA LEU F 43 -5.98 -40.55 26.32
C LEU F 43 -6.07 -40.86 27.81
N LYS F 44 -4.91 -40.99 28.46
CA LYS F 44 -4.84 -41.29 29.90
C LYS F 44 -3.96 -40.26 30.62
N VAL F 45 -4.54 -39.56 31.59
CA VAL F 45 -3.88 -38.44 32.28
C VAL F 45 -3.84 -38.66 33.79
N THR F 46 -2.64 -38.52 34.37
CA THR F 46 -2.48 -38.63 35.81
C THR F 46 -1.77 -37.41 36.37
N ILE F 47 -2.11 -37.08 37.61
CA ILE F 47 -1.38 -36.07 38.37
C ILE F 47 -0.95 -36.71 39.70
N LYS F 48 0.35 -36.71 39.95
CA LYS F 48 0.91 -37.39 41.12
C LYS F 48 1.94 -36.49 41.81
N PRO F 49 2.01 -36.56 43.16
CA PRO F 49 3.00 -35.80 43.93
C PRO F 49 4.43 -36.07 43.47
N ALA F 50 5.18 -34.99 43.24
CA ALA F 50 6.59 -35.09 42.90
C ALA F 50 7.41 -35.50 44.14
N PRO F 51 8.60 -36.10 43.93
CA PRO F 51 9.44 -36.46 45.07
C PRO F 51 10.08 -35.23 45.73
N LYS F 61 6.67 -24.31 48.50
CA LYS F 61 5.62 -24.47 47.48
C LYS F 61 5.57 -25.88 46.90
N ASN F 62 4.35 -26.35 46.61
CA ASN F 62 4.09 -27.74 46.21
C ASN F 62 4.37 -28.04 44.73
N THR F 63 4.78 -29.27 44.46
CA THR F 63 5.06 -29.74 43.10
C THR F 63 4.44 -31.11 42.84
N MET F 64 3.96 -31.30 41.61
CA MET F 64 3.38 -32.56 41.16
C MET F 64 3.90 -32.90 39.77
N ILE F 65 3.71 -34.14 39.36
CA ILE F 65 4.07 -34.55 38.00
C ILE F 65 2.79 -34.84 37.22
N LEU F 66 2.62 -34.13 36.12
CA LEU F 66 1.52 -34.40 35.20
C LEU F 66 2.04 -35.29 34.07
N GLU F 67 1.43 -36.47 33.94
CA GLU F 67 1.82 -37.45 32.93
C GLU F 67 0.66 -37.75 31.97
N ILE F 68 0.94 -37.68 30.67
CA ILE F 68 -0.08 -37.74 29.61
C ILE F 68 0.30 -38.78 28.55
N CYS F 69 -0.33 -39.94 28.62
CA CYS F 69 -0.12 -41.05 27.71
C CYS F 69 -1.22 -41.11 26.68
N THR F 70 -0.84 -41.14 25.41
CA THR F 70 -1.82 -41.10 24.32
C THR F 70 -1.54 -42.14 23.22
N ARG F 71 -2.61 -42.78 22.75
CA ARG F 71 -2.52 -43.76 21.69
C ARG F 71 -3.60 -43.52 20.64
N TYR F 72 -3.19 -43.55 19.38
CA TYR F 72 -4.11 -43.34 18.26
C TYR F 72 -4.88 -44.62 17.92
N ARG F 73 -6.20 -44.48 17.75
CA ARG F 73 -7.10 -45.63 17.56
C ARG F 73 -7.28 -45.98 16.08
N GLY F 74 -6.21 -45.87 15.31
CA GLY F 74 -6.24 -46.19 13.89
C GLY F 74 -5.33 -47.36 13.54
N ASP F 75 -5.38 -47.77 12.28
CA ASP F 75 -4.59 -48.89 11.76
C ASP F 75 -3.13 -48.50 11.47
N GLN F 76 -2.88 -47.19 11.44
CA GLN F 76 -1.53 -46.64 11.34
C GLN F 76 -1.33 -45.55 12.40
N ASP F 77 -0.10 -45.06 12.51
CA ASP F 77 0.21 -43.90 13.33
C ASP F 77 -0.56 -42.68 12.83
N ALA F 78 -0.73 -41.68 13.69
CA ALA F 78 -1.33 -40.42 13.27
C ALA F 78 -0.23 -39.46 12.82
N THR F 79 -0.56 -38.55 11.91
CA THR F 79 0.36 -37.48 11.59
C THR F 79 0.16 -36.38 12.65
N MET F 80 0.37 -35.13 12.25
CA MET F 80 0.44 -34.02 13.18
C MET F 80 -0.76 -33.87 14.12
N SER F 81 -0.47 -33.86 15.41
CA SER F 81 -1.48 -33.81 16.44
C SER F 81 -1.25 -32.67 17.43
N ILE F 82 -2.27 -32.42 18.24
CA ILE F 82 -2.27 -31.33 19.19
C ILE F 82 -2.63 -31.88 20.56
N LEU F 83 -1.81 -31.55 21.55
CA LEU F 83 -2.14 -31.73 22.95
C LEU F 83 -2.44 -30.38 23.53
N ASP F 84 -3.70 -30.13 23.86
CA ASP F 84 -4.13 -28.84 24.43
C ASP F 84 -4.34 -29.01 25.94
N ILE F 85 -3.52 -28.30 26.71
CA ILE F 85 -3.41 -28.53 28.16
C ILE F 85 -3.72 -27.26 28.96
N SER F 86 -4.68 -27.40 29.88
CA SER F 86 -4.92 -26.35 30.87
C SER F 86 -4.50 -26.79 32.28
N MET F 87 -4.11 -25.82 33.09
CA MET F 87 -3.63 -26.08 34.46
C MET F 87 -4.74 -26.08 35.49
N MET F 88 -4.55 -26.89 36.53
CA MET F 88 -5.29 -26.74 37.78
C MET F 88 -4.98 -25.34 38.28
N THR F 89 -5.99 -24.70 38.88
CA THR F 89 -5.84 -23.34 39.39
C THR F 89 -4.67 -23.19 40.36
N GLY F 90 -3.74 -22.28 40.02
CA GLY F 90 -2.57 -22.00 40.86
C GLY F 90 -1.31 -22.75 40.45
N PHE F 91 -1.45 -23.72 39.55
CA PHE F 91 -0.33 -24.53 39.09
C PHE F 91 0.18 -24.06 37.72
N ALA F 92 1.46 -24.34 37.44
CA ALA F 92 2.08 -23.99 36.17
C ALA F 92 3.26 -24.90 35.88
N PRO F 93 3.52 -25.19 34.59
CA PRO F 93 4.61 -26.09 34.22
C PRO F 93 5.97 -25.50 34.56
N ASP F 94 6.92 -26.36 34.91
CA ASP F 94 8.32 -25.93 35.04
C ASP F 94 8.87 -25.70 33.64
N THR F 95 9.45 -24.52 33.41
CA THR F 95 9.86 -24.11 32.06
C THR F 95 10.97 -24.98 31.46
N ASP F 96 11.92 -25.38 32.31
CA ASP F 96 13.01 -26.28 31.91
C ASP F 96 12.51 -27.66 31.50
N ASP F 97 11.45 -28.12 32.18
CA ASP F 97 10.76 -29.34 31.82
C ASP F 97 10.08 -29.20 30.45
N LEU F 98 9.61 -27.99 30.14
CA LEU F 98 8.95 -27.74 28.86
C LEU F 98 9.96 -27.63 27.73
N LYS F 99 11.09 -26.98 28.02
CA LYS F 99 12.18 -26.82 27.06
C LYS F 99 12.87 -28.14 26.74
N GLN F 100 12.85 -29.06 27.70
CA GLN F 100 13.32 -30.42 27.50
C GLN F 100 12.37 -31.20 26.58
N LEU F 101 11.07 -31.12 26.87
CA LEU F 101 10.04 -31.73 26.00
C LEU F 101 10.08 -31.18 24.58
N ALA F 102 10.20 -29.86 24.45
CA ALA F 102 10.26 -29.19 23.15
C ALA F 102 11.46 -29.69 22.33
N ASN F 103 12.46 -30.20 23.03
CA ASN F 103 13.61 -30.83 22.37
C ASN F 103 13.32 -32.21 21.82
N GLY F 104 12.25 -32.84 22.30
CA GLY F 104 11.83 -34.15 21.81
C GLY F 104 11.77 -34.19 20.29
N VAL F 105 12.23 -35.30 19.70
CA VAL F 105 12.38 -35.39 18.24
C VAL F 105 11.04 -35.21 17.52
N ASP F 106 9.98 -35.77 18.11
CA ASP F 106 8.63 -35.71 17.53
C ASP F 106 7.73 -34.68 18.19
N ARG F 107 8.32 -33.65 18.82
CA ARG F 107 7.51 -32.64 19.53
C ARG F 107 7.83 -31.22 19.11
N TYR F 108 6.93 -30.30 19.43
CA TYR F 108 7.14 -28.88 19.19
C TYR F 108 6.36 -28.07 20.21
N ILE F 109 7.05 -27.18 20.91
CA ILE F 109 6.39 -26.15 21.72
C ILE F 109 6.94 -24.83 21.19
N SER F 110 6.05 -23.90 20.87
CA SER F 110 6.43 -22.65 20.19
C SER F 110 7.35 -21.76 21.00
N LYS F 111 8.14 -20.96 20.29
CA LYS F 111 9.07 -20.02 20.92
C LYS F 111 8.29 -19.05 21.79
N TYR F 112 7.15 -18.58 21.27
CA TYR F 112 6.21 -17.70 21.97
C TYR F 112 5.76 -18.30 23.31
N GLU F 113 5.44 -19.59 23.29
CA GLU F 113 5.02 -20.33 24.49
C GLU F 113 6.16 -20.51 25.49
N LEU F 114 7.35 -20.78 24.97
CA LEU F 114 8.51 -21.03 25.81
C LEU F 114 8.99 -19.81 26.61
N ASP F 115 9.05 -18.63 25.99
CA ASP F 115 9.51 -17.44 26.70
C ASP F 115 8.41 -16.64 27.41
N LYS F 116 7.26 -17.27 27.62
CA LYS F 116 6.24 -16.75 28.55
C LYS F 116 6.74 -16.85 30.00
N ALA F 117 6.33 -15.90 30.85
CA ALA F 117 6.62 -15.95 32.28
C ALA F 117 6.05 -17.21 32.91
N PHE F 118 6.71 -17.73 33.94
CA PHE F 118 6.31 -18.98 34.58
C PHE F 118 4.87 -18.98 35.09
N SER F 119 4.47 -17.86 35.69
CA SER F 119 3.22 -17.75 36.46
C SER F 119 1.98 -17.44 35.62
N ASP F 120 2.16 -17.01 34.38
CA ASP F 120 1.03 -16.67 33.53
C ASP F 120 0.81 -17.68 32.39
N ARG F 121 1.05 -18.95 32.70
CA ARG F 121 0.67 -20.05 31.84
C ARG F 121 -0.47 -20.82 32.49
N ASN F 122 -1.70 -20.43 32.18
CA ASN F 122 -2.88 -21.22 32.57
C ASN F 122 -3.13 -22.38 31.62
N THR F 123 -2.64 -22.23 30.39
CA THR F 123 -2.85 -23.21 29.33
C THR F 123 -1.62 -23.25 28.45
N LEU F 124 -1.38 -24.43 27.85
CA LEU F 124 -0.36 -24.60 26.82
C LEU F 124 -0.74 -25.63 25.77
N ILE F 125 -0.18 -25.44 24.57
CA ILE F 125 -0.28 -26.42 23.51
C ILE F 125 1.09 -27.05 23.21
N ILE F 126 1.09 -28.37 23.21
CA ILE F 126 2.23 -29.16 22.76
C ILE F 126 1.86 -29.83 21.42
N TYR F 127 2.71 -29.61 20.42
CA TYR F 127 2.49 -30.16 19.09
C TYR F 127 3.26 -31.46 18.89
N LEU F 128 2.56 -32.46 18.36
CA LEU F 128 3.12 -33.80 18.12
C LEU F 128 3.20 -34.11 16.62
N ASP F 129 4.39 -34.50 16.16
CA ASP F 129 4.62 -34.85 14.75
C ASP F 129 3.89 -36.12 14.34
N LYS F 130 3.67 -36.98 15.33
CA LYS F 130 2.94 -38.24 15.18
C LYS F 130 2.44 -38.72 16.56
N VAL F 131 1.51 -39.67 16.53
CA VAL F 131 1.08 -40.42 17.72
C VAL F 131 1.06 -41.89 17.34
N SER F 132 1.74 -42.72 18.13
CA SER F 132 1.77 -44.16 17.90
C SER F 132 0.40 -44.80 18.02
N HIS F 133 0.14 -45.77 17.15
CA HIS F 133 -1.11 -46.53 17.19
C HIS F 133 -0.95 -47.89 17.89
N SER F 134 0.30 -48.32 18.06
CA SER F 134 0.60 -49.62 18.65
C SER F 134 0.71 -49.54 20.17
N GLU F 135 1.42 -48.53 20.66
CA GLU F 135 1.62 -48.30 22.08
C GLU F 135 1.44 -46.83 22.47
N ASP F 136 1.23 -46.59 23.76
CA ASP F 136 1.08 -45.24 24.26
C ASP F 136 2.37 -44.44 24.12
N ASP F 137 2.23 -43.23 23.61
CA ASP F 137 3.30 -42.24 23.67
C ASP F 137 2.99 -41.36 24.87
N CYS F 138 3.87 -41.42 25.86
CA CYS F 138 3.69 -40.68 27.09
C CYS F 138 4.65 -39.51 27.14
N LEU F 139 4.23 -38.45 27.81
CA LEU F 139 5.13 -37.37 28.17
C LEU F 139 4.77 -36.91 29.58
N ALA F 140 5.75 -36.32 30.27
CA ALA F 140 5.52 -35.80 31.59
C ALA F 140 6.32 -34.54 31.86
N PHE F 141 5.78 -33.69 32.73
CA PHE F 141 6.49 -32.53 33.25
C PHE F 141 5.99 -32.16 34.65
N LYS F 142 6.79 -31.39 35.37
CA LYS F 142 6.45 -30.96 36.71
C LYS F 142 5.53 -29.75 36.69
N VAL F 143 4.59 -29.70 37.61
CA VAL F 143 3.79 -28.49 37.83
C VAL F 143 3.96 -28.00 39.26
N HIS F 144 4.16 -26.69 39.41
CA HIS F 144 4.40 -26.07 40.71
C HIS F 144 3.21 -25.20 41.10
N GLN F 145 2.81 -25.29 42.36
CA GLN F 145 1.77 -24.42 42.90
C GLN F 145 2.41 -23.11 43.34
N TYR F 146 2.27 -22.08 42.51
CA TYR F 146 2.85 -20.76 42.80
C TYR F 146 1.96 -19.95 43.75
N PHE F 147 0.65 -20.04 43.51
CA PHE F 147 -0.32 -19.36 44.38
C PHE F 147 -1.37 -20.33 44.90
N ASN F 148 -1.13 -20.82 46.12
CA ASN F 148 -2.06 -21.69 46.83
C ASN F 148 -3.40 -21.03 47.14
N VAL F 149 -4.47 -21.81 46.97
CA VAL F 149 -5.82 -21.43 47.39
C VAL F 149 -6.67 -22.71 47.53
N GLU F 150 -7.53 -22.75 48.54
CA GLU F 150 -8.44 -23.88 48.77
C GLU F 150 -9.55 -23.84 47.71
N LEU F 151 -9.94 -25.03 47.25
CA LEU F 151 -10.81 -25.23 46.07
C LEU F 151 -10.12 -24.88 44.77
N ILE F 152 -9.44 -25.87 44.21
CA ILE F 152 -8.79 -25.70 42.91
C ILE F 152 -9.59 -26.43 41.82
N GLN F 153 -9.58 -25.85 40.62
CA GLN F 153 -10.32 -26.41 39.50
C GLN F 153 -9.52 -27.52 38.84
N PRO F 154 -10.19 -28.61 38.42
CA PRO F 154 -9.46 -29.63 37.69
C PRO F 154 -8.86 -29.06 36.40
N GLY F 155 -7.73 -29.62 35.99
CA GLY F 155 -7.17 -29.34 34.68
C GLY F 155 -7.72 -30.28 33.62
N ALA F 156 -7.45 -29.96 32.37
CA ALA F 156 -7.90 -30.78 31.24
C ALA F 156 -6.79 -30.96 30.19
N VAL F 157 -6.92 -32.05 29.45
CA VAL F 157 -6.09 -32.34 28.31
C VAL F 157 -7.02 -32.76 27.19
N LYS F 158 -6.88 -32.10 26.05
CA LYS F 158 -7.59 -32.42 24.83
C LYS F 158 -6.56 -32.85 23.79
N VAL F 159 -6.81 -33.99 23.15
CA VAL F 159 -5.98 -34.42 22.02
C VAL F 159 -6.81 -34.58 20.76
N TYR F 160 -6.21 -34.19 19.63
CA TYR F 160 -6.81 -34.33 18.31
C TYR F 160 -5.77 -34.19 17.19
N ALA F 161 -6.04 -34.81 16.05
CA ALA F 161 -5.24 -34.66 14.83
C ALA F 161 -5.61 -33.36 14.10
N TYR F 162 -4.62 -32.70 13.51
CA TYR F 162 -4.79 -31.36 12.90
C TYR F 162 -6.02 -31.17 11.98
N TYR F 163 -6.35 -32.20 11.20
CA TYR F 163 -7.35 -32.12 10.13
C TYR F 163 -8.81 -32.25 10.59
N ASN F 164 -9.01 -32.70 11.84
CA ASN F 164 -10.34 -32.82 12.39
C ASN F 164 -10.32 -32.48 13.85
N LEU F 165 -10.75 -31.26 14.19
CA LEU F 165 -10.96 -30.89 15.60
C LEU F 165 -12.26 -31.49 16.12
N GLU F 166 -13.21 -31.72 15.23
CA GLU F 166 -14.49 -32.31 15.59
C GLU F 166 -14.30 -33.55 16.45
N GLU F 167 -13.29 -34.35 16.10
CA GLU F 167 -12.91 -35.53 16.88
C GLU F 167 -11.75 -35.21 17.83
N SER F 168 -12.09 -34.78 19.04
CA SER F 168 -11.10 -34.60 20.09
C SER F 168 -11.51 -35.33 21.37
N CYS F 169 -10.50 -35.86 22.08
CA CYS F 169 -10.71 -36.53 23.36
C CYS F 169 -10.20 -35.65 24.49
N THR F 170 -11.08 -35.37 25.44
CA THR F 170 -10.73 -34.59 26.62
C THR F 170 -10.76 -35.45 27.88
N ARG F 171 -9.69 -35.32 28.67
CA ARG F 171 -9.62 -35.93 30.00
C ARG F 171 -9.24 -34.86 31.01
N PHE F 172 -9.82 -34.98 32.20
CA PHE F 172 -9.56 -34.06 33.31
C PHE F 172 -8.64 -34.69 34.36
N TYR F 173 -7.99 -33.84 35.15
CA TYR F 173 -7.16 -34.30 36.25
C TYR F 173 -7.27 -33.36 37.45
N HIS F 174 -7.14 -33.95 38.63
CA HIS F 174 -7.19 -33.25 39.93
C HIS F 174 -6.52 -34.14 41.00
N PRO F 175 -5.81 -33.52 41.99
CA PRO F 175 -5.12 -34.31 43.02
C PRO F 175 -6.02 -35.12 43.96
N GLU F 176 -7.29 -34.75 44.04
CA GLU F 176 -8.27 -35.50 44.81
C GLU F 176 -9.23 -36.25 43.87
N LYS F 177 -10.10 -35.49 43.20
CA LYS F 177 -11.19 -36.01 42.36
C LYS F 177 -10.78 -37.17 41.44
N GLU F 178 -11.69 -38.15 41.32
CA GLU F 178 -11.48 -39.30 40.44
C GLU F 178 -11.87 -38.93 39.01
N ASP F 179 -10.88 -39.00 38.11
CA ASP F 179 -11.02 -38.60 36.71
C ASP F 179 -11.21 -37.10 36.57
N GLY F 180 -10.82 -36.34 37.59
CA GLY F 180 -10.96 -34.88 37.60
C GLY F 180 -12.38 -34.35 37.41
N LYS F 181 -13.37 -35.14 37.82
CA LYS F 181 -14.78 -34.79 37.65
C LYS F 181 -15.34 -34.01 38.83
N LEU F 182 -16.12 -32.98 38.55
CA LEU F 182 -16.81 -32.25 39.60
C LEU F 182 -17.83 -33.15 40.29
N ASN F 183 -17.93 -33.00 41.61
CA ASN F 183 -18.84 -33.81 42.43
C ASN F 183 -20.30 -33.51 42.10
N LYS F 184 -21.04 -34.55 41.74
CA LYS F 184 -22.45 -34.41 41.44
C LYS F 184 -23.26 -35.64 41.87
N LEU F 185 -24.54 -35.43 42.10
CA LEU F 185 -25.44 -36.51 42.45
C LEU F 185 -26.47 -36.72 41.37
N CYS F 186 -26.45 -37.90 40.77
CA CYS F 186 -27.28 -38.19 39.61
C CYS F 186 -28.24 -39.35 39.84
N ARG F 187 -29.55 -39.05 39.84
CA ARG F 187 -30.58 -40.09 39.85
C ARG F 187 -31.20 -40.11 38.47
N ASP F 188 -31.03 -41.23 37.77
CA ASP F 188 -31.46 -41.36 36.39
C ASP F 188 -30.78 -40.29 35.53
N GLU F 189 -31.58 -39.35 35.03
CA GLU F 189 -31.10 -38.31 34.09
C GLU F 189 -30.86 -36.94 34.76
N LEU F 190 -31.24 -36.82 36.02
CA LEU F 190 -31.14 -35.56 36.75
C LEU F 190 -29.94 -35.55 37.69
N CYS F 191 -29.14 -34.50 37.59
CA CYS F 191 -28.00 -34.31 38.47
C CYS F 191 -28.12 -32.97 39.18
N ARG F 192 -27.66 -32.95 40.43
CA ARG F 192 -27.52 -31.72 41.19
C ARG F 192 -26.05 -31.56 41.54
N CYS F 193 -25.56 -30.34 41.55
CA CYS F 193 -24.16 -30.08 41.84
C CYS F 193 -23.88 -30.33 43.32
N ALA F 194 -22.69 -30.84 43.59
CA ALA F 194 -22.24 -31.14 44.94
C ALA F 194 -20.82 -30.64 45.18
N GLU F 195 -20.44 -29.58 44.45
CA GLU F 195 -19.14 -28.93 44.58
C GLU F 195 -19.24 -27.64 45.38
N GLU F 196 -19.12 -27.79 46.70
CA GLU F 196 -19.28 -26.69 47.65
C GLU F 196 -18.35 -26.94 48.84
N ASN F 197 -18.47 -26.11 49.87
CA ASN F 197 -17.82 -26.38 51.16
C ASN F 197 -18.32 -27.70 51.75
N CYS F 198 -17.48 -28.32 52.58
CA CYS F 198 -17.78 -29.62 53.19
C CYS F 198 -18.81 -29.55 54.30
N PHE F 199 -18.79 -28.44 55.05
CA PHE F 199 -19.73 -28.17 56.14
C PHE F 199 -19.66 -26.68 56.43
N ILE F 200 -20.54 -26.17 57.30
CA ILE F 200 -20.54 -24.74 57.67
C ILE F 200 -19.15 -24.38 58.25
N GLN F 201 -18.33 -23.80 57.38
CA GLN F 201 -16.87 -23.67 57.52
C GLN F 201 -16.30 -23.88 58.92
N LYS F 202 -16.56 -22.93 59.82
CA LYS F 202 -16.03 -22.97 61.18
C LYS F 202 -16.78 -21.96 62.06
N SER F 203 -16.29 -20.73 62.08
CA SER F 203 -16.82 -19.59 62.86
C SER F 203 -15.68 -18.66 63.24
N ASP F 204 -14.78 -19.15 64.10
CA ASP F 204 -13.53 -18.48 64.51
C ASP F 204 -13.65 -16.97 64.74
N VAL F 207 -16.54 -19.90 68.39
CA VAL F 207 -17.59 -20.91 68.47
C VAL F 207 -18.41 -20.78 69.75
N THR F 208 -19.01 -19.61 69.95
CA THR F 208 -19.78 -19.33 71.16
C THR F 208 -21.17 -19.99 71.12
N LEU F 209 -21.83 -20.00 72.28
CA LEU F 209 -23.18 -20.54 72.44
C LEU F 209 -24.19 -19.77 71.59
N GLU F 210 -24.17 -18.44 71.73
CA GLU F 210 -25.09 -17.54 71.02
C GLU F 210 -24.90 -17.56 69.49
N GLU F 211 -23.75 -18.04 69.03
CA GLU F 211 -23.49 -18.28 67.60
C GLU F 211 -24.29 -19.49 67.11
N ARG F 212 -24.37 -20.51 67.97
CA ARG F 212 -25.03 -21.77 67.64
C ARG F 212 -26.56 -21.71 67.69
N LEU F 213 -27.09 -20.94 68.64
CA LEU F 213 -28.53 -20.82 68.83
C LEU F 213 -29.26 -20.12 67.69
N ASP F 214 -28.74 -18.96 67.26
CA ASP F 214 -29.38 -18.23 66.18
C ASP F 214 -29.09 -18.81 64.81
N LYS F 215 -28.09 -19.69 64.73
CA LYS F 215 -27.74 -20.37 63.49
C LYS F 215 -28.46 -21.70 63.28
N ALA F 216 -28.83 -22.36 64.39
CA ALA F 216 -29.66 -23.55 64.33
C ALA F 216 -31.15 -23.19 64.38
N CYS F 217 -31.44 -21.89 64.51
CA CYS F 217 -32.81 -21.40 64.59
C CYS F 217 -33.27 -20.61 63.35
N GLU F 218 -32.40 -20.54 62.36
CA GLU F 218 -32.75 -19.98 61.06
C GLU F 218 -33.86 -20.83 60.45
N PRO F 219 -34.80 -20.19 59.72
CA PRO F 219 -35.95 -20.84 59.10
C PRO F 219 -35.64 -22.12 58.33
N GLY F 220 -34.55 -22.09 57.55
CA GLY F 220 -34.19 -23.20 56.68
C GLY F 220 -33.79 -24.49 57.39
N VAL F 221 -33.33 -24.35 58.64
CA VAL F 221 -32.91 -25.50 59.44
C VAL F 221 -34.11 -26.40 59.72
N ASP F 222 -34.03 -27.60 59.16
CA ASP F 222 -35.13 -28.56 59.25
C ASP F 222 -34.96 -29.47 60.45
N TYR F 223 -33.71 -29.82 60.75
CA TYR F 223 -33.39 -30.80 61.79
C TYR F 223 -32.14 -30.39 62.55
N VAL F 224 -32.13 -30.69 63.86
CA VAL F 224 -30.94 -30.63 64.71
C VAL F 224 -30.88 -31.96 65.46
N TYR F 225 -29.75 -32.66 65.37
CA TYR F 225 -29.59 -33.97 66.02
C TYR F 225 -28.33 -34.07 66.91
N LYS F 226 -28.42 -34.94 67.91
CA LYS F 226 -27.21 -35.55 68.45
C LYS F 226 -27.14 -36.92 67.76
N THR F 227 -25.97 -37.25 67.24
CA THR F 227 -25.80 -38.48 66.49
C THR F 227 -24.59 -39.27 66.97
N ARG F 228 -24.64 -40.58 66.74
CA ARG F 228 -23.51 -41.45 67.01
C ARG F 228 -23.13 -42.16 65.72
N LEU F 229 -21.87 -42.03 65.33
CA LEU F 229 -21.37 -42.66 64.12
C LEU F 229 -21.21 -44.17 64.30
N VAL F 230 -22.06 -44.92 63.60
CA VAL F 230 -22.12 -46.38 63.73
C VAL F 230 -21.22 -47.07 62.71
N LYS F 231 -21.38 -46.72 61.43
CA LYS F 231 -20.58 -47.32 60.36
C LYS F 231 -20.11 -46.31 59.32
N VAL F 232 -18.80 -46.29 59.08
CA VAL F 232 -18.22 -45.49 58.02
C VAL F 232 -18.02 -46.38 56.78
N GLN F 233 -18.61 -45.96 55.67
CA GLN F 233 -18.52 -46.68 54.38
C GLN F 233 -17.78 -45.85 53.34
N LEU F 234 -16.48 -46.10 53.20
CA LEU F 234 -15.63 -45.36 52.27
C LEU F 234 -15.76 -45.90 50.84
N SER F 235 -15.82 -45.00 49.86
CA SER F 235 -15.94 -45.40 48.44
C SER F 235 -15.15 -44.50 47.48
N ASN F 236 -15.43 -44.64 46.18
CA ASN F 236 -14.74 -43.90 45.11
C ASN F 236 -14.94 -42.39 45.10
N ASP F 237 -16.16 -41.94 45.43
CA ASP F 237 -16.57 -40.56 45.20
C ASP F 237 -17.27 -39.93 46.41
N PHE F 238 -18.22 -40.67 46.97
CA PHE F 238 -18.97 -40.22 48.13
C PHE F 238 -18.89 -41.22 49.27
N ASP F 239 -18.44 -40.71 50.42
CA ASP F 239 -18.37 -41.49 51.66
C ASP F 239 -19.75 -41.55 52.31
N GLU F 240 -20.11 -42.72 52.80
CA GLU F 240 -21.37 -42.90 53.52
C GLU F 240 -21.14 -43.07 55.03
N TYR F 241 -21.86 -42.26 55.81
CA TYR F 241 -21.79 -42.31 57.27
C TYR F 241 -23.17 -42.60 57.83
N ILE F 242 -23.34 -43.82 58.33
CA ILE F 242 -24.62 -44.24 58.93
C ILE F 242 -24.64 -43.87 60.41
N MET F 243 -25.44 -42.85 60.75
CA MET F 243 -25.56 -42.38 62.13
C MET F 243 -26.72 -43.09 62.81
N ALA F 244 -26.62 -43.23 64.13
CA ALA F 244 -27.78 -43.57 64.96
C ALA F 244 -28.31 -42.30 65.61
N ILE F 245 -29.63 -42.21 65.75
CA ILE F 245 -30.23 -41.07 66.43
C ILE F 245 -30.33 -41.30 67.94
N GLU F 246 -29.73 -40.37 68.69
CA GLU F 246 -29.75 -40.44 70.15
C GLU F 246 -30.77 -39.47 70.71
N GLN F 247 -30.88 -38.29 70.09
CA GLN F 247 -31.97 -37.36 70.39
C GLN F 247 -32.29 -36.40 69.24
N THR F 248 -33.58 -36.11 69.09
CA THR F 248 -34.07 -35.21 68.06
C THR F 248 -34.29 -33.81 68.63
N ILE F 249 -33.18 -33.12 68.86
CA ILE F 249 -33.16 -31.76 69.41
C ILE F 249 -34.16 -30.85 68.65
N LYS F 250 -34.24 -31.07 67.34
CA LYS F 250 -35.24 -30.44 66.47
C LYS F 250 -35.63 -31.40 65.34
N SER F 251 -36.94 -31.56 65.11
CA SER F 251 -37.44 -32.44 64.04
C SER F 251 -38.12 -31.67 62.90
N GLY F 252 -38.00 -32.19 61.68
CA GLY F 252 -38.58 -31.54 60.50
C GLY F 252 -39.54 -32.37 59.66
N SER F 253 -39.09 -32.78 58.47
CA SER F 253 -39.92 -33.50 57.52
C SER F 253 -39.70 -35.02 57.54
N ASP F 254 -38.50 -35.42 57.98
CA ASP F 254 -38.19 -36.83 58.22
C ASP F 254 -38.55 -37.20 59.66
N GLU F 255 -39.64 -37.95 59.81
CA GLU F 255 -40.21 -38.30 61.12
C GLU F 255 -39.44 -39.38 61.88
N VAL F 256 -38.11 -39.35 61.76
CA VAL F 256 -37.23 -40.31 62.44
C VAL F 256 -37.41 -40.23 63.96
N GLN F 257 -37.53 -41.40 64.59
CA GLN F 257 -37.75 -41.45 66.03
C GLN F 257 -36.45 -41.74 66.78
N VAL F 258 -36.39 -41.32 68.05
CA VAL F 258 -35.22 -41.51 68.91
C VAL F 258 -34.84 -43.00 69.01
N GLY F 259 -33.85 -43.40 68.21
CA GLY F 259 -33.40 -44.79 68.16
C GLY F 259 -33.52 -45.42 66.78
N GLN F 260 -33.19 -44.64 65.75
CA GLN F 260 -33.20 -45.11 64.36
C GLN F 260 -31.99 -44.57 63.61
N GLN F 261 -31.67 -45.20 62.49
CA GLN F 261 -30.46 -44.87 61.74
C GLN F 261 -30.73 -44.15 60.43
N ARG F 262 -30.06 -43.02 60.23
CA ARG F 262 -30.07 -42.28 58.97
C ARG F 262 -28.67 -42.28 58.34
N THR F 263 -28.63 -42.38 57.01
CA THR F 263 -27.37 -42.38 56.26
C THR F 263 -26.99 -40.95 55.82
N PHE F 264 -25.71 -40.60 55.99
CA PHE F 264 -25.17 -39.29 55.60
C PHE F 264 -24.10 -39.44 54.52
N ILE F 265 -24.09 -38.54 53.53
CA ILE F 265 -23.24 -38.65 52.35
C ILE F 265 -22.35 -37.41 52.17
N SER F 266 -21.07 -37.64 51.92
CA SER F 266 -20.10 -36.56 51.72
C SER F 266 -19.08 -36.88 50.61
N PRO F 267 -18.68 -35.85 49.82
CA PRO F 267 -17.60 -36.04 48.83
C PRO F 267 -16.29 -36.48 49.46
N ILE F 268 -15.46 -37.18 48.70
CA ILE F 268 -14.22 -37.80 49.19
C ILE F 268 -13.15 -36.79 49.66
N LYS F 269 -13.18 -35.58 49.11
CA LYS F 269 -12.23 -34.53 49.49
C LYS F 269 -12.46 -34.06 50.93
N CYS F 270 -13.66 -34.32 51.44
CA CYS F 270 -14.10 -33.88 52.75
C CYS F 270 -13.72 -34.85 53.86
N ARG F 271 -13.24 -36.02 53.49
CA ARG F 271 -12.98 -37.11 54.45
C ARG F 271 -12.17 -36.66 55.66
N GLU F 272 -11.02 -36.03 55.41
CA GLU F 272 -10.15 -35.60 56.49
C GLU F 272 -10.46 -34.20 57.03
N ALA F 273 -11.29 -33.45 56.31
CA ALA F 273 -11.81 -32.19 56.83
C ALA F 273 -12.89 -32.49 57.86
N LEU F 274 -13.70 -33.51 57.59
CA LEU F 274 -14.68 -34.01 58.54
C LEU F 274 -14.02 -34.86 59.63
N LYS F 275 -13.04 -35.66 59.22
CA LYS F 275 -12.40 -36.69 60.07
C LYS F 275 -13.33 -37.35 61.08
N LEU F 276 -14.37 -38.00 60.56
CA LEU F 276 -15.32 -38.72 61.40
C LEU F 276 -14.80 -40.13 61.71
N GLU F 277 -14.98 -40.55 62.96
CA GLU F 277 -14.59 -41.89 63.39
C GLU F 277 -15.80 -42.61 63.99
N GLU F 278 -15.86 -43.93 63.75
CA GLU F 278 -16.90 -44.78 64.32
C GLU F 278 -16.89 -44.74 65.84
N LYS F 279 -18.07 -44.87 66.44
CA LYS F 279 -18.27 -44.81 67.91
C LYS F 279 -18.40 -43.39 68.47
N LYS F 280 -17.91 -42.39 67.71
CA LYS F 280 -17.94 -41.00 68.15
C LYS F 280 -19.34 -40.39 68.05
N HIS F 281 -19.53 -39.28 68.78
CA HIS F 281 -20.83 -38.60 68.81
C HIS F 281 -20.71 -37.22 68.19
N TYR F 282 -21.80 -36.77 67.56
CA TYR F 282 -21.79 -35.53 66.78
C TYR F 282 -23.06 -34.72 66.93
N LEU F 283 -22.92 -33.40 66.97
CA LEU F 283 -24.04 -32.48 66.79
C LEU F 283 -24.14 -32.14 65.31
N MET F 284 -25.30 -32.39 64.72
CA MET F 284 -25.51 -32.10 63.30
C MET F 284 -26.80 -31.33 63.06
N TRP F 285 -26.75 -30.32 62.20
CA TRP F 285 -27.97 -29.64 61.75
C TRP F 285 -27.84 -29.18 60.30
N GLY F 286 -28.99 -29.06 59.63
CA GLY F 286 -29.02 -28.77 58.20
C GLY F 286 -30.40 -28.58 57.61
N LEU F 287 -30.43 -28.42 56.28
CA LEU F 287 -31.64 -28.06 55.54
C LEU F 287 -32.42 -29.25 54.98
N SER F 288 -33.67 -29.00 54.63
CA SER F 288 -34.54 -29.96 53.96
C SER F 288 -34.23 -30.12 52.46
N SER F 289 -33.47 -29.18 51.91
CA SER F 289 -33.03 -29.27 50.53
C SER F 289 -31.80 -30.18 50.38
N ASP F 290 -31.37 -30.78 51.50
CA ASP F 290 -30.21 -31.69 51.48
C ASP F 290 -30.56 -33.19 51.58
N PHE F 291 -31.86 -33.50 51.50
CA PHE F 291 -32.31 -34.89 51.45
C PHE F 291 -32.04 -35.50 50.07
N TRP F 292 -31.43 -36.69 50.07
CA TRP F 292 -31.13 -37.40 48.83
C TRP F 292 -31.83 -38.76 48.76
N GLY F 293 -32.77 -38.86 47.82
CA GLY F 293 -33.55 -40.08 47.63
C GLY F 293 -35.02 -39.85 47.91
N GLU F 294 -35.83 -40.86 47.59
CA GLU F 294 -37.28 -40.82 47.80
C GLU F 294 -37.63 -41.02 49.27
N LYS F 295 -38.86 -40.70 49.64
CA LYS F 295 -39.28 -40.70 51.05
C LYS F 295 -39.42 -42.06 51.78
N PRO F 296 -39.54 -43.18 51.04
CA PRO F 296 -39.27 -44.47 51.72
C PRO F 296 -37.80 -44.63 52.15
N ASN F 297 -36.87 -44.43 51.22
CA ASN F 297 -35.43 -44.61 51.50
C ASN F 297 -34.60 -43.33 51.30
N LEU F 298 -34.59 -42.48 52.33
CA LEU F 298 -33.89 -41.19 52.29
C LEU F 298 -32.40 -41.29 52.62
N SER F 299 -31.67 -40.23 52.30
CA SER F 299 -30.29 -40.02 52.74
C SER F 299 -30.00 -38.54 52.88
N TYR F 300 -29.00 -38.20 53.69
CA TYR F 300 -28.67 -36.82 53.99
C TYR F 300 -27.36 -36.44 53.33
N ILE F 301 -27.36 -35.34 52.58
CA ILE F 301 -26.12 -34.80 52.06
C ILE F 301 -25.51 -33.88 53.11
N ILE F 302 -24.26 -34.11 53.46
CA ILE F 302 -23.49 -33.14 54.22
C ILE F 302 -22.91 -32.16 53.22
N GLY F 303 -23.35 -30.91 53.29
CA GLY F 303 -22.85 -29.87 52.40
C GLY F 303 -22.63 -28.55 53.10
N LYS F 304 -22.63 -27.47 52.33
CA LYS F 304 -22.34 -26.12 52.82
C LYS F 304 -23.32 -25.57 53.84
N ASP F 305 -24.47 -26.24 53.99
CA ASP F 305 -25.53 -25.79 54.91
C ASP F 305 -25.73 -26.78 56.06
N THR F 306 -24.80 -27.72 56.17
CA THR F 306 -24.82 -28.75 57.19
C THR F 306 -23.77 -28.44 58.24
N TRP F 307 -24.21 -28.34 59.49
CA TRP F 307 -23.32 -28.16 60.63
C TRP F 307 -22.92 -29.53 61.17
N VAL F 308 -21.62 -29.74 61.31
CA VAL F 308 -21.11 -30.97 61.93
C VAL F 308 -20.12 -30.57 63.02
N GLU F 309 -20.38 -31.05 64.23
CA GLU F 309 -19.54 -30.77 65.38
C GLU F 309 -19.32 -32.01 66.24
N HIS F 310 -18.06 -32.26 66.60
CA HIS F 310 -17.70 -33.35 67.51
C HIS F 310 -18.33 -33.16 68.89
N TRP F 311 -19.02 -34.19 69.36
CA TRP F 311 -19.61 -34.20 70.69
C TRP F 311 -18.88 -35.23 71.57
N PRO F 312 -17.98 -34.75 72.46
CA PRO F 312 -17.24 -35.68 73.34
C PRO F 312 -18.14 -36.41 74.33
N GLU F 313 -17.71 -37.62 74.73
CA GLU F 313 -18.43 -38.43 75.73
C GLU F 313 -18.33 -37.80 77.12
N GLU F 314 -19.27 -38.19 78.00
CA GLU F 314 -19.40 -37.65 79.35
C GLU F 314 -18.11 -37.77 80.16
N ASP F 315 -17.38 -38.86 79.96
CA ASP F 315 -16.13 -39.10 80.68
C ASP F 315 -14.93 -38.37 80.04
N GLU F 316 -15.23 -37.40 79.18
CA GLU F 316 -14.19 -36.65 78.46
C GLU F 316 -14.47 -35.14 78.48
N CYS F 317 -15.67 -34.77 78.95
CA CYS F 317 -16.00 -33.37 79.16
C CYS F 317 -15.43 -32.87 80.48
N GLN F 318 -15.01 -33.81 81.33
CA GLN F 318 -14.34 -33.52 82.60
C GLN F 318 -12.91 -33.01 82.35
N ASP F 319 -12.30 -33.53 81.30
CA ASP F 319 -10.96 -33.12 80.84
C ASP F 319 -10.92 -31.63 80.51
N GLU F 320 -9.89 -30.93 80.99
CA GLU F 320 -9.76 -29.47 80.87
C GLU F 320 -9.64 -28.94 79.42
N GLU F 321 -9.13 -29.79 78.52
CA GLU F 321 -9.02 -29.42 77.10
C GLU F 321 -10.40 -29.38 76.43
N ASN F 322 -11.29 -30.27 76.89
CA ASN F 322 -12.68 -30.27 76.43
C ASN F 322 -13.64 -29.64 77.43
N GLN F 323 -13.23 -28.50 77.98
CA GLN F 323 -14.12 -27.63 78.76
C GLN F 323 -14.89 -26.74 77.80
N LYS F 324 -15.67 -25.80 78.34
CA LYS F 324 -16.47 -24.85 77.55
C LYS F 324 -17.42 -25.55 76.58
N GLN F 325 -16.85 -26.23 75.57
CA GLN F 325 -17.62 -26.83 74.47
C GLN F 325 -18.76 -27.73 74.96
N CYS F 326 -18.47 -28.60 75.94
CA CYS F 326 -19.50 -29.51 76.47
C CYS F 326 -20.56 -28.78 77.28
N GLN F 327 -20.14 -27.76 78.01
CA GLN F 327 -21.06 -26.90 78.75
C GLN F 327 -21.89 -26.05 77.78
N ASP F 328 -21.27 -25.68 76.66
CA ASP F 328 -21.96 -25.00 75.57
C ASP F 328 -22.91 -25.95 74.82
N LEU F 329 -22.43 -27.16 74.53
CA LEU F 329 -23.27 -28.21 73.93
C LEU F 329 -24.44 -28.63 74.82
N GLY F 330 -24.21 -28.66 76.13
CA GLY F 330 -25.27 -28.95 77.10
C GLY F 330 -26.31 -27.85 77.18
N ALA F 331 -25.86 -26.61 77.34
CA ALA F 331 -26.75 -25.45 77.37
C ALA F 331 -27.51 -25.27 76.06
N PHE F 332 -26.80 -25.43 74.94
CA PHE F 332 -27.39 -25.38 73.60
C PHE F 332 -28.59 -26.32 73.52
N THR F 333 -28.40 -27.57 73.95
CA THR F 333 -29.43 -28.59 73.91
C THR F 333 -30.62 -28.28 74.82
N GLU F 334 -30.32 -27.77 76.02
CA GLU F 334 -31.34 -27.29 76.96
C GLU F 334 -32.25 -26.23 76.35
N SER F 335 -31.66 -25.16 75.80
CA SER F 335 -32.42 -24.09 75.17
C SER F 335 -33.32 -24.57 74.00
N MET F 336 -32.79 -25.46 73.16
CA MET F 336 -33.53 -25.97 72.01
C MET F 336 -34.68 -26.88 72.39
N VAL F 337 -34.45 -27.74 73.39
CA VAL F 337 -35.45 -28.72 73.83
C VAL F 337 -36.57 -28.04 74.63
N VAL F 338 -36.26 -26.91 75.27
CA VAL F 338 -37.19 -26.24 76.19
C VAL F 338 -37.81 -24.98 75.58
N PHE F 339 -36.97 -24.05 75.15
CA PHE F 339 -37.43 -22.78 74.61
C PHE F 339 -37.80 -22.86 73.13
N GLY F 340 -37.12 -23.76 72.42
CA GLY F 340 -37.23 -23.85 70.96
C GLY F 340 -36.60 -22.63 70.30
N CYS F 341 -37.14 -22.25 69.14
CA CYS F 341 -36.65 -21.08 68.39
C CYS F 341 -37.57 -19.89 68.55
N PRO F 342 -37.05 -18.65 68.31
CA PRO F 342 -37.79 -17.39 68.37
C PRO F 342 -39.29 -17.50 68.07
C ACE G 1 -24.07 29.21 -25.11
O ACE G 1 -23.48 29.84 -24.22
CH3 ACE G 1 -23.32 28.29 -26.04
N ILE G 2 -25.39 29.32 -25.30
CA ILE G 2 -26.15 28.60 -26.31
C ILE G 2 -26.67 29.50 -27.44
N CYS G 3 -26.58 30.82 -27.28
CA CYS G 3 -27.23 31.76 -28.20
C CYS G 3 -26.55 33.13 -28.34
N VAL G 4 -26.87 33.80 -29.46
CA VAL G 4 -26.39 35.15 -29.76
C VAL G 4 -27.59 36.09 -29.96
N TRP G 5 -27.59 37.20 -29.22
CA TRP G 5 -28.66 38.19 -29.31
C TRP G 5 -28.64 38.90 -30.65
N GLN G 6 -29.53 38.44 -31.54
CA GLN G 6 -29.69 39.00 -32.89
C GLN G 6 -30.98 38.46 -33.52
N ASP G 7 -31.33 38.98 -34.69
CA ASP G 7 -32.59 38.60 -35.34
C ASP G 7 -32.39 37.86 -36.67
N TRP G 8 -31.33 37.06 -36.73
CA TRP G 8 -31.05 36.16 -37.84
C TRP G 8 -30.19 35.01 -37.34
N GLY G 9 -30.08 33.95 -38.13
CA GLY G 9 -29.20 32.82 -37.81
C GLY G 9 -29.80 31.74 -36.93
N ALA G 10 -29.25 30.53 -37.03
CA ALA G 10 -29.77 29.34 -36.34
C ALA G 10 -29.73 29.44 -34.82
N HIS G 11 -28.77 30.20 -34.29
CA HIS G 11 -28.59 30.37 -32.86
C HIS G 11 -28.98 31.78 -32.39
N ARG G 12 -30.25 32.13 -32.58
CA ARG G 12 -30.84 33.32 -31.99
C ARG G 12 -31.15 33.02 -30.53
N CYS G 13 -31.20 34.05 -29.70
CA CYS G 13 -31.62 33.90 -28.31
C CYS G 13 -33.14 33.83 -28.19
N THR G 14 -33.61 32.92 -27.33
CA THR G 14 -35.04 32.58 -27.13
C THR G 14 -35.78 32.15 -28.40
N NH2 G 15 -37.03 31.65 -28.21
C ACE H 1 -1.32 1.31 -43.49
O ACE H 1 -0.36 0.59 -43.76
CH3 ACE H 1 -1.41 2.68 -44.12
N ILE H 2 -2.28 0.90 -42.64
CA ILE H 2 -3.50 1.61 -42.18
C ILE H 2 -4.44 2.11 -43.31
N CYS H 3 -4.96 1.21 -44.14
CA CYS H 3 -5.43 1.61 -45.47
C CYS H 3 -6.44 0.72 -46.21
N VAL H 4 -6.99 1.26 -47.31
CA VAL H 4 -7.96 0.56 -48.17
C VAL H 4 -7.38 0.35 -49.58
N TRP H 5 -7.45 -0.88 -50.09
CA TRP H 5 -6.98 -1.14 -51.44
C TRP H 5 -8.05 -0.73 -52.44
N GLN H 6 -7.92 0.51 -52.93
CA GLN H 6 -8.75 1.07 -53.99
C GLN H 6 -8.07 2.30 -54.59
N ASP H 7 -8.42 2.61 -55.83
CA ASP H 7 -7.68 3.61 -56.63
C ASP H 7 -8.25 5.05 -56.54
N TRP H 8 -8.71 5.42 -55.35
CA TRP H 8 -9.21 6.74 -54.99
C TRP H 8 -9.13 6.81 -53.45
N GLY H 9 -9.23 8.02 -52.89
CA GLY H 9 -9.31 8.24 -51.45
C GLY H 9 -8.01 8.62 -50.79
N ALA H 10 -8.11 9.33 -49.66
CA ALA H 10 -6.94 9.82 -48.94
C ALA H 10 -6.19 8.72 -48.20
N HIS H 11 -6.89 7.63 -47.87
CA HIS H 11 -6.32 6.49 -47.15
C HIS H 11 -6.14 5.29 -48.08
N ARG H 12 -5.87 5.58 -49.34
CA ARG H 12 -5.49 4.60 -50.33
C ARG H 12 -4.19 3.89 -49.89
N CYS H 13 -4.16 2.56 -50.01
CA CYS H 13 -2.97 1.77 -49.66
C CYS H 13 -1.79 2.06 -50.59
N THR H 14 -0.60 1.85 -50.04
CA THR H 14 0.72 2.23 -50.61
C THR H 14 0.82 3.68 -51.05
N NH2 H 15 -0.23 4.17 -51.72
C1 NAG I . 2.70 29.33 -46.51
C2 NAG I . 2.15 28.45 -45.37
C3 NAG I . 2.67 27.01 -45.45
C4 NAG I . 2.50 26.47 -46.87
C5 NAG I . 3.24 27.42 -47.83
C6 NAG I . 3.27 26.93 -49.28
C7 NAG I . 1.59 29.15 -43.09
C8 NAG I . 2.09 29.82 -41.85
N2 NAG I . 2.48 29.01 -44.08
O3 NAG I . 1.96 26.22 -44.52
O4 NAG I . 2.94 25.12 -46.97
O5 NAG I . 2.59 28.67 -47.76
O6 NAG I . 2.53 27.79 -50.11
O7 NAG I . 0.43 28.75 -43.16
C1 NAG I . 1.79 24.26 -47.13
C2 NAG I . 2.04 23.22 -48.24
C3 NAG I . 2.33 21.78 -47.77
C4 NAG I . 2.24 21.60 -46.26
C5 NAG I . 1.04 22.39 -45.75
C6 NAG I . 0.70 22.09 -44.29
C7 NAG I . 1.08 23.12 -50.50
C8 NAG I . 0.57 21.87 -51.16
N2 NAG I . 0.91 23.21 -49.18
O3 NAG I . 3.61 21.40 -48.23
O4 NAG I . 2.12 20.22 -45.96
O5 NAG I . 1.30 23.77 -45.88
O6 NAG I . -0.58 22.61 -43.97
O7 NAG I . 1.61 23.99 -51.18
C1 NAG J . -37.00 8.51 -31.93
C2 NAG J . -35.56 8.55 -31.41
C3 NAG J . -35.45 9.50 -30.21
C4 NAG J . -36.13 10.86 -30.44
C5 NAG J . -37.50 10.66 -31.10
C6 NAG J . -38.21 11.97 -31.46
C7 NAG J . -34.04 6.61 -31.54
C8 NAG J . -33.88 5.16 -31.23
N2 NAG J . -35.12 7.23 -31.03
O3 NAG J . -34.10 9.68 -29.84
O4 NAG J . -36.30 11.46 -29.18
O5 NAG J . -37.36 9.84 -32.24
O6 NAG J . -37.80 12.46 -32.73
O7 NAG J . -33.20 7.18 -32.24
C1 NAG J . -35.69 12.78 -29.07
C2 NAG J . -36.00 13.33 -27.68
C3 NAG J . -35.10 14.49 -27.22
C4 NAG J . -33.97 14.93 -28.17
C5 NAG J . -33.77 14.07 -29.42
C6 NAG J . -32.28 13.96 -29.77
C7 NAG J . -38.29 12.91 -26.99
C8 NAG J . -39.19 13.55 -25.97
N2 NAG J . -37.41 13.70 -27.60
O3 NAG J . -34.55 14.17 -25.95
O4 NAG J . -34.21 16.27 -28.53
O5 NAG J . -34.31 12.77 -29.26
O6 NAG J . -31.73 12.75 -29.30
O7 NAG J . -38.39 11.70 -27.24
K K K . 0.73 21.77 -22.04
BR BR L . 6.30 16.19 -20.45
BR BR M . 25.36 18.39 -35.25
BR BR N . 34.68 29.08 -2.75
BR BR O . 3.71 32.38 -28.86
BR BR P . 1.62 14.42 -34.69
BR BR Q . 9.04 14.20 2.67
BR BR R . -30.18 41.71 -36.35
BR BR S . -17.44 44.50 -47.69
C1 GOL T . 18.36 25.25 -16.71
O1 GOL T . 17.78 23.99 -17.03
C2 GOL T . 17.73 26.46 -17.43
O2 GOL T . 16.94 26.08 -18.53
C3 GOL T . 16.94 27.37 -16.48
O3 GOL T . 16.46 28.55 -17.10
C1 GOL U . -13.24 46.54 -32.66
O1 GOL U . -12.51 47.75 -32.79
C2 GOL U . -13.78 46.06 -34.00
O2 GOL U . -12.97 44.97 -34.38
C3 GOL U . -15.21 45.54 -33.89
O3 GOL U . -16.09 46.23 -34.74
C1 GOL V . 19.95 19.00 -12.92
O1 GOL V . 20.85 17.98 -13.25
C2 GOL V . 20.68 20.31 -12.71
O2 GOL V . 19.81 21.32 -13.19
C3 GOL V . 21.05 20.60 -11.24
O3 GOL V . 20.95 19.46 -10.39
C1 GOL W . -27.84 45.94 -29.78
O1 GOL W . -26.49 45.99 -30.20
C2 GOL W . -28.53 47.24 -30.16
O2 GOL W . -29.70 46.95 -30.89
C3 GOL W . -28.89 48.00 -28.88
O3 GOL W . -29.20 49.34 -29.18
C1 GOL X . 5.36 10.80 -27.08
O1 GOL X . 4.08 11.00 -26.52
C2 GOL X . 5.25 10.89 -28.60
O2 GOL X . 5.73 12.15 -29.01
C3 GOL X . 6.05 9.77 -29.26
O3 GOL X . 5.67 9.60 -30.61
BR BR Y . 16.47 -7.53 -26.73
BR BR Z . 33.96 3.39 -9.37
BR BR AA . 29.55 0.21 -17.36
C1 GOL BA . 32.91 -8.39 -4.67
O1 GOL BA . 34.20 -8.61 -4.16
C2 GOL BA . 32.95 -7.07 -5.44
O2 GOL BA . 34.27 -6.76 -5.81
C3 GOL BA . 32.05 -7.15 -6.66
O3 GOL BA . 31.19 -6.04 -6.60
K K CA . 10.45 6.38 31.35
BR BR DA . 21.31 13.84 38.70
C1 GOL EA . 74.32 -2.23 38.78
O1 GOL EA . 73.54 -1.48 39.70
C2 GOL EA . 75.61 -1.48 38.45
O2 GOL EA . 75.32 -0.12 38.19
C3 GOL EA . 76.27 -2.09 37.22
O3 GOL EA . 77.47 -2.73 37.57
K K FA . -18.74 -3.21 -19.09
K K GA . -31.03 -8.02 -23.01
BR BR HA . -28.75 -6.38 -26.96
BR BR IA . -35.48 -30.37 6.42
BR BR JA . -20.38 -11.48 -28.48
BR BR KA . -19.96 -2.44 -11.29
BR BR LA . -27.80 5.26 -55.63
BR BR MA . -23.90 10.36 -18.49
BR BR NA . 8.18 -24.60 3.84
BR BR OA . -28.43 12.22 -44.05
BR BR PA . -11.14 1.85 -57.57
BR BR QA . 7.71 -6.87 -22.05
BR BR RA . -42.95 1.81 -7.42
BR BR SA . -50.18 5.94 -8.51
BR BR TA . -34.71 8.07 -35.67
BR BR UA . -36.73 -20.56 -28.79
BR BR VA . -22.93 6.53 22.81
C1 GOL WA . -47.55 -10.60 -12.68
O1 GOL WA . -47.94 -9.30 -12.30
C2 GOL WA . -46.05 -10.68 -12.99
O2 GOL WA . -45.57 -11.99 -12.80
C3 GOL WA . -45.73 -10.28 -14.42
O3 GOL WA . -44.80 -11.15 -15.02
C1 GOL XA . -21.51 4.48 -10.00
O1 GOL XA . -21.49 4.11 -8.64
C2 GOL XA . -21.89 5.95 -10.17
O2 GOL XA . -20.96 6.78 -9.49
C3 GOL XA . -21.93 6.29 -11.64
O3 GOL XA . -23.23 6.64 -12.05
C1 GOL YA . -1.20 -5.71 15.09
O1 GOL YA . -1.35 -6.02 16.45
C2 GOL YA . -1.54 -4.24 14.79
O2 GOL YA . -2.60 -4.22 13.86
C3 GOL YA . -0.32 -3.54 14.20
O3 GOL YA . -0.60 -2.17 13.92
C1 GOL ZA . 6.03 -18.36 -15.83
O1 GOL ZA . 6.86 -18.38 -16.97
C2 GOL ZA . 6.46 -17.33 -14.78
O2 GOL ZA . 7.36 -17.88 -13.83
C3 GOL ZA . 6.96 -16.01 -15.37
O3 GOL ZA . 6.06 -14.98 -15.03
C1 GOL AB . -36.66 -3.84 -22.29
O1 GOL AB . -35.26 -3.89 -22.38
C2 GOL AB . -37.12 -3.97 -20.83
O2 GOL AB . -37.56 -2.70 -20.40
C3 GOL AB . -38.28 -4.97 -20.71
O3 GOL AB . -38.08 -5.94 -19.70
C1 GOL BB . -23.51 -11.10 -26.42
O1 GOL BB . -23.20 -10.60 -25.14
C2 GOL BB . -23.90 -12.58 -26.33
O2 GOL BB . -23.11 -13.29 -27.26
C3 GOL BB . -25.36 -12.79 -26.70
O3 GOL BB . -26.18 -13.12 -25.60
C1 GOL CB . -11.45 -20.70 -5.29
O1 GOL CB . -10.75 -21.20 -6.41
C2 GOL CB . -10.66 -20.90 -3.99
O2 GOL CB . -9.83 -19.79 -3.74
C3 GOL CB . -11.59 -21.16 -2.81
O3 GOL CB . -11.67 -22.54 -2.50
BR BR DB . -19.86 -23.06 49.33
BR BR EB . -29.20 -8.19 19.43
BR BR FB . -30.10 0.57 15.29
C1 GOL GB . -20.15 0.21 -8.43
O1 GOL GB . -20.45 1.51 -8.87
C2 GOL GB . -20.86 -0.10 -7.10
O2 GOL GB . -20.44 -1.36 -6.62
C3 GOL GB . -20.57 0.98 -6.07
O3 GOL GB . -21.42 2.08 -6.29
C1 GOL HB . -21.21 -5.40 -2.35
O1 GOL HB . -21.37 -6.81 -2.33
C2 GOL HB . -20.43 -4.85 -3.55
O2 GOL HB . -19.22 -5.57 -3.72
C3 GOL HB . -21.25 -4.96 -4.83
O3 GOL HB . -21.03 -3.90 -5.73
K K IB . 11.56 -30.76 18.42
BR BR JB . -2.61 -18.72 29.16
BR BR KB . 9.55 -37.15 21.23
C1 GOL LB . -11.33 -39.34 20.31
O1 GOL LB . -9.96 -39.03 20.39
C2 GOL LB . -12.06 -38.22 19.60
O2 GOL LB . -11.08 -37.46 18.95
C3 GOL LB . -13.03 -38.84 18.60
O3 GOL LB . -14.36 -38.46 18.90
C1 GOL MB . -4.78 -5.95 -55.03
O1 GOL MB . -4.41 -7.12 -54.33
C2 GOL MB . -4.54 -4.71 -54.18
O2 GOL MB . -3.43 -4.92 -53.33
C3 GOL MB . -4.28 -3.53 -55.11
O3 GOL MB . -4.98 -2.40 -54.66
#